data_5TA0
#
_entry.id   5TA0
#
_cell.length_a   60.719
_cell.length_b   73.540
_cell.length_c   83.190
_cell.angle_alpha   85.870
_cell.angle_beta   86.200
_cell.angle_gamma   71.870
#
_symmetry.space_group_name_H-M   'P 1'
#
loop_
_entity.id
_entity.type
_entity.pdbx_description
1 polymer 'Glycoside Hydrolase'
2 branched beta-D-galactopyranose-(1-4)-3,6-anhydro-alpha-L-galactopyranose-(1-3)-beta-D-galactopyranose-(1-4)-3,6-anhydro-alpha-L-galactopyranose-(1-3)-beta-D-galactopyranose
3 non-polymer 'SULFATE ION'
4 non-polymer 1,2-ETHANEDIOL
5 non-polymer GLYCEROL
6 non-polymer 'CALCIUM ION'
7 water water
#
_entity_poly.entity_id   1
_entity_poly.type   'polypeptide(L)'
_entity_poly.pdbx_seq_one_letter_code
;MGSSHHHHHHSSGLVPRGSHMASQTHVQLNLNVKHKLGDVTEFNRPKFINFHATINENYWDSANKIADLRDDLIRKYDVY
VGRETGMIKTVLRNVKEDPERPGFADPDDLARLCSQNKKRYVQNTKVHPYEKYSNLILCNQFSPFYPDGTKTLKGWALSQ
KDTEDEPFGTASGEFYGRYIKEYFGEGGESGEPKPGFCEVINEPLWDIYDKPKAPKSSITKLFEFHSTIAAQVKKFNPDM
KVGGYCTAFPDFELQNFGRWNARWKQFIDIAGKDMDFFTIHLYDFPCKDGKQMYRKGSNMEATMDMIEQYSMIKLGEVKP
LMISQYSAQTHDYNRKPWSPYRDWLRLKSTNSMLMQFMERTDNICYAMPFAMLKSEWGYNPKTGLAHTARMLRRENEPES
FTGEYVYSELIKFYQLWKDVKGTRVETNCDNPDIMCDAYVDGKNVYFIINNLDFKPVDLNLSVNGTSKDAKSIEVRHLYL
KGGKDGVPILDVYDAKSLDHFTLETEATCVICYNFDRKVKINETMEEVKYYATDYLKEIAAGKELVFNINNVKKTEYGEA
VIRLGLGRNHGLSLLPELLVNGKKVDIPDNFRGDVQKDRASFFGVIEVPVDYSILKGNNTISLKFPDNGGHVSTVTMQIF
NFSNNIRGI
;
_entity_poly.pdbx_strand_id   A,B
#
# COMPACT_ATOMS: atom_id res chain seq x y z
N GLN A 24 5.99 17.89 -30.14
CA GLN A 24 7.01 17.04 -29.46
C GLN A 24 6.41 16.34 -28.23
N THR A 25 7.02 15.22 -27.86
CA THR A 25 6.63 14.51 -26.66
C THR A 25 7.62 14.90 -25.55
N HIS A 26 7.08 15.24 -24.38
N HIS A 26 7.09 15.26 -24.39
CA HIS A 26 7.90 15.57 -23.22
CA HIS A 26 7.91 15.56 -23.21
C HIS A 26 8.11 14.35 -22.34
C HIS A 26 8.16 14.28 -22.43
N VAL A 27 9.37 14.09 -22.05
N VAL A 27 9.43 13.97 -22.18
CA VAL A 27 9.80 12.90 -21.36
CA VAL A 27 9.80 12.85 -21.33
C VAL A 27 10.61 13.36 -20.15
C VAL A 27 10.60 13.38 -20.14
N GLN A 28 10.15 13.03 -18.94
CA GLN A 28 10.71 13.53 -17.68
C GLN A 28 11.29 12.39 -16.86
N LEU A 29 12.49 12.60 -16.32
CA LEU A 29 13.18 11.67 -15.44
C LEU A 29 13.33 12.37 -14.09
N ASN A 30 12.66 11.87 -13.07
CA ASN A 30 12.79 12.41 -11.71
C ASN A 30 13.70 11.47 -10.92
N LEU A 31 15.02 11.66 -11.06
CA LEU A 31 15.98 10.64 -10.63
C LEU A 31 16.21 10.58 -9.10
N ASN A 32 15.59 11.49 -8.35
CA ASN A 32 15.59 11.43 -6.87
C ASN A 32 14.35 10.77 -6.27
N VAL A 33 13.43 10.31 -7.12
CA VAL A 33 12.14 9.76 -6.69
C VAL A 33 12.09 8.26 -6.96
N LYS A 34 12.23 7.45 -5.94
CA LYS A 34 12.13 6.01 -6.08
C LYS A 34 10.73 5.63 -6.52
N HIS A 35 10.64 4.68 -7.47
CA HIS A 35 9.33 4.10 -7.87
C HIS A 35 9.25 2.70 -7.26
N LYS A 36 8.47 2.57 -6.19
N LYS A 36 8.47 2.58 -6.19
CA LYS A 36 8.26 1.32 -5.48
CA LYS A 36 8.25 1.33 -5.48
C LYS A 36 6.96 0.69 -5.95
C LYS A 36 6.95 0.69 -5.96
N LEU A 37 6.96 -0.63 -6.11
CA LEU A 37 5.77 -1.37 -6.52
C LEU A 37 5.78 -2.65 -5.74
N GLY A 38 4.86 -2.79 -4.78
CA GLY A 38 4.95 -3.87 -3.81
C GLY A 38 6.24 -3.71 -3.02
N ASP A 39 7.01 -4.79 -2.92
CA ASP A 39 8.36 -4.72 -2.33
C ASP A 39 9.46 -4.65 -3.40
N VAL A 40 9.09 -4.35 -4.63
CA VAL A 40 10.10 -4.26 -5.69
C VAL A 40 10.49 -2.82 -5.91
N THR A 41 11.78 -2.56 -5.76
CA THR A 41 12.33 -1.25 -6.02
C THR A 41 13.52 -1.24 -7.01
N GLU A 42 13.92 -2.41 -7.51
N GLU A 42 13.94 -2.43 -7.47
CA GLU A 42 15.12 -2.53 -8.33
CA GLU A 42 15.17 -2.60 -8.27
C GLU A 42 14.87 -3.30 -9.60
C GLU A 42 14.84 -3.27 -9.60
N PHE A 43 15.67 -3.03 -10.62
CA PHE A 43 15.64 -3.82 -11.85
C PHE A 43 16.14 -5.21 -11.51
N ASN A 44 15.48 -6.22 -12.04
CA ASN A 44 15.85 -7.60 -11.79
C ASN A 44 16.44 -8.18 -13.08
N ARG A 45 17.76 -8.14 -13.21
CA ARG A 45 18.38 -8.63 -14.45
C ARG A 45 18.10 -10.10 -14.72
N PRO A 46 18.21 -10.99 -13.73
CA PRO A 46 17.90 -12.39 -14.03
C PRO A 46 16.47 -12.63 -14.53
N LYS A 47 15.51 -11.92 -13.99
N LYS A 47 15.51 -11.91 -13.96
CA LYS A 47 14.12 -12.05 -14.39
CA LYS A 47 14.11 -12.00 -14.36
C LYS A 47 13.84 -11.57 -15.81
C LYS A 47 13.83 -11.56 -15.79
N PHE A 48 14.63 -10.60 -16.30
CA PHE A 48 14.35 -9.90 -17.56
C PHE A 48 15.40 -10.02 -18.65
N ILE A 49 16.67 -10.00 -18.32
CA ILE A 49 17.75 -10.03 -19.33
C ILE A 49 18.28 -11.45 -19.40
N ASN A 50 17.59 -12.26 -20.20
CA ASN A 50 17.82 -13.67 -20.23
C ASN A 50 17.46 -14.20 -21.63
N PHE A 51 17.68 -15.51 -21.85
CA PHE A 51 17.26 -16.15 -23.11
C PHE A 51 17.03 -17.63 -22.89
N HIS A 52 16.46 -18.26 -23.93
CA HIS A 52 15.92 -19.62 -23.83
C HIS A 52 17.04 -20.61 -24.14
N ALA A 53 17.93 -20.83 -23.17
CA ALA A 53 19.13 -21.63 -23.31
C ALA A 53 19.48 -22.24 -21.96
N THR A 54 20.51 -23.06 -21.95
CA THR A 54 21.07 -23.56 -20.71
C THR A 54 22.58 -23.37 -20.78
N ILE A 55 23.23 -23.38 -19.63
CA ILE A 55 24.69 -23.27 -19.57
C ILE A 55 25.44 -24.48 -20.12
N ASN A 56 24.77 -25.63 -20.22
CA ASN A 56 25.43 -26.90 -20.53
C ASN A 56 25.12 -27.45 -21.92
N GLU A 57 24.28 -26.78 -22.70
CA GLU A 57 24.03 -27.27 -24.06
C GLU A 57 25.41 -27.30 -24.78
N ASN A 58 25.60 -28.35 -25.58
N ASN A 58 25.78 -28.35 -25.50
CA ASN A 58 26.89 -28.58 -26.25
CA ASN A 58 27.16 -28.30 -26.04
C ASN A 58 27.22 -27.58 -27.36
C ASN A 58 27.31 -27.43 -27.29
N TYR A 59 26.21 -26.82 -27.77
CA TYR A 59 26.34 -25.81 -28.82
C TYR A 59 27.24 -24.63 -28.43
N TRP A 60 27.49 -24.42 -27.12
CA TRP A 60 28.47 -23.43 -26.71
C TRP A 60 29.91 -23.76 -27.10
N ASP A 61 30.17 -25.02 -27.41
CA ASP A 61 31.53 -25.56 -27.36
C ASP A 61 32.08 -26.05 -28.67
N SER A 62 31.42 -25.77 -29.78
CA SER A 62 31.94 -26.13 -31.10
C SER A 62 31.39 -25.22 -32.18
N ALA A 63 32.21 -25.04 -33.23
CA ALA A 63 31.83 -24.39 -34.48
C ALA A 63 31.55 -22.90 -34.34
N ASN A 64 32.04 -22.25 -33.30
CA ASN A 64 31.83 -20.83 -33.06
C ASN A 64 33.10 -20.02 -33.30
N LYS A 65 32.95 -18.84 -33.91
CA LYS A 65 34.10 -17.93 -34.11
C LYS A 65 34.76 -17.57 -32.79
N ILE A 66 33.95 -17.27 -31.77
CA ILE A 66 34.42 -16.93 -30.43
C ILE A 66 34.72 -18.23 -29.66
N ALA A 67 35.96 -18.37 -29.20
CA ALA A 67 36.44 -19.60 -28.58
C ALA A 67 35.76 -19.84 -27.23
N ASP A 68 35.68 -18.80 -26.41
CA ASP A 68 34.97 -18.88 -25.13
C ASP A 68 33.70 -18.03 -25.23
N LEU A 69 32.67 -18.65 -25.81
CA LEU A 69 31.43 -17.96 -26.07
C LEU A 69 30.61 -17.70 -24.79
N ARG A 70 30.67 -18.61 -23.82
CA ARG A 70 30.03 -18.33 -22.52
C ARG A 70 30.57 -17.06 -21.88
N ASP A 71 31.90 -16.87 -21.92
CA ASP A 71 32.49 -15.68 -21.32
C ASP A 71 32.02 -14.40 -22.00
N ASP A 72 31.84 -14.47 -23.31
CA ASP A 72 31.40 -13.31 -24.06
C ASP A 72 29.91 -13.01 -23.84
N LEU A 73 29.06 -14.01 -24.03
CA LEU A 73 27.63 -13.76 -23.98
C LEU A 73 27.11 -13.70 -22.56
N ILE A 74 27.42 -14.71 -21.75
N ILE A 74 27.41 -14.71 -21.75
CA ILE A 74 26.90 -14.76 -20.39
CA ILE A 74 26.87 -14.74 -20.38
C ILE A 74 27.62 -13.77 -19.47
C ILE A 74 27.62 -13.75 -19.48
N ARG A 75 28.94 -13.87 -19.39
CA ARG A 75 29.68 -13.06 -18.42
C ARG A 75 29.80 -11.59 -18.86
N LYS A 76 30.33 -11.35 -20.05
CA LYS A 76 30.57 -9.96 -20.48
C LYS A 76 29.29 -9.14 -20.60
N TYR A 77 28.22 -9.74 -21.15
CA TYR A 77 26.96 -9.00 -21.27
C TYR A 77 26.04 -9.15 -20.04
N ASP A 78 26.39 -10.05 -19.12
CA ASP A 78 25.59 -10.32 -17.89
C ASP A 78 24.18 -10.73 -18.25
N VAL A 79 24.12 -11.90 -18.88
CA VAL A 79 22.89 -12.46 -19.43
C VAL A 79 22.57 -13.76 -18.73
N TYR A 80 21.30 -13.96 -18.40
CA TYR A 80 20.88 -15.10 -17.59
C TYR A 80 20.12 -16.15 -18.41
N VAL A 81 19.98 -17.33 -17.83
CA VAL A 81 19.26 -18.46 -18.43
C VAL A 81 18.37 -19.05 -17.34
N GLY A 82 17.38 -19.87 -17.67
CA GLY A 82 16.99 -20.31 -19.02
C GLY A 82 15.82 -21.26 -18.95
N ARG A 83 15.62 -22.01 -20.01
CA ARG A 83 14.48 -22.94 -20.13
C ARG A 83 14.92 -24.09 -20.99
N GLU A 84 14.45 -25.30 -20.70
CA GLU A 84 14.86 -26.46 -21.46
C GLU A 84 13.81 -27.57 -21.38
N THR A 85 13.46 -28.09 -22.54
CA THR A 85 12.46 -29.15 -22.68
C THR A 85 12.98 -30.41 -23.37
N GLY A 86 14.13 -30.34 -24.01
CA GLY A 86 14.61 -31.44 -24.82
C GLY A 86 15.17 -32.63 -24.05
N MET A 87 15.87 -32.38 -22.93
CA MET A 87 16.45 -33.51 -22.21
C MET A 87 15.34 -34.37 -21.61
N ILE A 88 14.36 -33.75 -20.97
CA ILE A 88 13.25 -34.50 -20.40
C ILE A 88 12.47 -35.26 -21.50
N LYS A 89 12.31 -34.64 -22.67
CA LYS A 89 11.63 -35.35 -23.77
C LYS A 89 12.39 -36.59 -24.19
N THR A 90 13.70 -36.48 -24.33
CA THR A 90 14.52 -37.64 -24.74
C THR A 90 14.42 -38.77 -23.73
N VAL A 91 14.41 -38.44 -22.45
CA VAL A 91 14.26 -39.48 -21.44
C VAL A 91 12.88 -40.10 -21.53
N LEU A 92 11.81 -39.29 -21.59
CA LEU A 92 10.47 -39.86 -21.74
C LEU A 92 10.29 -40.75 -22.97
N ARG A 93 10.85 -40.32 -24.09
N ARG A 93 10.85 -40.30 -24.08
CA ARG A 93 10.66 -41.06 -25.33
CA ARG A 93 10.71 -41.00 -25.36
C ARG A 93 11.43 -42.37 -25.39
C ARG A 93 11.44 -42.36 -25.39
N ASN A 94 12.43 -42.53 -24.50
CA ASN A 94 13.27 -43.73 -24.49
C ASN A 94 13.17 -44.59 -23.26
N VAL A 95 12.51 -44.15 -22.20
CA VAL A 95 12.44 -44.95 -20.96
C VAL A 95 11.55 -46.18 -21.15
N LYS A 96 11.97 -47.28 -20.53
CA LYS A 96 11.20 -48.49 -20.59
C LYS A 96 9.95 -48.37 -19.72
N GLU A 97 8.97 -49.21 -20.04
CA GLU A 97 7.71 -49.29 -19.31
C GLU A 97 7.83 -50.14 -18.07
N ASP A 98 7.13 -49.76 -17.02
CA ASP A 98 7.09 -50.53 -15.79
C ASP A 98 6.40 -51.89 -16.08
N PRO A 99 7.09 -53.02 -15.89
CA PRO A 99 6.42 -54.29 -16.14
C PRO A 99 5.26 -54.60 -15.19
N GLU A 100 5.20 -53.94 -14.04
CA GLU A 100 4.10 -54.13 -13.09
C GLU A 100 2.93 -53.21 -13.36
N ARG A 101 3.13 -52.13 -14.12
CA ARG A 101 2.10 -51.09 -14.26
C ARG A 101 2.10 -50.57 -15.69
N PRO A 102 1.29 -51.19 -16.56
CA PRO A 102 1.18 -50.70 -17.93
C PRO A 102 0.85 -49.21 -17.96
N GLY A 103 1.52 -48.50 -18.83
CA GLY A 103 1.36 -47.06 -18.96
C GLY A 103 2.13 -46.19 -18.02
N PHE A 104 3.01 -46.77 -17.19
CA PHE A 104 3.90 -45.99 -16.34
C PHE A 104 5.33 -46.23 -16.79
N ALA A 105 6.14 -45.19 -16.70
CA ALA A 105 7.61 -45.32 -16.88
C ALA A 105 8.17 -46.23 -15.79
N ASP A 106 9.08 -47.10 -16.17
CA ASP A 106 9.73 -47.97 -15.20
C ASP A 106 10.60 -47.16 -14.25
N PRO A 107 10.34 -47.23 -12.93
CA PRO A 107 11.18 -46.41 -12.04
C PRO A 107 12.65 -46.70 -12.12
N ASP A 108 13.04 -47.96 -12.29
CA ASP A 108 14.47 -48.30 -12.36
C ASP A 108 15.12 -47.77 -13.62
N ASP A 109 14.48 -47.96 -14.77
CA ASP A 109 15.06 -47.48 -16.02
C ASP A 109 15.09 -45.95 -16.03
N LEU A 110 14.06 -45.33 -15.48
CA LEU A 110 14.07 -43.87 -15.37
C LEU A 110 15.22 -43.37 -14.51
N ALA A 111 15.43 -44.01 -13.36
CA ALA A 111 16.58 -43.66 -12.52
C ALA A 111 17.90 -43.84 -13.28
N ARG A 112 18.02 -44.91 -14.07
N ARG A 112 18.03 -44.92 -14.07
CA ARG A 112 19.24 -45.18 -14.83
CA ARG A 112 19.25 -45.22 -14.88
C ARG A 112 19.52 -44.13 -15.89
C ARG A 112 19.52 -44.12 -15.88
N LEU A 113 18.50 -43.76 -16.67
CA LEU A 113 18.68 -42.73 -17.70
C LEU A 113 19.01 -41.38 -17.07
N CYS A 114 18.31 -41.05 -16.00
CA CYS A 114 18.60 -39.80 -15.27
C CYS A 114 20.02 -39.78 -14.67
N SER A 115 20.47 -40.92 -14.14
N SER A 115 20.48 -40.91 -14.14
N SER A 115 20.47 -40.92 -14.14
CA SER A 115 21.81 -41.05 -13.57
CA SER A 115 21.81 -40.98 -13.54
CA SER A 115 21.81 -41.03 -13.56
C SER A 115 22.89 -40.86 -14.62
C SER A 115 22.91 -40.87 -14.61
C SER A 115 22.89 -40.85 -14.61
N GLN A 116 22.67 -41.41 -15.81
CA GLN A 116 23.59 -41.23 -16.95
C GLN A 116 23.74 -39.75 -17.29
N ASN A 117 22.62 -39.04 -17.36
CA ASN A 117 22.66 -37.62 -17.63
C ASN A 117 23.29 -36.83 -16.48
N LYS A 118 23.00 -37.23 -15.24
N LYS A 118 23.01 -37.22 -15.24
CA LYS A 118 23.62 -36.58 -14.08
CA LYS A 118 23.62 -36.56 -14.08
C LYS A 118 25.14 -36.72 -14.11
C LYS A 118 25.14 -36.73 -14.07
N LYS A 119 25.62 -37.93 -14.37
CA LYS A 119 27.06 -38.18 -14.46
C LYS A 119 27.72 -37.27 -15.49
N ARG A 120 27.07 -37.08 -16.64
N ARG A 120 27.09 -37.10 -16.65
CA ARG A 120 27.59 -36.20 -17.67
CA ARG A 120 27.60 -36.19 -17.67
C ARG A 120 27.65 -34.75 -17.19
C ARG A 120 27.68 -34.76 -17.14
N TYR A 121 26.63 -34.31 -16.44
CA TYR A 121 26.66 -32.95 -15.87
C TYR A 121 27.81 -32.80 -14.85
N VAL A 122 27.93 -33.78 -13.97
CA VAL A 122 28.96 -33.80 -12.94
C VAL A 122 30.37 -33.70 -13.55
N GLN A 123 30.59 -34.39 -14.67
CA GLN A 123 31.90 -34.36 -15.33
C GLN A 123 32.15 -33.10 -16.14
N ASN A 124 31.09 -32.32 -16.41
CA ASN A 124 31.20 -31.12 -17.25
C ASN A 124 31.57 -29.92 -16.37
N THR A 125 32.79 -29.99 -15.82
CA THR A 125 33.21 -29.03 -14.84
C THR A 125 33.34 -27.60 -15.38
N LYS A 126 33.55 -27.45 -16.69
CA LYS A 126 33.69 -26.12 -17.27
C LYS A 126 32.42 -25.29 -17.14
N VAL A 127 31.27 -25.92 -17.01
CA VAL A 127 30.03 -25.16 -16.92
C VAL A 127 29.66 -24.81 -15.49
N HIS A 128 30.23 -25.51 -14.49
CA HIS A 128 29.77 -25.32 -13.12
C HIS A 128 29.88 -23.86 -12.60
N PRO A 129 30.96 -23.13 -12.99
CA PRO A 129 31.05 -21.73 -12.56
C PRO A 129 29.95 -20.81 -13.11
N TYR A 130 29.20 -21.26 -14.11
CA TYR A 130 28.12 -20.46 -14.67
C TYR A 130 26.76 -20.76 -14.04
N GLU A 131 26.70 -21.62 -13.03
CA GLU A 131 25.43 -21.90 -12.35
C GLU A 131 24.82 -20.65 -11.74
N LYS A 132 25.65 -19.70 -11.31
CA LYS A 132 25.14 -18.45 -10.77
C LYS A 132 24.32 -17.61 -11.76
N TYR A 133 24.44 -17.91 -13.07
CA TYR A 133 23.64 -17.26 -14.09
C TYR A 133 22.35 -18.02 -14.48
N SER A 134 22.08 -19.14 -13.84
CA SER A 134 21.04 -20.06 -14.27
C SER A 134 19.95 -20.25 -13.23
N ASN A 135 18.70 -20.05 -13.65
CA ASN A 135 17.53 -20.40 -12.87
C ASN A 135 16.58 -21.07 -13.86
N LEU A 136 16.56 -22.38 -13.84
CA LEU A 136 15.91 -23.13 -14.92
C LEU A 136 14.42 -23.18 -14.83
N ILE A 137 13.78 -22.88 -15.96
CA ILE A 137 12.38 -23.24 -16.21
C ILE A 137 12.38 -24.59 -16.92
N LEU A 138 11.81 -25.59 -16.26
CA LEU A 138 11.60 -26.90 -16.84
C LEU A 138 10.15 -27.01 -17.35
N CYS A 139 9.98 -27.66 -18.50
CA CYS A 139 8.66 -27.89 -19.07
C CYS A 139 8.69 -29.12 -19.95
N ASN A 140 7.54 -29.79 -20.06
CA ASN A 140 7.36 -30.87 -21.04
C ASN A 140 6.80 -30.31 -22.34
N GLN A 141 7.38 -30.72 -23.46
CA GLN A 141 6.67 -30.58 -24.74
C GLN A 141 5.38 -31.42 -24.71
N PHE A 142 4.42 -31.04 -25.53
CA PHE A 142 3.11 -31.64 -25.51
C PHE A 142 3.13 -33.17 -25.62
N SER A 143 3.92 -33.70 -26.54
CA SER A 143 3.91 -35.13 -26.87
C SER A 143 5.25 -35.75 -26.55
N PRO A 144 5.31 -36.95 -25.97
CA PRO A 144 4.18 -37.81 -25.65
C PRO A 144 3.66 -37.66 -24.21
N PHE A 145 4.04 -36.57 -23.54
CA PHE A 145 3.67 -36.34 -22.13
C PHE A 145 2.16 -36.28 -21.90
N TYR A 146 1.40 -35.64 -22.78
CA TYR A 146 -0.06 -35.59 -22.62
C TYR A 146 -0.61 -36.98 -22.99
N PRO A 147 -1.35 -37.60 -22.08
CA PRO A 147 -1.68 -39.03 -22.30
C PRO A 147 -2.91 -39.20 -23.19
N ASP A 148 -2.68 -39.05 -24.51
CA ASP A 148 -3.71 -39.18 -25.55
C ASP A 148 -3.54 -40.47 -26.36
N GLY A 149 -2.72 -41.40 -25.88
CA GLY A 149 -2.47 -42.65 -26.60
C GLY A 149 -1.19 -42.62 -27.45
N THR A 150 -0.50 -41.48 -27.54
CA THR A 150 0.74 -41.42 -28.34
C THR A 150 1.81 -42.29 -27.70
N LYS A 151 2.37 -43.19 -28.50
CA LYS A 151 3.40 -44.08 -28.00
C LYS A 151 4.77 -43.43 -28.09
N THR A 152 5.63 -43.87 -27.19
CA THR A 152 7.05 -43.45 -27.14
C THR A 152 7.83 -44.28 -28.15
N LEU A 153 9.15 -44.04 -28.23
CA LEU A 153 10.00 -44.86 -29.11
C LEU A 153 10.09 -46.31 -28.63
N LYS A 154 9.70 -46.57 -27.37
CA LYS A 154 9.67 -47.93 -26.85
C LYS A 154 8.33 -48.62 -27.06
N GLY A 155 7.36 -47.98 -27.74
CA GLY A 155 6.15 -48.65 -28.15
C GLY A 155 4.99 -48.66 -27.18
N TRP A 156 5.09 -47.87 -26.09
CA TRP A 156 4.03 -47.82 -25.07
C TRP A 156 3.59 -46.38 -24.90
N ALA A 157 2.38 -46.22 -24.39
CA ALA A 157 1.77 -44.90 -24.18
C ALA A 157 1.51 -44.67 -22.69
N LEU A 158 1.72 -43.42 -22.23
CA LEU A 158 1.42 -43.09 -20.85
C LEU A 158 -0.06 -43.38 -20.54
N SER A 159 -0.32 -43.86 -19.33
CA SER A 159 -1.64 -44.25 -18.91
C SER A 159 -2.69 -43.20 -19.17
N GLN A 160 -3.82 -43.59 -19.76
N GLN A 160 -3.81 -43.63 -19.74
CA GLN A 160 -4.94 -42.67 -20.04
CA GLN A 160 -4.93 -42.77 -20.11
C GLN A 160 -6.06 -42.78 -19.02
C GLN A 160 -6.10 -42.92 -19.12
N LYS A 161 -5.87 -43.58 -17.98
CA LYS A 161 -6.89 -43.83 -16.97
C LYS A 161 -7.36 -42.53 -16.34
N ASP A 162 -8.60 -42.54 -15.87
CA ASP A 162 -9.11 -41.45 -15.08
C ASP A 162 -10.10 -41.98 -14.05
N THR A 163 -9.54 -42.64 -13.05
CA THR A 163 -10.30 -43.26 -11.97
C THR A 163 -10.10 -42.48 -10.68
N GLU A 164 -10.87 -42.83 -9.65
CA GLU A 164 -10.70 -42.22 -8.32
C GLU A 164 -9.27 -42.35 -7.79
N ASP A 165 -8.69 -43.53 -7.88
CA ASP A 165 -7.34 -43.76 -7.38
C ASP A 165 -6.25 -43.36 -8.38
N GLU A 166 -6.59 -43.30 -9.67
CA GLU A 166 -5.63 -42.93 -10.72
C GLU A 166 -6.26 -41.85 -11.60
N PRO A 167 -6.28 -40.61 -11.09
CA PRO A 167 -6.84 -39.53 -11.89
C PRO A 167 -6.02 -39.27 -13.14
N PHE A 168 -6.67 -38.72 -14.15
CA PHE A 168 -6.02 -38.48 -15.45
C PHE A 168 -4.72 -37.71 -15.31
N GLY A 169 -3.65 -38.30 -15.82
CA GLY A 169 -2.31 -37.75 -15.70
C GLY A 169 -1.45 -38.30 -14.59
N THR A 170 -1.93 -39.25 -13.80
CA THR A 170 -1.15 -39.81 -12.70
C THR A 170 0.21 -40.32 -13.20
N ALA A 171 0.22 -41.11 -14.26
CA ALA A 171 1.48 -41.67 -14.75
C ALA A 171 2.41 -40.60 -15.32
N SER A 172 1.84 -39.66 -16.07
CA SER A 172 2.61 -38.54 -16.59
C SER A 172 3.22 -37.76 -15.42
N GLY A 173 2.42 -37.53 -14.38
CA GLY A 173 2.91 -36.82 -13.22
C GLY A 173 4.01 -37.54 -12.44
N GLU A 174 3.84 -38.84 -12.28
CA GLU A 174 4.86 -39.63 -11.62
C GLU A 174 6.15 -39.58 -12.42
N PHE A 175 6.07 -39.72 -13.75
CA PHE A 175 7.25 -39.57 -14.58
C PHE A 175 7.93 -38.23 -14.26
N TYR A 176 7.16 -37.16 -14.29
CA TYR A 176 7.76 -35.82 -14.11
C TYR A 176 8.40 -35.66 -12.74
N GLY A 177 7.66 -36.08 -11.70
CA GLY A 177 8.21 -35.98 -10.33
C GLY A 177 9.47 -36.84 -10.15
N ARG A 178 9.46 -38.06 -10.67
CA ARG A 178 10.64 -38.92 -10.55
C ARG A 178 11.80 -38.36 -11.34
N TYR A 179 11.53 -37.84 -12.54
CA TYR A 179 12.59 -37.25 -13.35
C TYR A 179 13.32 -36.17 -12.56
N ILE A 180 12.57 -35.25 -11.99
CA ILE A 180 13.14 -34.13 -11.25
C ILE A 180 13.98 -34.66 -10.08
N LYS A 181 13.42 -35.61 -9.34
CA LYS A 181 14.11 -36.16 -8.17
C LYS A 181 15.39 -36.90 -8.53
N GLU A 182 15.37 -37.64 -9.63
CA GLU A 182 16.50 -38.51 -10.03
C GLU A 182 17.61 -37.75 -10.73
N TYR A 183 17.27 -36.82 -11.60
CA TYR A 183 18.28 -36.14 -12.40
C TYR A 183 19.00 -35.00 -11.64
N PHE A 184 18.27 -34.13 -10.97
CA PHE A 184 18.87 -32.88 -10.42
C PHE A 184 19.56 -33.12 -9.07
N GLY A 185 20.58 -32.33 -8.82
CA GLY A 185 21.27 -32.31 -7.52
C GLY A 185 21.24 -30.93 -6.93
N GLU A 186 22.38 -30.51 -6.38
CA GLU A 186 22.52 -29.25 -5.65
C GLU A 186 23.65 -28.38 -6.21
N GLY A 187 24.08 -28.67 -7.43
CA GLY A 187 25.13 -27.91 -8.09
C GLY A 187 26.42 -28.67 -8.26
N GLY A 188 27.12 -28.36 -9.35
CA GLY A 188 28.46 -28.87 -9.56
C GLY A 188 28.55 -30.37 -9.53
N GLU A 189 29.50 -30.88 -8.74
CA GLU A 189 29.73 -32.33 -8.70
C GLU A 189 28.62 -33.12 -8.00
N SER A 190 27.63 -32.43 -7.42
CA SER A 190 26.43 -33.08 -6.91
C SER A 190 25.30 -33.19 -7.94
N GLY A 191 25.48 -32.59 -9.11
CA GLY A 191 24.47 -32.63 -10.16
C GLY A 191 23.90 -31.25 -10.44
N GLU A 192 23.13 -31.15 -11.52
CA GLU A 192 22.56 -29.87 -11.94
C GLU A 192 21.61 -29.33 -10.88
N PRO A 193 21.69 -28.03 -10.56
CA PRO A 193 20.72 -27.48 -9.63
C PRO A 193 19.26 -27.71 -10.02
N LYS A 194 18.41 -27.91 -9.04
CA LYS A 194 16.98 -28.09 -9.29
C LYS A 194 16.42 -26.89 -10.06
N PRO A 195 15.42 -27.15 -10.90
CA PRO A 195 14.74 -26.01 -11.54
C PRO A 195 14.11 -25.05 -10.56
N GLY A 196 14.09 -23.76 -10.92
CA GLY A 196 13.33 -22.80 -10.14
C GLY A 196 11.83 -22.90 -10.33
N PHE A 197 11.41 -23.40 -11.52
CA PHE A 197 10.00 -23.41 -11.91
C PHE A 197 9.76 -24.62 -12.79
N CYS A 198 8.66 -25.32 -12.55
CA CYS A 198 8.20 -26.43 -13.39
C CYS A 198 6.87 -26.09 -14.01
N GLU A 199 6.90 -25.75 -15.29
CA GLU A 199 5.69 -25.67 -16.07
C GLU A 199 5.22 -27.09 -16.36
N VAL A 200 3.91 -27.27 -16.43
CA VAL A 200 3.37 -28.63 -16.67
C VAL A 200 3.63 -29.07 -18.11
N ILE A 201 3.16 -28.26 -19.06
CA ILE A 201 3.13 -28.71 -20.46
C ILE A 201 3.09 -27.52 -21.40
N ASN A 202 3.87 -27.59 -22.48
CA ASN A 202 3.98 -26.47 -23.41
C ASN A 202 2.81 -26.36 -24.40
N GLU A 203 2.13 -25.20 -24.45
CA GLU A 203 1.13 -24.89 -25.49
C GLU A 203 0.15 -26.03 -25.77
N PRO A 204 -0.55 -26.49 -24.73
CA PRO A 204 -1.36 -27.69 -24.89
C PRO A 204 -2.61 -27.54 -25.73
N LEU A 205 -3.30 -26.42 -25.63
CA LEU A 205 -4.52 -26.21 -26.42
C LEU A 205 -4.24 -26.00 -27.89
N TRP A 206 -3.04 -25.55 -28.24
CA TRP A 206 -2.64 -25.57 -29.63
C TRP A 206 -2.75 -27.00 -30.18
N ASP A 207 -2.15 -27.97 -29.50
CA ASP A 207 -2.23 -29.36 -29.98
C ASP A 207 -3.62 -29.98 -29.80
N ILE A 208 -4.29 -29.71 -28.70
CA ILE A 208 -5.58 -30.34 -28.39
C ILE A 208 -6.70 -29.81 -29.28
N TYR A 209 -6.71 -28.51 -29.54
CA TYR A 209 -7.89 -27.85 -30.08
C TYR A 209 -7.68 -27.03 -31.34
N ASP A 210 -6.59 -26.28 -31.43
CA ASP A 210 -6.49 -25.20 -32.43
C ASP A 210 -5.68 -25.49 -33.66
N LYS A 211 -4.68 -26.36 -33.58
CA LYS A 211 -3.84 -26.61 -34.76
C LYS A 211 -4.64 -27.30 -35.86
N PRO A 212 -4.13 -27.26 -37.10
CA PRO A 212 -4.79 -28.03 -38.15
C PRO A 212 -4.91 -29.50 -37.77
N LYS A 213 -6.08 -30.08 -37.99
CA LYS A 213 -6.34 -31.49 -37.69
C LYS A 213 -6.24 -31.85 -36.19
N ALA A 214 -6.38 -30.84 -35.33
CA ALA A 214 -6.45 -31.09 -33.89
C ALA A 214 -7.64 -32.00 -33.58
N PRO A 215 -7.55 -32.82 -32.52
CA PRO A 215 -8.65 -33.74 -32.21
C PRO A 215 -9.85 -33.06 -31.56
N LYS A 216 -9.66 -31.84 -31.05
N LYS A 216 -9.67 -31.85 -31.04
CA LYS A 216 -10.71 -31.13 -30.33
CA LYS A 216 -10.73 -31.14 -30.35
C LYS A 216 -11.27 -31.99 -29.20
C LYS A 216 -11.28 -31.98 -29.20
N SER A 217 -10.37 -32.54 -28.42
CA SER A 217 -10.71 -33.24 -27.20
C SER A 217 -10.98 -32.24 -26.07
N SER A 218 -11.39 -32.76 -24.93
CA SER A 218 -11.84 -31.91 -23.84
C SER A 218 -10.81 -30.88 -23.36
N ILE A 219 -11.25 -29.63 -23.24
CA ILE A 219 -10.42 -28.53 -22.76
C ILE A 219 -10.32 -28.60 -21.24
N THR A 220 -11.42 -28.80 -20.52
CA THR A 220 -11.34 -28.85 -19.08
C THR A 220 -10.56 -30.05 -18.53
N LYS A 221 -10.53 -31.16 -19.28
CA LYS A 221 -9.71 -32.29 -18.91
C LYS A 221 -8.23 -31.90 -18.81
N LEU A 222 -7.76 -31.09 -19.74
N LEU A 222 -7.77 -31.08 -19.75
CA LEU A 222 -6.39 -30.58 -19.69
CA LEU A 222 -6.41 -30.55 -19.74
C LEU A 222 -6.17 -29.74 -18.42
C LEU A 222 -6.15 -29.69 -18.50
N PHE A 223 -7.16 -28.95 -18.05
CA PHE A 223 -7.02 -28.16 -16.81
C PHE A 223 -6.96 -29.06 -15.57
N GLU A 224 -7.83 -30.07 -15.51
N GLU A 224 -7.76 -30.10 -15.50
CA GLU A 224 -7.81 -31.07 -14.42
CA GLU A 224 -7.66 -30.99 -14.36
C GLU A 224 -6.43 -31.71 -14.36
C GLU A 224 -6.37 -31.75 -14.34
N PHE A 225 -5.90 -32.10 -15.54
CA PHE A 225 -4.55 -32.70 -15.65
C PHE A 225 -3.49 -31.87 -14.94
N HIS A 226 -3.59 -30.55 -15.01
CA HIS A 226 -2.62 -29.70 -14.33
C HIS A 226 -2.61 -29.91 -12.80
N SER A 227 -3.77 -30.02 -12.18
CA SER A 227 -3.81 -30.29 -10.73
C SER A 227 -3.15 -31.62 -10.40
N THR A 228 -3.43 -32.63 -11.23
CA THR A 228 -2.85 -33.95 -11.00
C THR A 228 -1.33 -33.93 -11.18
N ILE A 229 -0.84 -33.25 -12.21
CA ILE A 229 0.61 -33.14 -12.40
C ILE A 229 1.26 -32.43 -11.21
N ALA A 230 0.68 -31.32 -10.77
CA ALA A 230 1.24 -30.58 -9.66
C ALA A 230 1.35 -31.48 -8.43
N ALA A 231 0.30 -32.23 -8.15
CA ALA A 231 0.29 -33.10 -6.95
C ALA A 231 1.37 -34.17 -7.04
N GLN A 232 1.55 -34.76 -8.22
N GLN A 232 1.54 -34.75 -8.22
CA GLN A 232 2.58 -35.79 -8.39
CA GLN A 232 2.58 -35.78 -8.41
C GLN A 232 3.99 -35.21 -8.32
C GLN A 232 3.98 -35.22 -8.33
N VAL A 233 4.22 -34.05 -8.93
CA VAL A 233 5.53 -33.42 -8.85
C VAL A 233 5.88 -33.14 -7.38
N LYS A 234 4.91 -32.60 -6.63
N LYS A 234 4.92 -32.62 -6.62
CA LYS A 234 5.12 -32.24 -5.23
CA LYS A 234 5.15 -32.26 -5.22
C LYS A 234 5.23 -33.47 -4.30
C LYS A 234 5.23 -33.48 -4.29
N LYS A 235 4.58 -34.58 -4.66
CA LYS A 235 4.77 -35.86 -3.93
C LYS A 235 6.26 -36.24 -3.89
N PHE A 236 6.94 -36.12 -5.03
CA PHE A 236 8.35 -36.44 -5.11
C PHE A 236 9.29 -35.30 -4.77
N ASN A 237 8.84 -34.05 -4.90
CA ASN A 237 9.68 -32.85 -4.78
C ASN A 237 8.87 -31.77 -4.07
N PRO A 238 8.73 -31.86 -2.73
CA PRO A 238 7.77 -31.03 -2.01
C PRO A 238 7.87 -29.51 -2.19
N ASP A 239 9.08 -29.02 -2.40
CA ASP A 239 9.21 -27.56 -2.52
C ASP A 239 9.12 -26.98 -3.94
N MET A 240 8.94 -27.84 -4.94
N MET A 240 8.77 -27.81 -4.94
CA MET A 240 8.99 -27.36 -6.32
CA MET A 240 8.77 -27.40 -6.37
C MET A 240 7.74 -26.46 -6.56
C MET A 240 7.55 -26.57 -6.82
N LYS A 241 7.88 -25.42 -7.39
CA LYS A 241 6.82 -24.55 -7.90
C LYS A 241 6.34 -25.12 -9.23
N VAL A 242 5.02 -25.27 -9.36
CA VAL A 242 4.39 -25.80 -10.58
C VAL A 242 3.41 -24.76 -11.14
N GLY A 243 3.36 -24.64 -12.47
CA GLY A 243 2.50 -23.67 -13.09
C GLY A 243 1.92 -24.12 -14.44
N GLY A 244 0.99 -23.31 -14.93
CA GLY A 244 0.31 -23.59 -16.19
C GLY A 244 -0.52 -22.40 -16.65
N TYR A 245 -1.19 -22.49 -17.79
CA TYR A 245 -1.18 -23.66 -18.68
C TYR A 245 -0.27 -23.49 -19.89
N CYS A 246 0.56 -22.43 -19.89
N CYS A 246 0.53 -22.42 -19.92
CA CYS A 246 1.59 -22.21 -20.90
CA CYS A 246 1.57 -22.29 -20.92
C CYS A 246 0.97 -21.96 -22.26
C CYS A 246 0.98 -21.95 -22.28
N THR A 247 0.07 -20.99 -22.28
CA THR A 247 -0.82 -20.73 -23.41
C THR A 247 -0.10 -20.21 -24.65
N ALA A 248 -0.32 -20.84 -25.79
CA ALA A 248 0.26 -20.40 -27.06
C ALA A 248 -0.23 -19.04 -27.51
N PHE A 249 -1.55 -18.83 -27.41
CA PHE A 249 -2.21 -17.65 -27.98
C PHE A 249 -3.37 -17.25 -27.08
N PRO A 250 -3.09 -16.48 -26.00
CA PRO A 250 -4.14 -16.05 -25.05
C PRO A 250 -4.95 -14.94 -25.68
N ASP A 251 -6.09 -15.31 -26.27
CA ASP A 251 -6.89 -14.47 -27.14
C ASP A 251 -8.31 -14.34 -26.59
N PHE A 252 -8.47 -13.57 -25.54
CA PHE A 252 -9.61 -13.71 -24.66
C PHE A 252 -10.94 -13.23 -25.26
N GLU A 253 -10.85 -12.26 -26.16
CA GLU A 253 -12.04 -11.62 -26.71
C GLU A 253 -12.72 -12.48 -27.76
N LEU A 254 -12.04 -13.47 -28.28
CA LEU A 254 -12.60 -14.24 -29.43
C LEU A 254 -13.91 -14.91 -29.04
N GLN A 255 -14.74 -15.11 -30.06
CA GLN A 255 -16.12 -15.60 -29.90
C GLN A 255 -16.91 -14.82 -28.83
N ASN A 256 -16.79 -13.48 -28.87
CA ASN A 256 -17.51 -12.62 -27.92
C ASN A 256 -17.22 -12.94 -26.46
N PHE A 257 -15.93 -13.17 -26.19
CA PHE A 257 -15.41 -13.64 -24.90
C PHE A 257 -15.75 -15.06 -24.50
N GLY A 258 -16.35 -15.83 -25.42
CA GLY A 258 -16.49 -17.24 -25.23
C GLY A 258 -15.14 -17.95 -25.05
N ARG A 259 -14.10 -17.42 -25.68
CA ARG A 259 -12.77 -18.05 -25.54
C ARG A 259 -12.20 -17.87 -24.13
N TRP A 260 -12.33 -16.67 -23.60
CA TRP A 260 -12.04 -16.43 -22.18
C TRP A 260 -12.84 -17.39 -21.30
N ASN A 261 -14.16 -17.45 -21.52
CA ASN A 261 -15.03 -18.23 -20.66
C ASN A 261 -14.76 -19.72 -20.69
N ALA A 262 -14.32 -20.24 -21.84
CA ALA A 262 -14.05 -21.67 -22.00
C ALA A 262 -12.65 -22.10 -21.55
N ARG A 263 -11.71 -21.16 -21.49
CA ARG A 263 -10.29 -21.47 -21.35
C ARG A 263 -9.75 -20.89 -20.04
N TRP A 264 -9.16 -19.68 -20.06
CA TRP A 264 -8.57 -19.12 -18.82
C TRP A 264 -9.53 -19.03 -17.64
N LYS A 265 -10.80 -18.68 -17.88
N LYS A 265 -10.80 -18.68 -17.87
CA LYS A 265 -11.76 -18.68 -16.78
CA LYS A 265 -11.74 -18.70 -16.77
C LYS A 265 -11.84 -20.06 -16.11
C LYS A 265 -11.81 -20.08 -16.11
N GLN A 266 -12.00 -21.10 -16.93
CA GLN A 266 -12.08 -22.46 -16.45
C GLN A 266 -10.80 -22.95 -15.82
N PHE A 267 -9.64 -22.57 -16.38
CA PHE A 267 -8.39 -22.98 -15.79
C PHE A 267 -8.22 -22.40 -14.37
N ILE A 268 -8.56 -21.12 -14.20
CA ILE A 268 -8.51 -20.51 -12.89
C ILE A 268 -9.49 -21.23 -11.96
N ASP A 269 -10.71 -21.50 -12.45
CA ASP A 269 -11.72 -22.15 -11.59
C ASP A 269 -11.34 -23.57 -11.19
N ILE A 270 -10.70 -24.30 -12.08
CA ILE A 270 -10.39 -25.73 -11.86
C ILE A 270 -9.07 -25.95 -11.14
N ALA A 271 -8.01 -25.30 -11.64
CA ALA A 271 -6.64 -25.61 -11.23
C ALA A 271 -5.96 -24.41 -10.58
N GLY A 272 -6.56 -23.22 -10.59
CA GLY A 272 -5.84 -22.04 -10.11
C GLY A 272 -5.28 -22.16 -8.71
N LYS A 273 -6.08 -22.70 -7.82
CA LYS A 273 -5.67 -22.90 -6.43
C LYS A 273 -4.49 -23.85 -6.27
N ASP A 274 -4.26 -24.71 -7.25
CA ASP A 274 -3.18 -25.69 -7.20
C ASP A 274 -1.90 -25.23 -7.89
N MET A 275 -1.95 -24.11 -8.61
CA MET A 275 -0.79 -23.59 -9.32
C MET A 275 -0.04 -22.60 -8.43
N ASP A 276 1.29 -22.73 -8.40
CA ASP A 276 2.15 -21.68 -7.79
C ASP A 276 2.31 -20.46 -8.66
N PHE A 277 2.22 -20.63 -9.98
CA PHE A 277 2.34 -19.50 -10.90
C PHE A 277 1.52 -19.82 -12.13
N PHE A 278 1.14 -18.75 -12.84
CA PHE A 278 0.49 -18.84 -14.15
C PHE A 278 1.53 -18.57 -15.20
N THR A 279 1.36 -19.17 -16.38
CA THR A 279 2.33 -19.00 -17.45
C THR A 279 1.63 -18.94 -18.81
N ILE A 280 2.07 -17.97 -19.63
CA ILE A 280 1.56 -17.74 -20.96
C ILE A 280 2.70 -17.42 -21.90
N HIS A 281 2.44 -17.51 -23.19
CA HIS A 281 3.29 -17.00 -24.25
C HIS A 281 2.65 -15.82 -24.93
N LEU A 282 3.45 -14.83 -25.31
CA LEU A 282 2.92 -13.59 -25.92
C LEU A 282 3.71 -13.24 -27.18
N TYR A 283 3.07 -13.39 -28.33
N TYR A 283 3.10 -13.48 -28.35
CA TYR A 283 3.70 -13.09 -29.60
CA TYR A 283 3.71 -13.14 -29.66
C TYR A 283 2.92 -12.06 -30.39
C TYR A 283 2.92 -12.06 -30.39
N ASP A 284 3.65 -11.04 -30.84
CA ASP A 284 3.15 -10.10 -31.85
C ASP A 284 3.16 -10.82 -33.20
N PHE A 285 2.22 -10.43 -34.04
CA PHE A 285 2.19 -10.88 -35.45
C PHE A 285 2.45 -9.69 -36.39
N PRO A 286 3.72 -9.34 -36.62
CA PRO A 286 4.02 -8.22 -37.53
C PRO A 286 3.77 -8.48 -39.00
N CYS A 287 3.62 -9.73 -39.40
CA CYS A 287 3.51 -10.05 -40.83
C CYS A 287 2.86 -11.42 -41.04
N LYS A 288 1.55 -11.45 -40.89
CA LYS A 288 0.77 -12.66 -41.11
C LYS A 288 -0.08 -12.43 -42.34
N ASP A 289 0.37 -12.96 -43.47
CA ASP A 289 -0.26 -12.70 -44.78
C ASP A 289 -0.43 -11.19 -45.01
N GLY A 290 0.62 -10.43 -44.71
CA GLY A 290 0.65 -8.99 -44.89
C GLY A 290 -0.07 -8.16 -43.83
N LYS A 291 -0.63 -8.81 -42.82
CA LYS A 291 -1.37 -8.14 -41.76
C LYS A 291 -0.50 -7.98 -40.50
N GLN A 292 -0.74 -6.87 -39.79
N GLN A 292 -0.80 -6.91 -39.76
CA GLN A 292 0.01 -6.50 -38.57
CA GLN A 292 -0.18 -6.61 -38.48
C GLN A 292 -0.92 -6.54 -37.35
C GLN A 292 -1.19 -6.77 -37.37
N MET A 293 -0.81 -7.60 -36.56
N MET A 293 -0.92 -7.72 -36.47
CA MET A 293 -1.69 -7.81 -35.41
CA MET A 293 -1.77 -7.89 -35.32
C MET A 293 -0.83 -7.88 -34.15
C MET A 293 -0.87 -7.91 -34.10
N TYR A 294 -0.83 -6.79 -33.41
CA TYR A 294 0.06 -6.61 -32.26
C TYR A 294 -0.59 -6.88 -30.92
N ARG A 295 0.21 -7.44 -30.03
CA ARG A 295 -0.08 -7.48 -28.60
C ARG A 295 0.57 -6.28 -27.89
N LYS A 296 1.80 -5.94 -28.28
CA LYS A 296 2.47 -4.80 -27.66
C LYS A 296 1.55 -3.59 -27.70
N GLY A 297 1.56 -2.83 -26.61
CA GLY A 297 0.58 -1.78 -26.41
C GLY A 297 -0.61 -2.25 -25.63
N SER A 298 -1.79 -1.67 -25.91
CA SER A 298 -2.94 -1.85 -25.04
C SER A 298 -3.52 -3.27 -25.00
N ASN A 299 -3.30 -4.03 -26.08
CA ASN A 299 -3.86 -5.40 -26.13
C ASN A 299 -3.31 -6.31 -25.01
N MET A 300 -1.99 -6.42 -24.90
CA MET A 300 -1.42 -7.26 -23.82
C MET A 300 -1.73 -6.71 -22.44
N GLU A 301 -1.92 -5.41 -22.33
CA GLU A 301 -2.37 -4.85 -21.05
C GLU A 301 -3.74 -5.43 -20.64
N ALA A 302 -4.64 -5.58 -21.63
CA ALA A 302 -5.96 -6.14 -21.39
C ALA A 302 -5.88 -7.62 -21.03
N THR A 303 -5.05 -8.36 -21.74
CA THR A 303 -4.86 -9.78 -21.45
C THR A 303 -4.41 -9.96 -19.99
N MET A 304 -3.35 -9.25 -19.63
CA MET A 304 -2.77 -9.42 -18.27
C MET A 304 -3.71 -8.91 -17.17
N ASP A 305 -4.37 -7.78 -17.42
CA ASP A 305 -5.39 -7.28 -16.47
C ASP A 305 -6.53 -8.28 -16.24
N MET A 306 -6.95 -9.00 -17.27
CA MET A 306 -8.04 -9.92 -17.11
C MET A 306 -7.67 -11.13 -16.27
N ILE A 307 -6.46 -11.66 -16.50
CA ILE A 307 -5.97 -12.75 -15.66
C ILE A 307 -5.93 -12.29 -14.20
N GLU A 308 -5.35 -11.11 -13.94
CA GLU A 308 -5.24 -10.61 -12.56
C GLU A 308 -6.60 -10.37 -11.93
N GLN A 309 -7.50 -9.69 -12.67
CA GLN A 309 -8.80 -9.35 -12.09
C GLN A 309 -9.63 -10.58 -11.77
N TYR A 310 -9.65 -11.56 -12.68
CA TYR A 310 -10.45 -12.76 -12.40
C TYR A 310 -9.80 -13.61 -11.32
N SER A 311 -8.47 -13.66 -11.27
CA SER A 311 -7.79 -14.29 -10.15
C SER A 311 -8.20 -13.67 -8.82
N MET A 312 -8.25 -12.34 -8.78
CA MET A 312 -8.75 -11.70 -7.55
C MET A 312 -10.17 -12.12 -7.20
N ILE A 313 -11.06 -12.10 -8.18
CA ILE A 313 -12.47 -12.45 -7.91
C ILE A 313 -12.60 -13.90 -7.41
N LYS A 314 -11.99 -14.84 -8.12
CA LYS A 314 -12.18 -16.25 -7.83
C LYS A 314 -11.26 -16.78 -6.76
N LEU A 315 -9.95 -16.48 -6.88
CA LEU A 315 -8.96 -17.02 -5.94
C LEU A 315 -8.70 -16.09 -4.76
N GLY A 316 -9.07 -14.83 -4.88
CA GLY A 316 -8.76 -13.82 -3.86
C GLY A 316 -7.36 -13.29 -3.86
N GLU A 317 -6.56 -13.55 -4.90
N GLU A 317 -6.59 -13.56 -4.92
CA GLU A 317 -5.18 -13.09 -4.95
CA GLU A 317 -5.22 -13.11 -5.00
C GLU A 317 -4.69 -13.15 -6.38
C GLU A 317 -4.79 -13.03 -6.46
N VAL A 318 -3.73 -12.28 -6.70
CA VAL A 318 -3.04 -12.31 -8.01
C VAL A 318 -1.94 -13.35 -7.92
N LYS A 319 -1.90 -14.24 -8.91
N LYS A 319 -1.92 -14.30 -8.88
CA LYS A 319 -0.90 -15.28 -8.98
CA LYS A 319 -0.84 -15.29 -8.93
C LYS A 319 0.33 -14.77 -9.73
C LYS A 319 0.35 -14.72 -9.67
N PRO A 320 1.57 -15.11 -9.28
CA PRO A 320 2.74 -14.69 -10.07
C PRO A 320 2.61 -15.17 -11.52
N LEU A 321 2.99 -14.31 -12.45
CA LEU A 321 2.84 -14.58 -13.88
C LEU A 321 4.22 -14.77 -14.52
N MET A 322 4.37 -15.86 -15.26
CA MET A 322 5.53 -16.15 -16.07
C MET A 322 5.17 -15.98 -17.53
N ILE A 323 6.07 -15.38 -18.30
CA ILE A 323 5.96 -15.32 -19.76
C ILE A 323 7.15 -16.08 -20.30
N SER A 324 6.98 -17.40 -20.55
CA SER A 324 8.16 -18.21 -20.80
C SER A 324 8.65 -18.20 -22.25
N GLN A 325 7.86 -17.61 -23.13
CA GLN A 325 8.26 -17.27 -24.52
C GLN A 325 7.55 -16.00 -24.93
N TYR A 326 8.29 -15.03 -25.45
CA TYR A 326 7.65 -13.84 -26.04
C TYR A 326 8.54 -13.23 -27.08
N SER A 327 7.89 -12.44 -27.92
CA SER A 327 8.45 -11.46 -28.89
C SER A 327 7.53 -11.45 -30.11
N ALA A 328 8.03 -11.83 -31.29
CA ALA A 328 7.20 -11.85 -32.50
C ALA A 328 7.25 -13.23 -33.14
N GLN A 329 6.15 -13.62 -33.77
CA GLN A 329 6.15 -14.72 -34.71
C GLN A 329 6.08 -14.07 -36.09
N THR A 330 6.99 -14.46 -36.97
CA THR A 330 7.19 -13.76 -38.25
C THR A 330 6.73 -14.62 -39.44
N HIS A 331 5.43 -14.85 -39.54
CA HIS A 331 4.88 -15.86 -40.48
C HIS A 331 5.41 -15.68 -41.89
N ASP A 332 5.34 -14.45 -42.39
CA ASP A 332 5.70 -14.19 -43.80
C ASP A 332 7.18 -14.36 -44.06
N TYR A 333 8.01 -14.50 -43.03
CA TYR A 333 9.44 -14.72 -43.16
C TYR A 333 9.91 -16.08 -42.65
N ASN A 334 8.99 -16.94 -42.22
CA ASN A 334 9.37 -18.21 -41.61
C ASN A 334 9.67 -19.34 -42.60
N ARG A 335 9.43 -19.11 -43.88
CA ARG A 335 9.93 -20.01 -44.93
C ARG A 335 11.05 -19.35 -45.74
N LYS A 336 11.70 -18.35 -45.16
N LYS A 336 11.70 -18.35 -45.15
CA LYS A 336 12.86 -17.71 -45.76
CA LYS A 336 12.86 -17.69 -45.73
C LYS A 336 14.08 -18.02 -44.93
C LYS A 336 14.09 -18.05 -44.92
N PRO A 337 15.28 -17.90 -45.52
CA PRO A 337 16.51 -18.02 -44.75
C PRO A 337 16.65 -16.85 -43.78
N TRP A 338 17.66 -16.89 -42.94
CA TRP A 338 17.92 -15.82 -41.98
C TRP A 338 18.08 -14.47 -42.67
N SER A 339 17.62 -13.41 -42.01
CA SER A 339 17.98 -12.06 -42.41
C SER A 339 18.11 -11.14 -41.21
N PRO A 340 18.89 -10.07 -41.33
CA PRO A 340 18.89 -9.07 -40.30
C PRO A 340 17.50 -8.48 -40.07
N TYR A 341 16.72 -8.29 -41.13
CA TYR A 341 15.38 -7.73 -40.99
C TYR A 341 14.47 -8.62 -40.14
N ARG A 342 14.51 -9.94 -40.36
CA ARG A 342 13.68 -10.81 -39.56
C ARG A 342 14.06 -10.70 -38.07
N ASP A 343 15.34 -10.59 -37.79
CA ASP A 343 15.79 -10.34 -36.40
C ASP A 343 15.25 -9.01 -35.85
N TRP A 344 15.24 -7.95 -36.66
CA TRP A 344 14.64 -6.66 -36.25
C TRP A 344 13.17 -6.83 -35.84
N LEU A 345 12.43 -7.63 -36.60
CA LEU A 345 11.02 -7.87 -36.26
C LEU A 345 10.90 -8.44 -34.86
N ARG A 346 11.81 -9.33 -34.51
CA ARG A 346 11.82 -9.89 -33.15
C ARG A 346 12.29 -8.85 -32.13
N LEU A 347 13.34 -8.13 -32.45
CA LEU A 347 13.90 -7.14 -31.53
C LEU A 347 12.87 -6.13 -31.08
N LYS A 348 12.12 -5.56 -32.02
CA LYS A 348 11.22 -4.45 -31.66
C LYS A 348 10.07 -4.92 -30.77
N SER A 349 9.60 -6.16 -31.00
CA SER A 349 8.59 -6.73 -30.12
C SER A 349 9.16 -7.02 -28.73
N THR A 350 10.38 -7.54 -28.69
CA THR A 350 11.02 -7.83 -27.42
C THR A 350 11.13 -6.60 -26.55
N ASN A 351 11.66 -5.50 -27.09
CA ASN A 351 11.89 -4.33 -26.28
C ASN A 351 10.57 -3.75 -25.72
N SER A 352 9.54 -3.66 -26.56
CA SER A 352 8.27 -3.13 -26.11
C SER A 352 7.63 -4.01 -25.05
N MET A 353 7.55 -5.32 -25.29
CA MET A 353 6.96 -6.21 -24.31
C MET A 353 7.72 -6.17 -22.97
N LEU A 354 9.05 -6.16 -23.05
CA LEU A 354 9.87 -6.06 -21.86
C LEU A 354 9.51 -4.85 -21.01
N MET A 355 9.39 -3.69 -21.65
N MET A 355 9.38 -3.69 -21.63
CA MET A 355 9.01 -2.49 -20.90
CA MET A 355 9.02 -2.50 -20.86
C MET A 355 7.66 -2.69 -20.17
C MET A 355 7.64 -2.62 -20.21
N GLN A 356 6.72 -3.34 -20.83
CA GLN A 356 5.40 -3.57 -20.24
C GLN A 356 5.47 -4.58 -19.10
N PHE A 357 6.33 -5.58 -19.20
CA PHE A 357 6.51 -6.52 -18.08
C PHE A 357 7.18 -5.85 -16.89
N MET A 358 8.11 -4.94 -17.18
CA MET A 358 8.81 -4.18 -16.11
C MET A 358 7.81 -3.35 -15.30
N GLU A 359 6.75 -2.87 -15.94
CA GLU A 359 5.70 -2.13 -15.23
C GLU A 359 4.95 -2.98 -14.23
N ARG A 360 4.99 -4.32 -14.36
CA ARG A 360 4.31 -5.25 -13.43
C ARG A 360 5.24 -6.15 -12.73
N THR A 361 6.44 -5.67 -12.47
CA THR A 361 7.47 -6.50 -11.94
C THR A 361 7.08 -7.20 -10.64
N ASP A 362 6.24 -6.59 -9.81
CA ASP A 362 5.81 -7.25 -8.59
C ASP A 362 5.01 -8.55 -8.82
N ASN A 363 4.29 -8.64 -9.92
CA ASN A 363 3.46 -9.83 -10.24
C ASN A 363 3.96 -10.61 -11.45
N ILE A 364 5.19 -10.37 -11.87
CA ILE A 364 5.84 -11.17 -12.91
C ILE A 364 7.03 -11.89 -12.30
N CYS A 365 7.02 -13.21 -12.37
CA CYS A 365 8.11 -13.98 -11.77
C CYS A 365 9.26 -14.26 -12.74
N TYR A 366 9.00 -14.13 -14.04
CA TYR A 366 10.01 -14.46 -15.07
C TYR A 366 9.44 -14.09 -16.42
N ALA A 367 10.21 -13.45 -17.28
CA ALA A 367 9.79 -13.16 -18.64
C ALA A 367 10.98 -13.47 -19.53
N MET A 368 10.83 -14.35 -20.51
CA MET A 368 11.96 -14.86 -21.29
C MET A 368 11.76 -14.65 -22.78
N PRO A 369 12.54 -13.74 -23.37
CA PRO A 369 12.45 -13.60 -24.83
C PRO A 369 12.73 -14.92 -25.52
N PHE A 370 11.97 -15.25 -26.55
CA PHE A 370 12.19 -16.49 -27.27
C PHE A 370 13.32 -16.32 -28.27
N ALA A 371 14.51 -16.59 -27.76
CA ALA A 371 15.74 -16.62 -28.53
C ALA A 371 16.54 -17.78 -27.99
N MET A 372 16.86 -18.75 -28.84
CA MET A 372 17.68 -19.92 -28.44
C MET A 372 19.12 -19.65 -28.84
N LEU A 373 20.07 -20.40 -28.31
CA LEU A 373 21.46 -20.14 -28.65
C LEU A 373 21.76 -20.46 -30.11
N LYS A 374 21.40 -21.67 -30.53
CA LYS A 374 21.86 -22.19 -31.82
C LYS A 374 20.85 -23.11 -32.48
N SER A 375 20.31 -24.05 -31.72
CA SER A 375 19.26 -24.96 -32.22
C SER A 375 19.59 -25.54 -33.61
N GLU A 376 20.77 -26.13 -33.72
N GLU A 376 20.75 -26.15 -33.75
CA GLU A 376 21.21 -26.86 -34.92
CA GLU A 376 21.09 -26.76 -35.03
C GLU A 376 20.19 -27.93 -35.31
C GLU A 376 20.20 -27.98 -35.34
N TRP A 377 19.60 -28.59 -34.32
CA TRP A 377 18.55 -29.59 -34.53
C TRP A 377 17.36 -29.06 -35.33
N GLY A 378 17.17 -27.74 -35.35
CA GLY A 378 16.07 -27.12 -36.05
C GLY A 378 16.37 -26.78 -37.50
N TYR A 379 17.60 -27.05 -37.95
CA TYR A 379 17.95 -26.90 -39.37
C TYR A 379 17.44 -28.07 -40.17
N ASN A 380 16.70 -27.80 -41.24
CA ASN A 380 16.13 -28.85 -42.09
C ASN A 380 16.92 -28.90 -43.41
N PRO A 381 17.73 -29.94 -43.63
CA PRO A 381 18.51 -30.01 -44.87
C PRO A 381 17.66 -30.18 -46.12
N LYS A 382 16.42 -30.65 -46.00
CA LYS A 382 15.60 -30.76 -47.19
C LYS A 382 15.26 -29.39 -47.78
N THR A 383 15.00 -28.42 -46.91
CA THR A 383 14.56 -27.08 -47.33
C THR A 383 15.64 -26.02 -47.21
N GLY A 384 16.72 -26.29 -46.47
CA GLY A 384 17.75 -25.30 -46.18
C GLY A 384 17.35 -24.26 -45.15
N LEU A 385 16.26 -24.49 -44.40
CA LEU A 385 15.75 -23.52 -43.41
C LEU A 385 16.26 -23.81 -42.01
N ALA A 386 16.92 -22.80 -41.43
CA ALA A 386 17.39 -22.82 -40.06
C ALA A 386 16.32 -22.33 -39.12
N HIS A 387 16.56 -22.55 -37.83
CA HIS A 387 15.66 -22.11 -36.78
C HIS A 387 15.49 -20.58 -36.86
N THR A 388 14.26 -20.12 -36.66
CA THR A 388 13.96 -18.71 -36.89
C THR A 388 14.25 -17.75 -35.70
N ALA A 389 14.75 -18.26 -34.59
CA ALA A 389 15.01 -17.42 -33.39
C ALA A 389 16.30 -17.84 -32.68
N ARG A 390 17.43 -17.50 -33.29
CA ARG A 390 18.76 -17.89 -32.84
C ARG A 390 19.64 -16.70 -32.49
N MET A 391 20.39 -16.83 -31.40
CA MET A 391 21.46 -15.89 -31.06
C MET A 391 22.69 -15.99 -31.97
N LEU A 392 22.86 -17.15 -32.61
CA LEU A 392 24.03 -17.43 -33.47
C LEU A 392 23.52 -17.88 -34.82
N ARG A 393 24.23 -17.46 -35.87
CA ARG A 393 23.97 -17.91 -37.23
C ARG A 393 25.31 -18.17 -37.92
N ARG A 394 25.32 -19.05 -38.90
CA ARG A 394 26.59 -19.37 -39.57
C ARG A 394 27.00 -18.20 -40.47
N GLU A 395 28.32 -18.01 -40.60
CA GLU A 395 28.84 -16.82 -41.27
C GLU A 395 28.36 -16.67 -42.71
N ASN A 396 28.07 -17.77 -43.41
CA ASN A 396 27.64 -17.64 -44.81
C ASN A 396 26.14 -17.58 -45.00
N GLU A 397 25.35 -17.62 -43.92
CA GLU A 397 23.92 -17.40 -44.03
C GLU A 397 23.70 -15.93 -44.44
N PRO A 398 22.71 -15.63 -45.29
CA PRO A 398 21.66 -16.54 -45.76
C PRO A 398 21.94 -17.41 -47.01
N GLU A 399 23.06 -17.18 -47.66
CA GLU A 399 23.32 -17.88 -48.92
C GLU A 399 23.48 -19.38 -48.71
N SER A 400 24.19 -19.76 -47.65
CA SER A 400 24.32 -21.16 -47.31
C SER A 400 24.51 -21.32 -45.81
N PHE A 401 24.12 -22.51 -45.34
CA PHE A 401 24.27 -22.86 -43.94
C PHE A 401 25.68 -23.46 -43.75
N THR A 402 26.68 -22.59 -43.89
CA THR A 402 28.09 -23.03 -43.82
C THR A 402 28.90 -21.95 -43.15
N GLY A 403 30.09 -22.33 -42.67
CA GLY A 403 30.97 -21.43 -41.98
C GLY A 403 30.74 -21.49 -40.49
N GLU A 404 31.62 -20.84 -39.74
CA GLU A 404 31.51 -20.83 -38.28
C GLU A 404 30.39 -19.91 -37.84
N TYR A 405 29.91 -20.15 -36.63
CA TYR A 405 28.84 -19.33 -36.08
C TYR A 405 29.34 -17.99 -35.54
N VAL A 406 28.55 -16.96 -35.81
CA VAL A 406 28.76 -15.61 -35.31
C VAL A 406 27.42 -15.12 -34.74
N TYR A 407 27.42 -14.01 -34.02
CA TYR A 407 26.14 -13.50 -33.48
C TYR A 407 25.19 -13.13 -34.60
N SER A 408 23.92 -13.47 -34.43
CA SER A 408 22.84 -12.90 -35.21
C SER A 408 22.63 -11.45 -34.76
N GLU A 409 21.64 -10.76 -35.32
CA GLU A 409 21.35 -9.42 -34.86
C GLU A 409 20.65 -9.40 -33.50
N LEU A 410 20.21 -10.55 -33.01
CA LEU A 410 19.57 -10.56 -31.68
C LEU A 410 20.54 -10.18 -30.56
N ILE A 411 21.86 -10.26 -30.80
CA ILE A 411 22.82 -9.80 -29.80
C ILE A 411 22.64 -8.32 -29.48
N LYS A 412 22.09 -7.56 -30.43
CA LYS A 412 21.89 -6.12 -30.22
C LYS A 412 20.96 -5.83 -29.05
N PHE A 413 20.03 -6.74 -28.74
CA PHE A 413 19.21 -6.57 -27.53
C PHE A 413 20.07 -6.54 -26.26
N TYR A 414 21.01 -7.48 -26.16
CA TYR A 414 21.85 -7.60 -24.98
C TYR A 414 22.90 -6.49 -24.91
N GLN A 415 23.32 -6.00 -26.08
CA GLN A 415 24.19 -4.83 -26.14
C GLN A 415 23.44 -3.58 -25.69
N LEU A 416 22.20 -3.45 -26.10
CA LEU A 416 21.39 -2.30 -25.72
C LEU A 416 21.17 -2.23 -24.21
N TRP A 417 20.88 -3.39 -23.61
CA TRP A 417 20.54 -3.46 -22.18
C TRP A 417 21.76 -3.73 -21.30
N LYS A 418 22.97 -3.72 -21.86
CA LYS A 418 24.19 -3.97 -21.08
C LYS A 418 24.27 -2.95 -19.91
N ASP A 419 24.64 -3.45 -18.73
CA ASP A 419 24.87 -2.62 -17.55
C ASP A 419 23.61 -2.18 -16.83
N VAL A 420 22.43 -2.19 -17.46
CA VAL A 420 21.23 -1.58 -16.89
C VAL A 420 20.87 -2.34 -15.61
N LYS A 421 20.80 -1.59 -14.50
CA LYS A 421 20.48 -2.14 -13.19
C LYS A 421 20.27 -0.94 -12.28
N GLY A 422 19.75 -1.23 -11.10
CA GLY A 422 19.67 -0.24 -10.05
C GLY A 422 18.27 -0.01 -9.52
N THR A 423 18.13 1.06 -8.75
CA THR A 423 16.87 1.40 -8.08
C THR A 423 15.99 2.14 -9.07
N ARG A 424 14.74 1.68 -9.23
CA ARG A 424 13.81 2.31 -10.15
C ARG A 424 13.44 3.69 -9.67
N VAL A 425 13.37 4.64 -10.60
CA VAL A 425 12.98 6.00 -10.30
C VAL A 425 11.89 6.44 -11.24
N GLU A 426 11.15 7.45 -10.82
CA GLU A 426 10.00 7.92 -11.58
C GLU A 426 10.34 8.54 -12.92
N THR A 427 9.57 8.16 -13.94
CA THR A 427 9.58 8.81 -15.24
C THR A 427 8.15 9.11 -15.64
N ASN A 428 7.98 10.09 -16.54
N ASN A 428 7.95 10.19 -16.37
CA ASN A 428 6.66 10.51 -17.09
CA ASN A 428 6.66 10.43 -16.92
C ASN A 428 6.83 10.82 -18.56
C ASN A 428 6.83 11.08 -18.24
N CYS A 429 5.98 10.30 -19.47
N CYS A 429 6.07 10.51 -19.16
CA CYS A 429 6.10 10.65 -20.87
CA CYS A 429 6.02 10.95 -20.53
C CYS A 429 4.68 10.92 -21.36
C CYS A 429 4.58 11.17 -20.93
N ASP A 430 4.37 12.18 -21.76
CA ASP A 430 2.99 12.64 -22.04
C ASP A 430 2.40 12.17 -23.38
N ASN A 431 2.83 11.00 -23.84
CA ASN A 431 2.33 10.39 -25.06
C ASN A 431 2.16 8.91 -24.74
N PRO A 432 0.94 8.39 -24.84
CA PRO A 432 0.75 6.97 -24.46
C PRO A 432 1.47 5.99 -25.38
N ASP A 433 1.90 6.42 -26.57
CA ASP A 433 2.72 5.59 -27.45
C ASP A 433 4.20 5.57 -27.10
N ILE A 434 4.62 6.35 -26.10
CA ILE A 434 6.00 6.38 -25.65
C ILE A 434 6.05 5.80 -24.24
N MET A 435 6.78 4.70 -24.07
CA MET A 435 6.96 4.11 -22.74
C MET A 435 8.32 4.48 -22.21
N CYS A 436 8.39 4.69 -20.90
N CYS A 436 8.41 4.74 -20.92
CA CYS A 436 9.57 5.23 -20.23
CA CYS A 436 9.66 5.12 -20.33
C CYS A 436 9.83 4.48 -18.95
C CYS A 436 9.84 4.50 -18.97
N ASP A 437 11.11 4.32 -18.60
CA ASP A 437 11.48 3.77 -17.29
C ASP A 437 12.91 4.20 -17.00
N ALA A 438 13.34 4.08 -15.74
CA ALA A 438 14.69 4.48 -15.38
C ALA A 438 15.16 3.82 -14.10
N TYR A 439 16.47 3.59 -14.03
CA TYR A 439 17.12 2.87 -12.92
C TYR A 439 18.43 3.56 -12.57
N VAL A 440 18.66 3.71 -11.27
CA VAL A 440 19.85 4.42 -10.75
C VAL A 440 20.77 3.43 -10.04
N ASP A 441 21.96 3.28 -10.57
CA ASP A 441 22.98 2.42 -10.01
C ASP A 441 24.17 3.26 -9.59
N GLY A 442 24.12 3.77 -8.37
CA GLY A 442 25.22 4.61 -7.85
C GLY A 442 25.36 5.91 -8.61
N LYS A 443 26.45 6.02 -9.38
CA LYS A 443 26.75 7.18 -10.21
C LYS A 443 26.09 7.13 -11.58
N ASN A 444 25.56 5.96 -11.94
CA ASN A 444 24.99 5.72 -13.26
C ASN A 444 23.48 5.72 -13.24
N VAL A 445 22.87 6.37 -14.22
CA VAL A 445 21.42 6.37 -14.39
C VAL A 445 21.09 5.92 -15.81
N TYR A 446 20.18 4.96 -15.93
CA TYR A 446 19.76 4.38 -17.21
C TYR A 446 18.34 4.81 -17.45
N PHE A 447 18.13 5.57 -18.53
CA PHE A 447 16.84 6.12 -18.91
C PHE A 447 16.42 5.42 -20.21
N ILE A 448 15.37 4.60 -20.13
CA ILE A 448 14.97 3.76 -21.27
C ILE A 448 13.68 4.29 -21.84
N ILE A 449 13.63 4.47 -23.16
CA ILE A 449 12.46 5.02 -23.83
C ILE A 449 12.16 4.15 -25.05
N ASN A 450 10.89 3.78 -25.20
CA ASN A 450 10.46 2.89 -26.28
C ASN A 450 9.27 3.49 -27.01
N ASN A 451 9.28 3.31 -28.33
CA ASN A 451 8.25 3.86 -29.21
C ASN A 451 7.33 2.75 -29.69
N LEU A 452 6.04 2.87 -29.39
CA LEU A 452 4.97 2.03 -29.93
C LEU A 452 4.36 2.59 -31.23
N ASP A 453 4.70 3.83 -31.59
CA ASP A 453 4.18 4.43 -32.83
C ASP A 453 4.98 3.95 -34.03
N PHE A 454 4.37 4.09 -35.21
CA PHE A 454 4.90 3.65 -36.50
C PHE A 454 5.50 4.79 -37.32
N LYS A 455 6.02 5.78 -36.61
CA LYS A 455 6.78 6.87 -37.19
C LYS A 455 7.74 7.36 -36.12
N PRO A 456 8.75 8.14 -36.51
CA PRO A 456 9.65 8.73 -35.52
C PRO A 456 8.92 9.72 -34.64
N VAL A 457 9.38 9.87 -33.38
CA VAL A 457 8.79 10.76 -32.42
C VAL A 457 9.91 11.64 -31.84
N ASP A 458 9.71 12.95 -31.94
CA ASP A 458 10.65 13.91 -31.39
C ASP A 458 10.37 14.08 -29.89
N LEU A 459 11.41 13.87 -29.09
CA LEU A 459 11.31 13.92 -27.65
C LEU A 459 12.03 15.14 -27.09
N ASN A 460 11.41 15.78 -26.11
N ASN A 460 11.41 15.76 -26.10
CA ASN A 460 12.05 16.81 -25.31
CA ASN A 460 12.03 16.79 -25.29
C ASN A 460 12.29 16.21 -23.92
C ASN A 460 12.29 16.20 -23.91
N LEU A 461 13.56 16.11 -23.54
CA LEU A 461 14.00 15.44 -22.31
C LEU A 461 14.26 16.41 -21.18
N SER A 462 13.70 16.11 -19.99
CA SER A 462 14.00 16.86 -18.76
C SER A 462 14.51 15.90 -17.69
N VAL A 463 15.61 16.23 -17.05
CA VAL A 463 16.17 15.43 -15.96
C VAL A 463 16.11 16.27 -14.71
N ASN A 464 15.30 15.85 -13.74
CA ASN A 464 15.04 16.62 -12.52
C ASN A 464 15.54 15.87 -11.33
N GLY A 465 15.83 16.62 -10.26
CA GLY A 465 16.15 16.03 -8.98
C GLY A 465 17.58 16.04 -8.56
N THR A 466 18.46 16.61 -9.39
CA THR A 466 19.85 16.86 -8.99
C THR A 466 20.27 18.26 -9.40
N SER A 467 21.18 18.84 -8.61
CA SER A 467 21.75 20.14 -8.92
C SER A 467 22.96 20.03 -9.85
N LYS A 468 23.52 18.83 -10.01
CA LYS A 468 24.70 18.63 -10.85
C LYS A 468 24.32 18.16 -12.25
N ASP A 469 25.12 18.57 -13.23
CA ASP A 469 25.04 18.00 -14.58
C ASP A 469 25.83 16.71 -14.62
N ALA A 470 25.43 15.82 -15.52
CA ALA A 470 26.19 14.62 -15.73
C ALA A 470 27.59 14.90 -16.26
N LYS A 471 28.54 14.08 -15.85
CA LYS A 471 29.90 14.08 -16.37
C LYS A 471 29.91 13.62 -17.84
N SER A 472 29.11 12.60 -18.15
CA SER A 472 28.98 12.14 -19.53
C SER A 472 27.62 11.52 -19.78
N ILE A 473 27.23 11.47 -21.06
CA ILE A 473 25.99 10.83 -21.51
C ILE A 473 26.34 9.90 -22.65
N GLU A 474 26.01 8.60 -22.50
CA GLU A 474 26.09 7.65 -23.61
C GLU A 474 24.67 7.37 -24.09
N VAL A 475 24.44 7.60 -25.38
CA VAL A 475 23.16 7.30 -26.03
C VAL A 475 23.31 6.01 -26.77
N ARG A 476 22.36 5.10 -26.55
CA ARG A 476 22.25 3.85 -27.32
C ARG A 476 20.87 3.83 -27.99
N HIS A 477 20.84 3.67 -29.32
CA HIS A 477 19.59 3.80 -30.08
C HIS A 477 19.52 2.61 -31.06
N LEU A 478 18.49 1.78 -30.86
CA LEU A 478 18.26 0.59 -31.67
C LEU A 478 17.06 0.82 -32.58
N TYR A 479 17.33 0.82 -33.91
CA TYR A 479 16.30 1.16 -34.90
C TYR A 479 16.57 0.43 -36.22
N LEU A 480 15.62 0.56 -37.14
CA LEU A 480 15.71 -0.02 -38.46
C LEU A 480 16.22 1.00 -39.49
N LYS A 481 17.25 0.60 -40.24
CA LYS A 481 17.76 1.40 -41.38
C LYS A 481 17.31 0.74 -42.67
N GLY A 482 16.72 1.52 -43.57
CA GLY A 482 16.38 1.04 -44.92
C GLY A 482 15.00 0.45 -45.12
N GLY A 483 14.11 0.58 -44.14
CA GLY A 483 12.76 0.10 -44.26
C GLY A 483 12.66 -1.41 -44.34
N LYS A 484 11.58 -1.89 -44.95
CA LYS A 484 11.34 -3.34 -45.06
C LYS A 484 12.52 -4.00 -45.73
N ASP A 485 12.96 -5.12 -45.15
CA ASP A 485 14.14 -5.85 -45.56
C ASP A 485 15.45 -5.13 -45.39
N GLY A 486 15.42 -4.10 -44.53
CA GLY A 486 16.61 -3.37 -44.15
C GLY A 486 17.40 -4.04 -43.04
N VAL A 487 18.18 -3.26 -42.29
CA VAL A 487 18.99 -3.82 -41.19
C VAL A 487 18.81 -3.04 -39.89
N PRO A 488 18.85 -3.75 -38.74
CA PRO A 488 18.87 -3.03 -37.49
C PRO A 488 20.23 -2.39 -37.23
N ILE A 489 20.18 -1.20 -36.64
CA ILE A 489 21.37 -0.46 -36.26
C ILE A 489 21.31 -0.20 -34.76
N LEU A 490 22.43 -0.44 -34.09
CA LEU A 490 22.62 0.00 -32.70
C LEU A 490 23.66 1.11 -32.71
N ASP A 491 23.16 2.34 -32.65
N ASP A 491 23.18 2.35 -32.66
CA ASP A 491 24.01 3.51 -32.57
CA ASP A 491 24.05 3.53 -32.59
C ASP A 491 24.40 3.65 -31.09
C ASP A 491 24.39 3.80 -31.14
N VAL A 492 25.68 3.89 -30.83
CA VAL A 492 26.17 4.14 -29.46
C VAL A 492 27.14 5.31 -29.56
N TYR A 493 26.86 6.39 -28.86
CA TYR A 493 27.71 7.58 -28.96
C TYR A 493 27.63 8.42 -27.72
N ASP A 494 28.68 9.22 -27.51
CA ASP A 494 28.74 10.14 -26.40
C ASP A 494 28.14 11.48 -26.79
N ALA A 495 27.43 12.10 -25.87
CA ALA A 495 26.71 13.36 -26.13
C ALA A 495 27.08 14.34 -25.02
N LYS A 496 27.33 15.60 -25.42
CA LYS A 496 27.67 16.65 -24.46
C LYS A 496 26.42 17.08 -23.69
N SER A 497 25.29 17.05 -24.38
CA SER A 497 24.00 17.32 -23.76
C SER A 497 22.96 16.52 -24.54
N LEU A 498 21.77 16.34 -23.95
CA LEU A 498 20.69 15.67 -24.65
C LEU A 498 19.33 16.21 -24.27
N ASP A 499 19.06 17.44 -24.68
CA ASP A 499 17.78 18.08 -24.42
C ASP A 499 16.67 17.63 -25.38
N HIS A 500 17.07 17.16 -26.56
CA HIS A 500 16.15 16.72 -27.61
C HIS A 500 16.72 15.46 -28.22
N PHE A 501 15.82 14.56 -28.61
CA PHE A 501 16.21 13.31 -29.26
C PHE A 501 15.03 12.80 -30.09
N THR A 502 15.31 12.38 -31.32
CA THR A 502 14.30 11.79 -32.19
C THR A 502 14.41 10.27 -32.08
N LEU A 503 13.38 9.66 -31.49
CA LEU A 503 13.34 8.20 -31.36
C LEU A 503 12.68 7.64 -32.62
N GLU A 504 13.36 6.72 -33.27
CA GLU A 504 12.91 6.17 -34.55
C GLU A 504 11.68 5.30 -34.43
N THR A 505 11.09 4.97 -35.57
CA THR A 505 9.89 4.14 -35.66
C THR A 505 10.08 2.83 -34.87
N GLU A 506 9.18 2.59 -33.92
CA GLU A 506 9.24 1.35 -33.10
C GLU A 506 10.61 1.11 -32.44
N ALA A 507 11.36 2.18 -32.17
CA ALA A 507 12.72 2.07 -31.72
C ALA A 507 12.81 2.15 -30.18
N THR A 508 13.99 1.83 -29.69
CA THR A 508 14.29 1.98 -28.26
C THR A 508 15.58 2.74 -28.10
N CYS A 509 15.65 3.61 -27.10
CA CYS A 509 16.93 4.14 -26.68
C CYS A 509 17.17 3.85 -25.20
N VAL A 510 18.43 3.64 -24.87
CA VAL A 510 18.90 3.56 -23.48
C VAL A 510 19.93 4.68 -23.33
N ILE A 511 19.60 5.66 -22.49
CA ILE A 511 20.48 6.83 -22.26
C ILE A 511 21.14 6.62 -20.92
N CYS A 512 22.47 6.62 -20.93
CA CYS A 512 23.26 6.33 -19.74
C CYS A 512 23.90 7.64 -19.26
N TYR A 513 23.43 8.13 -18.12
CA TYR A 513 24.02 9.35 -17.50
C TYR A 513 25.04 8.89 -16.49
N ASN A 514 26.25 9.45 -16.53
CA ASN A 514 27.26 9.18 -15.52
C ASN A 514 27.53 10.47 -14.73
N PHE A 515 27.43 10.39 -13.42
CA PHE A 515 27.63 11.55 -12.54
C PHE A 515 28.93 11.43 -11.75
N ASP A 516 29.45 12.59 -11.32
CA ASP A 516 30.66 12.68 -10.50
C ASP A 516 30.55 11.82 -9.22
N ARG A 517 29.40 11.89 -8.58
CA ARG A 517 29.16 11.17 -7.33
C ARG A 517 27.82 10.45 -7.38
N LYS A 518 27.58 9.58 -6.41
CA LYS A 518 26.35 8.78 -6.41
C LYS A 518 25.11 9.68 -6.36
N VAL A 519 24.09 9.31 -7.14
CA VAL A 519 22.84 10.05 -7.18
C VAL A 519 22.06 9.82 -5.89
N LYS A 520 21.54 10.90 -5.31
CA LYS A 520 20.79 10.86 -4.06
C LYS A 520 19.31 10.64 -4.35
N ILE A 521 18.75 9.56 -3.81
CA ILE A 521 17.34 9.26 -3.95
C ILE A 521 16.71 9.57 -2.60
N ASN A 522 15.85 10.59 -2.56
CA ASN A 522 15.35 11.13 -1.30
C ASN A 522 13.84 11.24 -1.20
N GLU A 523 13.11 10.74 -2.20
CA GLU A 523 11.65 10.71 -2.17
C GLU A 523 11.22 9.34 -2.69
N THR A 524 9.98 9.00 -2.40
CA THR A 524 9.36 7.75 -2.87
C THR A 524 7.99 8.01 -3.50
N MET A 525 7.77 7.38 -4.66
CA MET A 525 6.45 7.26 -5.27
C MET A 525 6.11 5.79 -5.16
N GLU A 526 5.05 5.48 -4.39
CA GLU A 526 4.58 4.12 -4.26
C GLU A 526 3.36 3.89 -5.12
N GLU A 527 3.49 2.94 -6.02
CA GLU A 527 2.39 2.52 -6.89
C GLU A 527 1.66 1.37 -6.27
N VAL A 528 0.32 1.48 -6.24
CA VAL A 528 -0.54 0.38 -5.82
C VAL A 528 -1.62 0.21 -6.87
N LYS A 529 -1.89 -1.04 -7.23
CA LYS A 529 -2.93 -1.38 -8.21
C LYS A 529 -4.11 -2.01 -7.51
N TYR A 530 -5.31 -1.51 -7.81
CA TYR A 530 -6.54 -1.93 -7.16
C TYR A 530 -7.49 -2.53 -8.19
N TYR A 531 -8.24 -3.54 -7.76
CA TYR A 531 -9.14 -4.28 -8.63
C TYR A 531 -10.59 -3.99 -8.26
N ALA A 532 -11.48 -4.15 -9.21
CA ALA A 532 -12.92 -3.96 -8.98
C ALA A 532 -13.53 -5.21 -8.35
N THR A 533 -14.75 -5.06 -7.84
CA THR A 533 -15.47 -6.17 -7.27
C THR A 533 -16.01 -7.15 -8.30
N ASP A 534 -16.13 -6.73 -9.55
CA ASP A 534 -16.70 -7.56 -10.60
C ASP A 534 -16.02 -7.23 -11.93
N TYR A 535 -16.39 -7.93 -12.99
CA TYR A 535 -15.73 -7.80 -14.27
C TYR A 535 -16.65 -8.28 -15.40
N LEU A 536 -16.20 -8.12 -16.63
CA LEU A 536 -16.81 -8.75 -17.83
C LEU A 536 -18.31 -8.48 -17.97
N LYS A 537 -18.62 -7.24 -18.33
N LYS A 537 -18.62 -7.24 -18.33
CA LYS A 537 -20.01 -6.80 -18.45
CA LYS A 537 -20.01 -6.77 -18.45
C LYS A 537 -20.32 -6.44 -19.90
C LYS A 537 -20.32 -6.43 -19.91
N GLU A 538 -21.49 -6.89 -20.37
CA GLU A 538 -21.97 -6.57 -21.72
C GLU A 538 -22.40 -5.11 -21.82
N ILE A 539 -22.08 -4.51 -22.95
CA ILE A 539 -22.38 -3.10 -23.23
C ILE A 539 -23.67 -2.98 -24.02
N ALA A 540 -24.65 -2.27 -23.44
CA ALA A 540 -25.87 -1.89 -24.14
C ALA A 540 -25.91 -0.37 -24.26
N ALA A 541 -26.43 0.14 -25.38
CA ALA A 541 -26.49 1.60 -25.63
C ALA A 541 -27.29 2.32 -24.54
N GLY A 542 -26.71 3.37 -23.96
CA GLY A 542 -27.34 4.19 -22.95
C GLY A 542 -27.49 3.55 -21.58
N LYS A 543 -27.00 2.32 -21.38
CA LYS A 543 -27.15 1.60 -20.11
C LYS A 543 -25.88 1.79 -19.28
N GLU A 544 -26.04 2.36 -18.10
CA GLU A 544 -24.93 2.58 -17.19
C GLU A 544 -24.33 1.24 -16.72
N LEU A 545 -23.00 1.12 -16.79
CA LEU A 545 -22.26 -0.02 -16.20
C LEU A 545 -21.49 0.52 -15.02
N VAL A 546 -21.74 -0.03 -13.83
CA VAL A 546 -21.16 0.48 -12.60
C VAL A 546 -20.16 -0.53 -12.05
N PHE A 547 -18.95 -0.05 -11.76
CA PHE A 547 -17.89 -0.83 -11.13
C PHE A 547 -17.48 -0.15 -9.83
N ASN A 548 -17.04 -0.95 -8.88
CA ASN A 548 -16.62 -0.46 -7.57
C ASN A 548 -15.20 -0.89 -7.27
N ILE A 549 -14.35 0.06 -6.87
CA ILE A 549 -12.97 -0.20 -6.50
C ILE A 549 -12.81 0.36 -5.09
N ASN A 550 -12.62 -0.54 -4.12
CA ASN A 550 -12.70 -0.21 -2.70
C ASN A 550 -11.41 -0.44 -1.92
N ASN A 551 -11.35 0.11 -0.70
CA ASN A 551 -10.18 0.07 0.17
C ASN A 551 -8.93 0.71 -0.46
N VAL A 552 -9.14 1.74 -1.27
CA VAL A 552 -8.04 2.48 -1.87
C VAL A 552 -7.41 3.39 -0.83
N LYS A 553 -6.09 3.32 -0.70
N LYS A 553 -6.09 3.29 -0.69
CA LYS A 553 -5.39 4.08 0.34
CA LYS A 553 -5.36 4.08 0.29
C LYS A 553 -4.70 5.31 -0.23
C LYS A 553 -4.82 5.33 -0.40
N LYS A 554 -5.27 6.48 0.06
CA LYS A 554 -4.72 7.74 -0.41
C LYS A 554 -3.81 8.38 0.62
N THR A 555 -2.93 9.25 0.11
CA THR A 555 -2.04 10.10 0.90
C THR A 555 -2.32 11.54 0.47
N GLU A 556 -1.59 12.50 1.03
CA GLU A 556 -1.86 13.90 0.72
C GLU A 556 -1.64 14.23 -0.75
N TYR A 557 -0.57 13.71 -1.31
CA TYR A 557 -0.16 13.96 -2.69
C TYR A 557 -0.10 12.65 -3.45
N GLY A 558 -0.68 12.64 -4.64
CA GLY A 558 -0.71 11.44 -5.46
C GLY A 558 -1.26 11.71 -6.85
N GLU A 559 -1.15 10.69 -7.69
CA GLU A 559 -1.76 10.68 -9.03
C GLU A 559 -2.42 9.33 -9.26
N ALA A 560 -3.21 9.24 -10.32
CA ALA A 560 -3.97 8.04 -10.56
C ALA A 560 -4.33 7.85 -12.01
N VAL A 561 -4.50 6.56 -12.37
CA VAL A 561 -4.89 6.13 -13.71
C VAL A 561 -5.94 5.05 -13.62
N ILE A 562 -7.08 5.28 -14.28
CA ILE A 562 -8.11 4.25 -14.39
C ILE A 562 -7.84 3.48 -15.67
N ARG A 563 -8.00 2.17 -15.58
CA ARG A 563 -7.63 1.24 -16.66
C ARG A 563 -8.88 0.53 -17.18
N LEU A 564 -9.39 0.96 -18.33
CA LEU A 564 -10.63 0.44 -18.88
C LEU A 564 -10.35 -0.61 -19.94
N GLY A 565 -10.50 -1.88 -19.58
CA GLY A 565 -10.35 -2.94 -20.59
C GLY A 565 -11.63 -3.01 -21.42
N LEU A 566 -11.50 -2.80 -22.74
CA LEU A 566 -12.67 -2.82 -23.64
C LEU A 566 -12.43 -3.83 -24.74
N GLY A 567 -13.44 -4.66 -25.00
CA GLY A 567 -13.42 -5.58 -26.15
C GLY A 567 -14.65 -5.31 -26.99
N ARG A 568 -14.46 -4.65 -28.13
CA ARG A 568 -15.60 -4.26 -28.99
C ARG A 568 -15.19 -4.42 -30.43
N ASN A 569 -16.16 -4.82 -31.25
CA ASN A 569 -15.98 -4.76 -32.70
C ASN A 569 -15.60 -3.37 -33.19
N HIS A 570 -14.86 -3.32 -34.29
CA HIS A 570 -14.49 -2.07 -34.92
C HIS A 570 -15.73 -1.29 -35.33
N GLY A 571 -15.65 0.02 -35.20
CA GLY A 571 -16.81 0.89 -35.46
C GLY A 571 -17.61 1.28 -34.22
N LEU A 572 -17.38 0.57 -33.12
CA LEU A 572 -18.06 0.86 -31.88
C LEU A 572 -17.19 1.78 -31.02
N SER A 573 -17.88 2.62 -30.25
CA SER A 573 -17.21 3.70 -29.51
C SER A 573 -16.22 3.16 -28.45
N LEU A 574 -15.06 3.80 -28.39
CA LEU A 574 -14.10 3.60 -27.29
C LEU A 574 -14.05 4.85 -26.37
N LEU A 575 -15.12 5.64 -26.42
CA LEU A 575 -15.22 6.91 -25.70
C LEU A 575 -16.54 6.95 -24.92
N PRO A 576 -16.69 6.06 -23.93
CA PRO A 576 -17.86 6.14 -23.08
C PRO A 576 -17.85 7.40 -22.25
N GLU A 577 -19.04 7.77 -21.76
CA GLU A 577 -19.14 8.75 -20.69
C GLU A 577 -18.67 8.09 -19.42
N LEU A 578 -17.74 8.74 -18.72
CA LEU A 578 -17.14 8.20 -17.50
C LEU A 578 -17.42 9.11 -16.34
N LEU A 579 -18.03 8.56 -15.29
CA LEU A 579 -18.20 9.25 -14.02
C LEU A 579 -17.46 8.49 -12.94
N VAL A 580 -16.68 9.21 -12.14
CA VAL A 580 -15.95 8.63 -11.03
C VAL A 580 -16.47 9.35 -9.80
N ASN A 581 -17.09 8.60 -8.90
CA ASN A 581 -17.75 9.18 -7.73
C ASN A 581 -18.69 10.34 -8.11
N GLY A 582 -19.42 10.12 -9.19
CA GLY A 582 -20.38 11.12 -9.68
C GLY A 582 -19.80 12.27 -10.47
N LYS A 583 -18.48 12.34 -10.63
CA LYS A 583 -17.81 13.46 -11.33
C LYS A 583 -17.35 13.02 -12.71
N LYS A 584 -17.57 13.86 -13.71
CA LYS A 584 -17.16 13.57 -15.08
C LYS A 584 -15.64 13.54 -15.21
N VAL A 585 -15.14 12.53 -15.93
CA VAL A 585 -13.73 12.38 -16.24
C VAL A 585 -13.60 12.17 -17.75
N ASP A 586 -12.77 12.97 -18.42
CA ASP A 586 -12.60 12.85 -19.87
C ASP A 586 -11.76 11.64 -20.20
N ILE A 587 -12.09 10.95 -21.29
CA ILE A 587 -11.30 9.83 -21.79
C ILE A 587 -10.42 10.33 -22.92
N PRO A 588 -9.09 10.05 -22.88
CA PRO A 588 -8.23 10.52 -23.97
C PRO A 588 -8.58 9.87 -25.32
N ASP A 589 -8.38 10.63 -26.40
CA ASP A 589 -8.46 10.06 -27.75
C ASP A 589 -7.33 9.08 -28.06
N ASN A 590 -6.15 9.31 -27.48
CA ASN A 590 -5.01 8.43 -27.70
C ASN A 590 -4.83 7.45 -26.54
N PHE A 591 -4.55 6.20 -26.90
CA PHE A 591 -4.26 5.13 -25.93
C PHE A 591 -2.95 4.46 -26.32
N ARG A 592 -2.48 3.58 -25.44
CA ARG A 592 -1.19 2.94 -25.64
C ARG A 592 -1.20 1.99 -26.86
N GLY A 593 -0.39 2.32 -27.86
CA GLY A 593 -0.25 1.51 -29.04
C GLY A 593 -1.30 1.70 -30.13
N ASP A 594 -1.40 0.69 -30.99
CA ASP A 594 -2.03 0.86 -32.29
C ASP A 594 -3.54 0.65 -32.26
N VAL A 595 -4.22 1.12 -33.29
CA VAL A 595 -5.70 1.05 -33.32
C VAL A 595 -6.27 -0.33 -33.66
N GLN A 596 -5.38 -1.30 -33.91
CA GLN A 596 -5.76 -2.70 -34.06
C GLN A 596 -6.54 -2.93 -35.37
N LYS A 597 -6.19 -2.18 -36.41
CA LYS A 597 -6.93 -2.21 -37.70
C LYS A 597 -7.09 -3.63 -38.27
N ASP A 598 -5.99 -4.40 -38.30
CA ASP A 598 -6.00 -5.73 -38.90
C ASP A 598 -6.50 -6.83 -37.96
N ARG A 599 -6.64 -6.54 -36.67
CA ARG A 599 -7.30 -7.45 -35.76
C ARG A 599 -8.80 -7.44 -36.05
N ALA A 600 -9.44 -8.57 -35.76
CA ALA A 600 -10.86 -8.73 -36.06
C ALA A 600 -11.74 -7.82 -35.22
N SER A 601 -11.27 -7.40 -34.05
CA SER A 601 -11.98 -6.48 -33.17
C SER A 601 -10.91 -5.79 -32.32
N PHE A 602 -11.34 -4.78 -31.58
CA PHE A 602 -10.47 -4.09 -30.63
C PHE A 602 -10.57 -4.77 -29.28
N PHE A 603 -9.42 -5.12 -28.70
CA PHE A 603 -9.34 -5.54 -27.29
C PHE A 603 -8.11 -4.87 -26.69
N GLY A 604 -8.33 -3.97 -25.74
CA GLY A 604 -7.22 -3.20 -25.17
C GLY A 604 -7.65 -2.44 -23.95
N VAL A 605 -6.65 -2.07 -23.13
CA VAL A 605 -6.89 -1.18 -22.00
C VAL A 605 -6.69 0.29 -22.40
N ILE A 606 -7.72 1.08 -22.19
CA ILE A 606 -7.65 2.52 -22.33
C ILE A 606 -7.29 3.08 -20.96
N GLU A 607 -6.12 3.71 -20.90
CA GLU A 607 -5.61 4.31 -19.67
C GLU A 607 -6.11 5.76 -19.55
N VAL A 608 -6.76 6.07 -18.43
CA VAL A 608 -7.46 7.33 -18.22
C VAL A 608 -6.89 8.03 -16.98
N PRO A 609 -6.08 9.08 -17.17
CA PRO A 609 -5.66 9.86 -16.00
C PRO A 609 -6.87 10.41 -15.28
N VAL A 610 -6.84 10.44 -13.95
CA VAL A 610 -7.96 10.93 -13.16
C VAL A 610 -7.45 11.82 -12.04
N ASP A 611 -8.09 12.96 -11.87
CA ASP A 611 -7.76 13.90 -10.81
C ASP A 611 -7.81 13.17 -9.46
N TYR A 612 -6.67 13.20 -8.76
CA TYR A 612 -6.53 12.53 -7.46
C TYR A 612 -7.58 12.97 -6.43
N SER A 613 -7.97 14.26 -6.49
CA SER A 613 -8.97 14.78 -5.55
C SER A 613 -10.36 14.20 -5.69
N ILE A 614 -10.69 13.63 -6.85
CA ILE A 614 -11.98 12.96 -7.08
C ILE A 614 -12.06 11.61 -6.38
N LEU A 615 -10.91 11.00 -6.14
CA LEU A 615 -10.88 9.64 -5.58
C LEU A 615 -11.10 9.64 -4.06
N LYS A 616 -11.57 8.51 -3.58
CA LYS A 616 -11.82 8.27 -2.16
C LYS A 616 -11.31 6.87 -1.84
N GLY A 617 -11.64 6.36 -0.66
CA GLY A 617 -11.34 4.96 -0.33
C GLY A 617 -12.20 3.98 -1.07
N ASN A 618 -13.51 4.25 -1.13
CA ASN A 618 -14.45 3.43 -1.89
C ASN A 618 -14.96 4.24 -3.06
N ASN A 619 -14.75 3.71 -4.26
CA ASN A 619 -14.96 4.47 -5.49
C ASN A 619 -15.95 3.80 -6.40
N THR A 620 -16.82 4.59 -7.02
N THR A 620 -16.89 4.58 -6.95
CA THR A 620 -17.82 4.10 -7.95
CA THR A 620 -17.76 4.11 -8.02
C THR A 620 -17.45 4.65 -9.33
C THR A 620 -17.22 4.64 -9.32
N ILE A 621 -17.22 3.75 -10.32
CA ILE A 621 -16.80 4.11 -11.66
C ILE A 621 -17.92 3.69 -12.60
N SER A 622 -18.53 4.66 -13.28
CA SER A 622 -19.69 4.44 -14.14
C SER A 622 -19.31 4.71 -15.59
N LEU A 623 -19.70 3.79 -16.47
CA LEU A 623 -19.47 3.91 -17.91
C LEU A 623 -20.79 3.85 -18.66
N LYS A 624 -20.94 4.73 -19.65
CA LYS A 624 -22.13 4.69 -20.51
C LYS A 624 -21.72 4.89 -21.95
N PHE A 625 -22.03 3.90 -22.77
CA PHE A 625 -21.69 3.92 -24.18
C PHE A 625 -22.91 4.34 -25.00
N PRO A 626 -22.68 4.96 -26.17
CA PRO A 626 -23.78 5.40 -27.06
C PRO A 626 -24.32 4.30 -27.97
N ASP A 627 -23.68 3.13 -27.98
CA ASP A 627 -23.97 2.07 -28.96
C ASP A 627 -23.93 0.69 -28.32
N ASN A 628 -24.52 -0.29 -29.01
CA ASN A 628 -24.66 -1.65 -28.50
C ASN A 628 -23.48 -2.52 -28.90
N GLY A 629 -23.08 -3.43 -28.00
CA GLY A 629 -22.19 -4.53 -28.36
C GLY A 629 -20.89 -4.52 -27.62
N GLY A 630 -20.35 -5.71 -27.46
CA GLY A 630 -19.04 -5.89 -26.83
C GLY A 630 -19.14 -5.89 -25.32
N HIS A 631 -17.97 -5.80 -24.69
CA HIS A 631 -17.85 -5.90 -23.24
C HIS A 631 -16.85 -4.93 -22.69
N VAL A 632 -17.09 -4.53 -21.45
CA VAL A 632 -16.02 -4.02 -20.57
C VAL A 632 -15.45 -5.26 -19.88
N SER A 633 -14.21 -5.60 -20.22
CA SER A 633 -13.57 -6.79 -19.66
C SER A 633 -13.16 -6.57 -18.20
N THR A 634 -12.47 -5.46 -17.94
CA THR A 634 -11.99 -5.13 -16.59
C THR A 634 -11.99 -3.63 -16.38
N VAL A 635 -12.16 -3.24 -15.12
CA VAL A 635 -11.87 -1.90 -14.66
C VAL A 635 -10.97 -2.04 -13.45
N THR A 636 -9.75 -1.51 -13.58
CA THR A 636 -8.76 -1.50 -12.48
C THR A 636 -8.19 -0.11 -12.36
N MET A 637 -7.39 0.13 -11.34
CA MET A 637 -6.85 1.48 -11.11
C MET A 637 -5.47 1.42 -10.50
N GLN A 638 -4.56 2.21 -11.04
CA GLN A 638 -3.25 2.46 -10.42
C GLN A 638 -3.27 3.78 -9.65
N ILE A 639 -2.80 3.72 -8.42
CA ILE A 639 -2.63 4.89 -7.55
C ILE A 639 -1.13 5.07 -7.35
N PHE A 640 -0.65 6.31 -7.46
CA PHE A 640 0.75 6.65 -7.27
C PHE A 640 0.83 7.65 -6.14
N ASN A 641 1.23 7.19 -4.95
CA ASN A 641 1.29 8.03 -3.76
C ASN A 641 2.69 8.56 -3.51
N PHE A 642 2.80 9.85 -3.20
N PHE A 642 2.82 9.85 -3.22
CA PHE A 642 4.07 10.51 -3.03
CA PHE A 642 4.14 10.49 -3.07
C PHE A 642 4.46 10.67 -1.56
C PHE A 642 4.48 10.80 -1.62
N SER A 643 5.76 10.67 -1.30
CA SER A 643 6.27 10.91 0.08
C SER A 643 6.17 12.37 0.50
N ASN A 644 6.18 13.28 -0.47
N ASN A 644 6.16 13.28 -0.47
CA ASN A 644 6.01 14.71 -0.23
CA ASN A 644 5.98 14.71 -0.22
C ASN A 644 5.38 15.33 -1.48
C ASN A 644 5.37 15.33 -1.47
N ASN A 645 5.21 16.65 -1.47
CA ASN A 645 4.71 17.38 -2.63
C ASN A 645 5.76 17.48 -3.73
N ILE A 646 6.03 16.36 -4.42
CA ILE A 646 7.10 16.34 -5.42
C ILE A 646 6.77 17.08 -6.73
N ARG A 647 5.48 17.30 -6.99
CA ARG A 647 5.04 18.12 -8.12
C ARG A 647 5.04 19.63 -7.83
N GLY A 648 5.14 20.02 -6.55
CA GLY A 648 5.09 21.43 -6.17
C GLY A 648 3.74 22.11 -6.42
N ILE A 649 2.65 21.37 -6.27
CA ILE A 649 1.29 21.93 -6.49
C ILE A 649 0.84 22.83 -5.33
N GLN B 24 9.00 -12.53 31.96
CA GLN B 24 9.25 -11.14 31.46
C GLN B 24 8.60 -10.87 30.11
N THR B 25 8.36 -9.59 29.87
CA THR B 25 7.88 -9.10 28.60
C THR B 25 9.09 -8.69 27.78
N HIS B 26 9.16 -9.17 26.54
N HIS B 26 9.15 -9.18 26.54
CA HIS B 26 10.25 -8.80 25.65
CA HIS B 26 10.21 -8.82 25.63
C HIS B 26 9.87 -7.62 24.77
C HIS B 26 9.82 -7.59 24.84
N VAL B 27 10.70 -6.59 24.79
CA VAL B 27 10.47 -5.41 23.97
C VAL B 27 11.65 -5.28 23.03
N GLN B 28 11.37 -5.20 21.73
CA GLN B 28 12.38 -5.13 20.66
C GLN B 28 12.31 -3.77 19.98
N LEU B 29 13.46 -3.12 19.79
CA LEU B 29 13.59 -1.89 19.02
C LEU B 29 14.45 -2.21 17.80
N ASN B 30 13.87 -2.10 16.61
CA ASN B 30 14.58 -2.36 15.37
C ASN B 30 14.84 -1.03 14.72
N LEU B 31 15.94 -0.40 15.16
CA LEU B 31 16.14 1.02 14.83
C LEU B 31 16.61 1.30 13.40
N ASN B 32 16.85 0.26 12.60
CA ASN B 32 17.12 0.41 11.18
C ASN B 32 15.88 0.24 10.28
N VAL B 33 14.71 -0.01 10.90
CA VAL B 33 13.50 -0.29 10.14
C VAL B 33 12.48 0.85 10.33
N LYS B 34 12.33 1.66 9.31
CA LYS B 34 11.34 2.75 9.33
C LYS B 34 9.93 2.18 9.46
N HIS B 35 9.08 2.82 10.26
CA HIS B 35 7.67 2.46 10.35
C HIS B 35 6.86 3.56 9.68
N LYS B 36 6.42 3.26 8.46
CA LYS B 36 5.62 4.20 7.66
C LYS B 36 4.14 3.86 7.82
N LEU B 37 3.32 4.91 7.86
CA LEU B 37 1.88 4.77 7.96
C LEU B 37 1.28 5.85 7.10
N GLY B 38 0.71 5.46 5.97
CA GLY B 38 0.32 6.45 4.96
C GLY B 38 1.56 7.20 4.49
N ASP B 39 1.51 8.53 4.48
CA ASP B 39 2.71 9.32 4.20
C ASP B 39 3.37 9.85 5.50
N VAL B 40 2.99 9.32 6.65
CA VAL B 40 3.59 9.75 7.91
C VAL B 40 4.73 8.81 8.29
N THR B 41 5.91 9.40 8.44
CA THR B 41 7.08 8.68 8.89
C THR B 41 7.79 9.30 10.10
N GLU B 42 7.30 10.42 10.62
N GLU B 42 7.31 10.46 10.59
CA GLU B 42 7.99 11.15 11.67
CA GLU B 42 7.97 11.24 11.63
C GLU B 42 7.05 11.47 12.82
C GLU B 42 7.04 11.44 12.82
N PHE B 43 7.62 11.67 14.00
CA PHE B 43 6.85 12.17 15.14
C PHE B 43 6.44 13.60 14.86
N ASN B 44 5.20 13.94 15.12
CA ASN B 44 4.70 15.29 14.87
C ASN B 44 4.52 15.98 16.21
N ARG B 45 5.53 16.71 16.67
CA ARG B 45 5.46 17.34 17.98
C ARG B 45 4.28 18.32 18.07
N PRO B 46 4.06 19.18 17.07
CA PRO B 46 2.90 20.08 17.22
C PRO B 46 1.57 19.37 17.38
N LYS B 47 1.37 18.25 16.72
CA LYS B 47 0.11 17.49 16.76
C LYS B 47 -0.12 16.85 18.14
N PHE B 48 0.97 16.54 18.85
CA PHE B 48 0.92 15.71 20.06
C PHE B 48 1.42 16.34 21.35
N ILE B 49 2.50 17.12 21.30
CA ILE B 49 3.07 17.68 22.52
C ILE B 49 2.62 19.13 22.61
N ASN B 50 1.44 19.31 23.21
CA ASN B 50 0.77 20.62 23.17
C ASN B 50 -0.08 20.77 24.42
N PHE B 51 -0.73 21.92 24.58
CA PHE B 51 -1.72 22.04 25.67
C PHE B 51 -2.72 23.16 25.32
N HIS B 52 -3.74 23.20 26.15
CA HIS B 52 -4.96 23.92 25.86
C HIS B 52 -4.83 25.37 26.32
N ALA B 53 -4.08 26.14 25.54
CA ALA B 53 -3.79 27.53 25.88
C ALA B 53 -3.53 28.31 24.63
N THR B 54 -3.28 29.60 24.77
CA THR B 54 -2.86 30.43 23.64
C THR B 54 -1.66 31.25 24.09
N ILE B 55 -0.91 31.74 23.14
CA ILE B 55 0.30 32.51 23.45
C ILE B 55 -0.05 33.87 24.03
N ASN B 56 -1.25 34.38 23.74
CA ASN B 56 -1.62 35.74 24.13
C ASN B 56 -2.56 35.88 25.32
N GLU B 57 -2.93 34.78 25.97
N GLU B 57 -2.93 34.77 25.97
CA GLU B 57 -3.76 34.90 27.17
CA GLU B 57 -3.76 34.87 27.18
C GLU B 57 -2.99 35.65 28.26
C GLU B 57 -3.00 35.61 28.29
N ASN B 58 -3.74 36.31 29.14
CA ASN B 58 -3.13 37.12 30.22
C ASN B 58 -2.41 36.32 31.30
N TYR B 59 -2.79 35.05 31.44
CA TYR B 59 -2.24 34.18 32.50
C TYR B 59 -0.70 34.05 32.56
N TRP B 60 -0.03 34.21 31.43
CA TRP B 60 1.42 34.08 31.35
C TRP B 60 2.24 35.15 32.09
N ASP B 61 1.61 36.31 32.31
N ASP B 61 1.68 36.35 32.26
CA ASP B 61 2.31 37.56 32.56
CA ASP B 61 2.49 37.52 32.65
C ASP B 61 2.18 38.12 33.98
C ASP B 61 2.15 38.15 33.99
N SER B 62 1.65 37.35 34.93
CA SER B 62 1.46 37.84 36.31
C SER B 62 1.34 36.75 37.36
N ALA B 63 1.82 37.04 38.57
CA ALA B 63 1.68 36.22 39.76
C ALA B 63 2.45 34.87 39.73
N ASN B 64 3.47 34.77 38.87
CA ASN B 64 4.27 33.53 38.76
C ASN B 64 5.60 33.60 39.51
N LYS B 65 5.96 32.53 40.20
CA LYS B 65 7.30 32.38 40.75
C LYS B 65 8.29 32.16 39.61
N ILE B 66 7.84 31.50 38.54
CA ILE B 66 8.64 31.24 37.35
C ILE B 66 8.89 32.55 36.59
N ALA B 67 10.13 32.82 36.15
N ALA B 67 10.18 32.78 36.33
CA ALA B 67 10.51 34.18 35.66
CA ALA B 67 10.63 33.80 35.45
C ALA B 67 9.74 34.78 34.44
C ALA B 67 10.35 33.28 34.05
N ASP B 68 9.76 34.14 33.29
CA ASP B 68 9.30 34.17 31.93
C ASP B 68 8.69 32.84 31.57
N LEU B 69 7.43 32.66 31.97
CA LEU B 69 6.78 31.39 31.83
C LEU B 69 6.68 30.94 30.36
N ARG B 70 6.46 31.84 29.40
CA ARG B 70 6.46 31.42 28.00
C ARG B 70 7.81 30.78 27.61
N ASP B 71 8.90 31.43 28.00
CA ASP B 71 10.22 30.89 27.66
C ASP B 71 10.49 29.57 28.37
N ASP B 72 10.09 29.49 29.64
CA ASP B 72 10.30 28.30 30.43
C ASP B 72 9.47 27.12 29.97
N LEU B 73 8.20 27.34 29.61
CA LEU B 73 7.32 26.22 29.23
C LEU B 73 7.38 25.96 27.74
N ILE B 74 7.03 26.97 26.94
N ILE B 74 7.01 26.95 26.92
CA ILE B 74 6.91 26.79 25.50
CA ILE B 74 6.91 26.75 25.49
C ILE B 74 8.26 26.59 24.82
C ILE B 74 8.30 26.54 24.87
N ARG B 75 9.21 27.46 25.11
CA ARG B 75 10.50 27.39 24.42
C ARG B 75 11.39 26.30 24.97
N LYS B 76 11.57 26.26 26.29
CA LYS B 76 12.49 25.28 26.87
C LYS B 76 12.06 23.84 26.63
N TYR B 77 10.76 23.56 26.68
CA TYR B 77 10.26 22.17 26.51
C TYR B 77 9.75 21.91 25.11
N ASP B 78 9.72 22.93 24.25
CA ASP B 78 9.24 22.79 22.86
C ASP B 78 7.81 22.25 22.85
N VAL B 79 6.93 23.08 23.40
CA VAL B 79 5.50 22.72 23.60
C VAL B 79 4.66 23.64 22.74
N TYR B 80 3.67 23.04 22.09
CA TYR B 80 2.83 23.73 21.12
C TYR B 80 1.44 24.06 21.71
N VAL B 81 0.77 25.00 21.06
CA VAL B 81 -0.60 25.41 21.42
C VAL B 81 -1.39 25.47 20.11
N GLY B 82 -2.73 25.53 20.16
CA GLY B 82 -3.56 25.56 21.36
C GLY B 82 -5.04 25.57 20.96
N ARG B 83 -5.86 25.91 21.92
CA ARG B 83 -7.33 25.96 21.70
C ARG B 83 -7.88 27.07 22.54
N GLU B 84 -8.90 27.78 22.04
CA GLU B 84 -9.46 28.89 22.81
C GLU B 84 -10.90 29.16 22.43
N THR B 85 -11.73 29.30 23.44
CA THR B 85 -13.16 29.57 23.27
C THR B 85 -13.61 30.85 23.93
N GLY B 86 -12.80 31.46 24.78
CA GLY B 86 -13.22 32.58 25.59
C GLY B 86 -13.37 33.88 24.86
N MET B 87 -12.45 34.19 23.95
N MET B 87 -12.45 34.18 23.95
CA MET B 87 -12.51 35.47 23.23
CA MET B 87 -12.51 35.45 23.24
C MET B 87 -13.74 35.53 22.33
C MET B 87 -13.72 35.52 22.31
N ILE B 88 -13.99 34.46 21.57
CA ILE B 88 -15.16 34.45 20.71
C ILE B 88 -16.45 34.53 21.52
N LYS B 89 -16.46 33.91 22.71
CA LYS B 89 -17.63 34.01 23.60
C LYS B 89 -17.85 35.43 24.06
N THR B 90 -16.78 36.13 24.41
CA THR B 90 -16.89 37.50 24.91
C THR B 90 -17.37 38.42 23.80
N VAL B 91 -16.88 38.24 22.57
CA VAL B 91 -17.39 39.04 21.47
C VAL B 91 -18.87 38.76 21.23
N LEU B 92 -19.27 37.49 21.18
CA LEU B 92 -20.68 37.18 20.99
C LEU B 92 -21.55 37.75 22.09
N ARG B 93 -21.09 37.68 23.33
CA ARG B 93 -21.88 38.18 24.45
C ARG B 93 -22.07 39.68 24.40
N ASN B 94 -21.14 40.39 23.78
CA ASN B 94 -21.12 41.85 23.78
C ASN B 94 -21.56 42.51 22.50
N VAL B 95 -21.70 41.75 21.43
CA VAL B 95 -22.01 42.38 20.12
C VAL B 95 -23.47 42.80 20.05
N LYS B 96 -23.70 43.99 19.49
CA LYS B 96 -25.08 44.45 19.34
C LYS B 96 -25.79 43.70 18.21
N GLU B 97 -27.12 43.75 18.28
CA GLU B 97 -27.99 43.08 17.32
C GLU B 97 -28.13 43.91 16.05
N ASP B 98 -28.26 43.25 14.93
CA ASP B 98 -28.49 43.93 13.65
C ASP B 98 -29.89 44.59 13.71
N PRO B 99 -29.98 45.93 13.57
CA PRO B 99 -31.32 46.54 13.60
C PRO B 99 -32.22 46.16 12.42
N GLU B 100 -31.64 45.64 11.35
CA GLU B 100 -32.42 45.18 10.18
C GLU B 100 -32.80 43.72 10.26
N ARG B 101 -32.17 42.94 11.15
CA ARG B 101 -32.37 41.49 11.22
C ARG B 101 -32.35 41.02 12.68
N PRO B 102 -33.53 40.96 13.34
CA PRO B 102 -33.55 40.45 14.69
C PRO B 102 -32.95 39.05 14.76
N GLY B 103 -32.17 38.82 15.80
CA GLY B 103 -31.53 37.53 16.01
C GLY B 103 -30.23 37.32 15.27
N PHE B 104 -29.75 38.36 14.59
CA PHE B 104 -28.42 38.36 13.96
C PHE B 104 -27.52 39.38 14.64
N ALA B 105 -26.24 39.04 14.77
CA ALA B 105 -25.23 40.01 15.20
C ALA B 105 -25.12 41.13 14.16
N ASP B 106 -25.01 42.37 14.64
CA ASP B 106 -24.83 43.49 13.73
C ASP B 106 -23.47 43.41 13.04
N PRO B 107 -23.45 43.37 11.69
CA PRO B 107 -22.15 43.26 11.05
C PRO B 107 -21.18 44.39 11.36
N ASP B 108 -21.67 45.62 11.47
CA ASP B 108 -20.78 46.74 11.81
C ASP B 108 -20.21 46.64 13.21
N ASP B 109 -21.04 46.37 14.21
CA ASP B 109 -20.51 46.25 15.55
C ASP B 109 -19.60 45.05 15.69
N LEU B 110 -19.91 43.97 15.00
CA LEU B 110 -19.03 42.79 15.03
C LEU B 110 -17.67 43.14 14.46
N ALA B 111 -17.65 43.84 13.33
CA ALA B 111 -16.38 44.29 12.76
C ALA B 111 -15.63 45.21 13.71
N ARG B 112 -16.32 46.08 14.43
N ARG B 112 -16.34 46.09 14.42
CA ARG B 112 -15.66 47.00 15.38
CA ARG B 112 -15.73 47.02 15.39
C ARG B 112 -15.05 46.28 16.58
C ARG B 112 -15.05 46.24 16.50
N LEU B 113 -15.78 45.33 17.17
CA LEU B 113 -15.22 44.55 18.27
C LEU B 113 -14.03 43.72 17.82
N CYS B 114 -14.13 43.08 16.67
CA CYS B 114 -13.03 42.30 16.13
C CYS B 114 -11.81 43.16 15.82
N SER B 115 -12.02 44.40 15.36
N SER B 115 -12.03 44.34 15.24
CA SER B 115 -10.91 45.32 15.11
CA SER B 115 -10.95 45.27 14.94
C SER B 115 -10.25 45.77 16.40
C SER B 115 -10.25 45.75 16.21
N GLN B 116 -11.05 46.02 17.41
N GLN B 116 -11.00 46.01 17.28
CA GLN B 116 -10.54 46.36 18.71
CA GLN B 116 -10.43 46.36 18.60
C GLN B 116 -9.63 45.25 19.24
C GLN B 116 -9.55 45.23 19.11
N ASN B 117 -10.05 44.00 19.09
CA ASN B 117 -9.24 42.85 19.54
C ASN B 117 -8.02 42.65 18.66
N LYS B 118 -8.15 42.88 17.35
N LYS B 118 -8.16 42.86 17.36
CA LYS B 118 -7.02 42.77 16.43
CA LYS B 118 -7.04 42.77 16.44
C LYS B 118 -5.94 43.79 16.72
C LYS B 118 -5.97 43.77 16.88
N LYS B 119 -6.35 45.02 17.04
CA LYS B 119 -5.39 46.06 17.45
C LYS B 119 -4.68 45.66 18.72
N ARG B 120 -5.38 45.08 19.70
CA ARG B 120 -4.75 44.62 20.93
C ARG B 120 -3.70 43.54 20.63
N TYR B 121 -4.02 42.60 19.74
CA TYR B 121 -3.04 41.57 19.35
C TYR B 121 -1.82 42.21 18.70
N VAL B 122 -2.04 43.11 17.75
CA VAL B 122 -1.00 43.82 17.02
C VAL B 122 -0.05 44.55 17.96
N GLN B 123 -0.58 45.14 19.01
CA GLN B 123 0.20 45.89 20.01
C GLN B 123 0.92 44.97 21.01
N ASN B 124 0.51 43.71 21.08
CA ASN B 124 1.08 42.76 22.02
C ASN B 124 2.30 42.08 21.41
N THR B 125 3.34 42.88 21.13
CA THR B 125 4.46 42.39 20.37
C THR B 125 5.32 41.33 21.09
N LYS B 126 5.24 41.28 22.41
CA LYS B 126 6.01 40.27 23.15
C LYS B 126 5.60 38.84 22.79
N VAL B 127 4.38 38.61 22.32
CA VAL B 127 3.94 37.26 22.02
C VAL B 127 4.20 36.86 20.58
N HIS B 128 4.46 37.82 19.70
CA HIS B 128 4.59 37.50 18.28
C HIS B 128 5.66 36.46 17.95
N PRO B 129 6.80 36.47 18.69
CA PRO B 129 7.80 35.44 18.39
C PRO B 129 7.35 34.03 18.71
N TYR B 130 6.25 33.87 19.47
CA TYR B 130 5.74 32.54 19.79
C TYR B 130 4.73 32.00 18.79
N GLU B 131 4.42 32.77 17.74
CA GLU B 131 3.51 32.27 16.69
C GLU B 131 3.94 30.97 16.05
N LYS B 132 5.25 30.73 15.97
CA LYS B 132 5.74 29.47 15.40
C LYS B 132 5.37 28.23 16.24
N TYR B 133 4.96 28.43 17.50
CA TYR B 133 4.48 27.35 18.34
C TYR B 133 2.95 27.19 18.33
N SER B 134 2.26 27.99 17.54
CA SER B 134 0.78 28.08 17.65
C SER B 134 0.08 27.66 16.37
N ASN B 135 -0.88 26.74 16.52
CA ASN B 135 -1.83 26.36 15.47
C ASN B 135 -3.18 26.24 16.19
N LEU B 136 -4.00 27.29 16.08
CA LEU B 136 -5.16 27.40 16.94
C LEU B 136 -6.32 26.52 16.49
N ILE B 137 -6.92 25.85 17.48
CA ILE B 137 -8.24 25.26 17.35
C ILE B 137 -9.23 26.27 17.92
N LEU B 138 -10.11 26.78 17.08
CA LEU B 138 -11.19 27.68 17.52
C LEU B 138 -12.46 26.88 17.72
N CYS B 139 -13.23 27.22 18.77
CA CYS B 139 -14.49 26.54 19.00
C CYS B 139 -15.40 27.50 19.75
N ASN B 140 -16.70 27.32 19.59
CA ASN B 140 -17.67 28.01 20.42
C ASN B 140 -18.08 27.16 21.62
N GLN B 141 -18.13 27.77 22.79
N GLN B 141 -18.09 27.77 22.80
CA GLN B 141 -18.85 27.16 23.88
CA GLN B 141 -18.81 27.19 23.94
C GLN B 141 -20.33 27.12 23.59
C GLN B 141 -20.30 27.14 23.62
N PHE B 142 -21.03 26.29 24.32
CA PHE B 142 -22.42 26.02 24.00
C PHE B 142 -23.30 27.27 23.93
N SER B 143 -23.23 28.12 24.95
CA SER B 143 -24.08 29.31 24.99
C SER B 143 -23.26 30.58 24.99
N PRO B 144 -23.72 31.65 24.35
CA PRO B 144 -25.03 31.78 23.73
C PRO B 144 -25.04 31.38 22.24
N PHE B 145 -23.98 30.70 21.76
CA PHE B 145 -23.89 30.36 20.34
C PHE B 145 -25.03 29.47 19.85
N TYR B 146 -25.42 28.47 20.63
CA TYR B 146 -26.46 27.54 20.17
C TYR B 146 -27.81 28.26 20.21
N PRO B 147 -28.66 28.09 19.19
CA PRO B 147 -29.96 28.80 19.16
C PRO B 147 -31.01 28.15 20.08
N ASP B 148 -30.91 28.42 21.37
CA ASP B 148 -31.88 27.94 22.35
C ASP B 148 -32.63 29.09 23.06
N GLY B 149 -32.46 30.32 22.58
CA GLY B 149 -33.12 31.49 23.15
C GLY B 149 -32.33 32.20 24.25
N THR B 150 -31.12 31.72 24.58
CA THR B 150 -30.31 32.37 25.61
C THR B 150 -29.85 33.72 25.10
N LYS B 151 -30.16 34.76 25.86
CA LYS B 151 -29.80 36.10 25.45
C LYS B 151 -28.34 36.42 25.76
N THR B 152 -27.75 37.25 24.91
CA THR B 152 -26.41 37.80 25.15
C THR B 152 -26.49 38.86 26.27
N LEU B 153 -25.35 39.46 26.59
CA LEU B 153 -25.34 40.56 27.57
C LEU B 153 -25.92 41.85 26.99
N LYS B 154 -26.20 41.87 25.69
CA LYS B 154 -26.93 42.96 25.04
C LYS B 154 -28.43 42.70 24.94
N GLY B 155 -28.92 41.59 25.48
CA GLY B 155 -30.35 41.37 25.66
C GLY B 155 -31.10 40.74 24.52
N TRP B 156 -30.39 40.16 23.56
CA TRP B 156 -31.02 39.52 22.40
C TRP B 156 -30.42 38.13 22.21
N ALA B 157 -31.19 37.25 21.58
CA ALA B 157 -30.79 35.87 21.34
C ALA B 157 -30.60 35.59 19.86
N LEU B 158 -29.66 34.72 19.54
CA LEU B 158 -29.49 34.31 18.16
C LEU B 158 -30.78 33.67 17.60
N SER B 159 -31.06 33.96 16.34
CA SER B 159 -32.27 33.47 15.71
C SER B 159 -32.45 31.97 15.83
N GLN B 160 -33.65 31.54 16.20
CA GLN B 160 -34.03 30.12 16.27
C GLN B 160 -34.83 29.66 15.06
N LYS B 161 -34.92 30.50 14.03
N LYS B 161 -34.92 30.50 14.03
CA LYS B 161 -35.68 30.19 12.84
CA LYS B 161 -35.68 30.16 12.84
C LYS B 161 -35.11 28.93 12.15
C LYS B 161 -35.12 28.92 12.16
N ASP B 162 -35.99 28.15 11.52
CA ASP B 162 -35.56 26.94 10.80
C ASP B 162 -36.47 26.75 9.59
N THR B 163 -36.17 27.47 8.53
CA THR B 163 -36.91 27.42 7.26
C THR B 163 -35.97 27.08 6.12
N GLU B 164 -36.51 26.84 4.92
CA GLU B 164 -35.68 26.57 3.77
C GLU B 164 -34.73 27.74 3.49
N ASP B 165 -35.22 28.96 3.59
CA ASP B 165 -34.40 30.16 3.33
C ASP B 165 -33.46 30.50 4.49
N GLU B 166 -33.86 30.14 5.71
CA GLU B 166 -33.04 30.41 6.91
C GLU B 166 -33.00 29.16 7.77
N PRO B 167 -32.12 28.19 7.40
CA PRO B 167 -32.07 26.95 8.19
C PRO B 167 -31.49 27.18 9.58
N PHE B 168 -31.86 26.31 10.50
CA PHE B 168 -31.45 26.38 11.90
C PHE B 168 -29.96 26.63 12.05
N GLY B 169 -29.62 27.74 12.68
CA GLY B 169 -28.20 28.10 12.87
C GLY B 169 -27.65 29.12 11.89
N THR B 170 -28.46 29.64 10.94
CA THR B 170 -27.95 30.57 9.96
C THR B 170 -27.28 31.79 10.64
N ALA B 171 -27.97 32.41 11.61
CA ALA B 171 -27.41 33.57 12.28
C ALA B 171 -26.15 33.22 13.08
N SER B 172 -26.18 32.12 13.81
CA SER B 172 -25.00 31.65 14.53
C SER B 172 -23.83 31.47 13.56
N GLY B 173 -24.10 30.87 12.42
CA GLY B 173 -23.07 30.64 11.41
C GLY B 173 -22.50 31.90 10.83
N GLU B 174 -23.37 32.86 10.54
CA GLU B 174 -22.91 34.12 10.01
C GLU B 174 -22.03 34.82 11.02
N PHE B 175 -22.43 34.78 12.30
CA PHE B 175 -21.57 35.35 13.35
C PHE B 175 -20.19 34.71 13.31
N TYR B 176 -20.15 33.38 13.25
CA TYR B 176 -18.88 32.67 13.32
C TYR B 176 -18.01 32.98 12.11
N GLY B 177 -18.62 32.96 10.94
CA GLY B 177 -17.87 33.30 9.72
C GLY B 177 -17.33 34.71 9.69
N ARG B 178 -18.16 35.66 10.03
CA ARG B 178 -17.74 37.06 10.13
C ARG B 178 -16.65 37.26 11.16
N TYR B 179 -16.80 36.62 12.32
CA TYR B 179 -15.79 36.74 13.37
C TYR B 179 -14.41 36.29 12.85
N ILE B 180 -14.36 35.13 12.23
CA ILE B 180 -13.09 34.59 11.72
C ILE B 180 -12.50 35.56 10.70
N LYS B 181 -13.33 36.04 9.76
CA LYS B 181 -12.86 36.94 8.71
C LYS B 181 -12.40 38.31 9.26
N GLU B 182 -13.10 38.84 10.26
CA GLU B 182 -12.84 40.19 10.76
C GLU B 182 -11.67 40.20 11.74
N TYR B 183 -11.56 39.21 12.62
CA TYR B 183 -10.57 39.26 13.69
C TYR B 183 -9.15 38.84 13.27
N PHE B 184 -9.03 37.73 12.59
CA PHE B 184 -7.71 37.13 12.32
C PHE B 184 -7.00 37.84 11.15
N GLY B 185 -5.68 37.87 11.25
CA GLY B 185 -4.82 38.36 10.17
C GLY B 185 -3.87 37.28 9.72
N GLU B 186 -2.62 37.69 9.49
CA GLU B 186 -1.59 36.82 8.95
C GLU B 186 -0.33 36.76 9.83
N GLY B 187 -0.43 37.19 11.08
CA GLY B 187 0.69 37.15 12.01
C GLY B 187 1.19 38.53 12.39
N GLY B 188 1.65 38.65 13.62
CA GLY B 188 2.32 39.83 14.08
C GLY B 188 1.51 41.09 13.93
N GLU B 189 2.11 42.09 13.29
CA GLU B 189 1.46 43.39 13.16
C GLU B 189 0.33 43.40 12.12
N SER B 190 0.07 42.27 11.44
CA SER B 190 -1.14 42.10 10.63
C SER B 190 -2.30 41.45 11.39
N GLY B 191 -2.06 41.00 12.62
CA GLY B 191 -3.11 40.40 13.43
C GLY B 191 -2.82 38.94 13.71
N GLU B 192 -3.66 38.31 14.53
CA GLU B 192 -3.42 36.94 14.97
C GLU B 192 -3.58 35.99 13.79
N PRO B 193 -2.67 35.02 13.60
CA PRO B 193 -2.85 34.07 12.50
C PRO B 193 -4.21 33.36 12.55
N LYS B 194 -4.75 33.04 11.38
CA LYS B 194 -6.01 32.34 11.30
C LYS B 194 -5.92 30.99 12.00
N PRO B 195 -7.03 30.51 12.57
CA PRO B 195 -7.02 29.16 13.14
C PRO B 195 -6.72 28.11 12.11
N GLY B 196 -6.05 27.04 12.54
CA GLY B 196 -5.93 25.86 11.71
C GLY B 196 -7.20 25.08 11.54
N PHE B 197 -8.08 25.12 12.56
CA PHE B 197 -9.26 24.29 12.63
C PHE B 197 -10.35 25.05 13.36
N CYS B 198 -11.58 24.97 12.84
CA CYS B 198 -12.78 25.53 13.50
C CYS B 198 -13.75 24.43 13.85
N GLU B 199 -13.77 24.07 15.13
CA GLU B 199 -14.84 23.22 15.63
C GLU B 199 -16.11 24.06 15.71
N VAL B 200 -17.27 23.44 15.49
CA VAL B 200 -18.53 24.18 15.51
C VAL B 200 -18.89 24.57 16.96
N ILE B 201 -18.98 23.59 17.83
CA ILE B 201 -19.53 23.80 19.18
C ILE B 201 -19.04 22.76 20.16
N ASN B 202 -18.73 23.21 21.38
CA ASN B 202 -18.13 22.34 22.37
C ASN B 202 -19.18 21.49 23.11
N GLU B 203 -19.03 20.17 23.09
CA GLU B 203 -19.85 19.26 23.94
C GLU B 203 -21.34 19.58 23.94
N PRO B 204 -21.93 19.65 22.74
CA PRO B 204 -23.30 20.14 22.63
C PRO B 204 -24.37 19.21 23.21
N LEU B 205 -24.22 17.90 23.07
CA LEU B 205 -25.22 16.99 23.61
C LEU B 205 -25.18 16.90 25.11
N TRP B 206 -24.06 17.25 25.75
CA TRP B 206 -24.09 17.40 27.21
C TRP B 206 -25.16 18.43 27.58
N ASP B 207 -25.09 19.62 27.01
CA ASP B 207 -26.07 20.67 27.33
C ASP B 207 -27.49 20.38 26.80
N ILE B 208 -27.59 19.82 25.59
CA ILE B 208 -28.88 19.60 24.93
C ILE B 208 -29.65 18.46 25.59
N TYR B 209 -28.96 17.39 25.94
CA TYR B 209 -29.61 16.12 26.20
C TYR B 209 -29.23 15.44 27.52
N ASP B 210 -27.97 15.48 27.94
CA ASP B 210 -27.47 14.55 28.95
C ASP B 210 -27.24 15.12 30.33
N LYS B 211 -26.98 16.41 30.44
CA LYS B 211 -26.73 17.02 31.76
C LYS B 211 -28.01 17.01 32.59
N PRO B 212 -27.86 17.16 33.92
CA PRO B 212 -29.08 17.25 34.72
C PRO B 212 -29.98 18.40 34.27
N LYS B 213 -31.28 18.13 34.15
CA LYS B 213 -32.28 19.13 33.76
C LYS B 213 -32.10 19.62 32.31
N ALA B 214 -31.38 18.86 31.49
CA ALA B 214 -31.27 19.18 30.08
C ALA B 214 -32.67 19.21 29.43
N PRO B 215 -32.86 20.06 28.42
CA PRO B 215 -34.17 20.19 27.78
C PRO B 215 -34.53 19.02 26.86
N LYS B 216 -33.55 18.21 26.49
CA LYS B 216 -33.75 17.14 25.50
C LYS B 216 -34.35 17.69 24.23
N SER B 217 -33.79 18.78 23.74
CA SER B 217 -34.16 19.29 22.45
C SER B 217 -33.56 18.38 21.34
N SER B 218 -33.91 18.68 20.10
CA SER B 218 -33.65 17.75 19.00
C SER B 218 -32.16 17.48 18.72
N ILE B 219 -31.79 16.23 18.79
CA ILE B 219 -30.45 15.77 18.39
C ILE B 219 -30.27 15.97 16.91
N THR B 220 -31.29 15.63 16.12
CA THR B 220 -31.24 15.82 14.67
C THR B 220 -30.89 17.25 14.28
N LYS B 221 -31.55 18.21 14.92
N LYS B 221 -31.55 18.20 14.93
CA LYS B 221 -31.27 19.63 14.64
CA LYS B 221 -31.30 19.61 14.62
C LYS B 221 -29.84 20.03 15.01
C LYS B 221 -29.88 20.03 14.97
N LEU B 222 -29.28 19.46 16.08
N LEU B 222 -29.29 19.49 16.03
CA LEU B 222 -27.88 19.72 16.39
CA LEU B 222 -27.88 19.78 16.32
C LEU B 222 -26.97 19.28 15.24
C LEU B 222 -27.00 19.32 15.16
N PHE B 223 -27.29 18.14 14.62
CA PHE B 223 -26.50 17.65 13.49
C PHE B 223 -26.71 18.49 12.22
N GLU B 224 -27.95 18.88 11.93
CA GLU B 224 -28.23 19.77 10.82
C GLU B 224 -27.51 21.11 11.01
N PHE B 225 -27.53 21.61 12.24
CA PHE B 225 -26.85 22.86 12.62
C PHE B 225 -25.38 22.83 12.16
N HIS B 226 -24.71 21.68 12.29
CA HIS B 226 -23.32 21.59 11.85
C HIS B 226 -23.13 21.88 10.39
N SER B 227 -23.98 21.31 9.55
CA SER B 227 -23.89 21.63 8.11
C SER B 227 -24.11 23.11 7.82
N THR B 228 -25.09 23.71 8.51
CA THR B 228 -25.38 25.10 8.31
C THR B 228 -24.25 26.00 8.78
N ILE B 229 -23.67 25.68 9.93
CA ILE B 229 -22.52 26.46 10.39
C ILE B 229 -21.33 26.34 9.43
N ALA B 230 -21.05 25.12 8.98
CA ALA B 230 -19.93 24.94 8.01
C ALA B 230 -20.16 25.78 6.77
N ALA B 231 -21.38 25.80 6.26
CA ALA B 231 -21.67 26.55 5.04
C ALA B 231 -21.48 28.03 5.27
N GLN B 232 -21.91 28.55 6.41
N GLN B 232 -21.92 28.56 6.41
CA GLN B 232 -21.76 29.97 6.71
CA GLN B 232 -21.74 29.97 6.70
C GLN B 232 -20.30 30.35 6.96
C GLN B 232 -20.29 30.34 6.94
N VAL B 233 -19.56 29.51 7.68
CA VAL B 233 -18.15 29.77 7.89
C VAL B 233 -17.41 29.85 6.54
N LYS B 234 -17.73 28.93 5.64
CA LYS B 234 -17.05 28.89 4.33
C LYS B 234 -17.54 29.97 3.37
N LYS B 235 -18.74 30.47 3.54
CA LYS B 235 -19.17 31.65 2.78
C LYS B 235 -18.17 32.80 2.97
N PHE B 236 -17.74 33.02 4.22
CA PHE B 236 -16.85 34.12 4.55
C PHE B 236 -15.39 33.71 4.51
N ASN B 237 -15.09 32.42 4.65
CA ASN B 237 -13.71 31.91 4.79
C ASN B 237 -13.60 30.59 4.03
N PRO B 238 -13.51 30.66 2.68
CA PRO B 238 -13.69 29.45 1.89
C PRO B 238 -12.75 28.26 2.19
N ASP B 239 -11.55 28.56 2.64
CA ASP B 239 -10.56 27.49 2.87
C ASP B 239 -10.50 26.96 4.30
N MET B 240 -11.33 27.48 5.20
CA MET B 240 -11.28 27.09 6.61
C MET B 240 -11.84 25.69 6.83
N LYS B 241 -11.11 24.89 7.60
CA LYS B 241 -11.55 23.56 7.98
C LYS B 241 -12.57 23.65 9.12
N VAL B 242 -13.69 22.97 8.96
CA VAL B 242 -14.78 22.95 9.95
C VAL B 242 -15.03 21.52 10.39
N GLY B 243 -15.27 21.29 11.68
CA GLY B 243 -15.50 19.93 12.17
C GLY B 243 -16.48 19.88 13.33
N GLY B 244 -16.86 18.64 13.66
CA GLY B 244 -17.79 18.35 14.75
C GLY B 244 -17.83 16.88 15.08
N TYR B 245 -18.65 16.47 16.05
CA TYR B 245 -19.51 17.36 16.86
C TYR B 245 -18.98 17.66 18.24
N CYS B 246 -17.72 17.29 18.50
CA CYS B 246 -16.98 17.68 19.71
C CYS B 246 -17.59 17.01 20.93
N THR B 247 -17.70 15.70 20.81
CA THR B 247 -18.48 14.86 21.72
C THR B 247 -17.90 14.76 23.11
N ALA B 248 -18.68 15.09 24.14
CA ALA B 248 -18.25 14.93 25.53
C ALA B 248 -17.96 13.51 25.94
N PHE B 249 -18.87 12.60 25.58
CA PHE B 249 -18.84 11.20 26.05
C PHE B 249 -19.26 10.28 24.93
N PRO B 250 -18.32 9.93 24.03
CA PRO B 250 -18.64 9.05 22.91
C PRO B 250 -18.71 7.59 23.40
N ASP B 251 -19.93 7.15 23.70
CA ASP B 251 -20.21 5.91 24.42
C ASP B 251 -21.13 5.04 23.56
N PHE B 252 -20.57 4.42 22.53
CA PHE B 252 -21.34 3.91 21.41
C PHE B 252 -22.23 2.71 21.74
N GLU B 253 -21.76 1.89 22.67
CA GLU B 253 -22.43 0.61 22.97
C GLU B 253 -23.68 0.81 23.82
N LEU B 254 -23.88 1.97 24.41
CA LEU B 254 -25.02 2.17 25.34
C LEU B 254 -26.34 1.96 24.61
N GLN B 255 -27.34 1.53 25.41
CA GLN B 255 -28.66 1.14 24.89
C GLN B 255 -28.56 0.12 23.75
N ASN B 256 -27.66 -0.84 23.91
CA ASN B 256 -27.48 -1.91 22.93
C ASN B 256 -27.14 -1.36 21.53
N PHE B 257 -26.25 -0.36 21.54
CA PHE B 257 -25.81 0.41 20.36
C PHE B 257 -26.86 1.35 19.81
N GLY B 258 -27.95 1.54 20.57
CA GLY B 258 -28.88 2.60 20.25
C GLY B 258 -28.26 4.00 20.32
N ARG B 259 -27.27 4.15 21.20
CA ARG B 259 -26.58 5.46 21.32
C ARG B 259 -25.75 5.72 20.06
N TRP B 260 -25.01 4.73 19.58
CA TRP B 260 -24.34 4.81 18.27
C TRP B 260 -25.33 5.21 17.19
N ASN B 261 -26.43 4.46 17.09
CA ASN B 261 -27.38 4.66 16.02
C ASN B 261 -28.02 6.05 16.04
N ALA B 262 -28.31 6.57 17.24
CA ALA B 262 -28.96 7.86 17.38
C ALA B 262 -28.03 9.06 17.22
N ARG B 263 -26.74 8.86 17.48
CA ARG B 263 -25.82 9.99 17.59
C ARG B 263 -24.75 9.91 16.48
N TRP B 264 -23.60 9.28 16.70
CA TRP B 264 -22.53 9.33 15.70
C TRP B 264 -22.97 8.79 14.32
N LYS B 265 -23.76 7.72 14.28
CA LYS B 265 -24.25 7.25 13.00
C LYS B 265 -25.05 8.33 12.27
N GLN B 266 -25.99 8.92 13.00
N GLN B 266 -26.00 8.92 12.99
CA GLN B 266 -26.83 9.95 12.42
CA GLN B 266 -26.86 9.97 12.41
C GLN B 266 -26.03 11.18 12.00
C GLN B 266 -26.05 11.20 12.00
N PHE B 267 -25.05 11.56 12.82
CA PHE B 267 -24.21 12.71 12.50
C PHE B 267 -23.43 12.49 11.21
N ILE B 268 -22.84 11.31 11.07
CA ILE B 268 -22.15 10.95 9.83
C ILE B 268 -23.13 11.00 8.66
N ASP B 269 -24.33 10.45 8.87
CA ASP B 269 -25.33 10.43 7.78
C ASP B 269 -25.83 11.82 7.37
N ILE B 270 -25.99 12.73 8.34
CA ILE B 270 -26.58 14.06 8.07
C ILE B 270 -25.54 15.08 7.64
N ALA B 271 -24.43 15.13 8.39
CA ALA B 271 -23.45 16.21 8.25
C ALA B 271 -22.06 15.73 7.88
N GLY B 272 -21.82 14.41 7.84
CA GLY B 272 -20.45 13.92 7.67
C GLY B 272 -19.80 14.45 6.41
N LYS B 273 -20.55 14.46 5.31
CA LYS B 273 -20.04 14.96 4.03
C LYS B 273 -19.64 16.43 4.06
N ASP B 274 -20.17 17.20 5.01
CA ASP B 274 -19.89 18.63 5.13
C ASP B 274 -18.78 18.99 6.10
N MET B 275 -18.28 18.00 6.86
CA MET B 275 -17.22 18.24 7.83
C MET B 275 -15.86 17.96 7.20
N ASP B 276 -14.89 18.82 7.43
CA ASP B 276 -13.52 18.53 7.05
C ASP B 276 -12.84 17.58 8.02
N PHE B 277 -13.26 17.59 9.28
CA PHE B 277 -12.70 16.69 10.29
C PHE B 277 -13.76 16.35 11.31
N PHE B 278 -13.55 15.24 12.00
CA PHE B 278 -14.38 14.84 13.13
C PHE B 278 -13.64 15.17 14.40
N THR B 279 -14.40 15.44 15.48
CA THR B 279 -13.79 15.81 16.75
C THR B 279 -14.58 15.23 17.92
N ILE B 280 -13.83 14.66 18.86
CA ILE B 280 -14.36 14.07 20.08
C ILE B 280 -13.48 14.43 21.26
N HIS B 281 -14.01 14.22 22.46
CA HIS B 281 -13.26 14.26 23.71
C HIS B 281 -13.21 12.87 24.32
N LEU B 282 -12.07 12.54 24.95
CA LEU B 282 -11.88 11.21 25.53
C LEU B 282 -11.37 11.32 26.95
N TYR B 283 -12.23 10.99 27.91
N TYR B 283 -12.24 10.95 27.90
CA TYR B 283 -11.80 10.98 29.30
CA TYR B 283 -12.00 11.02 29.33
C TYR B 283 -11.92 9.62 29.95
C TYR B 283 -11.95 9.61 29.96
N ASP B 284 -10.86 9.26 30.65
CA ASP B 284 -10.87 8.12 31.57
C ASP B 284 -11.56 8.55 32.86
N PHE B 285 -12.19 7.58 33.51
CA PHE B 285 -12.80 7.77 34.84
C PHE B 285 -12.11 6.86 35.89
N PRO B 286 -10.97 7.27 36.44
CA PRO B 286 -10.26 6.40 37.40
C PRO B 286 -10.93 6.30 38.76
N CYS B 287 -11.85 7.22 39.07
CA CYS B 287 -12.47 7.23 40.40
C CYS B 287 -13.83 7.91 40.34
N LYS B 288 -14.81 7.18 39.81
CA LYS B 288 -16.19 7.66 39.79
C LYS B 288 -17.00 6.76 40.72
N ASP B 289 -17.30 7.29 41.91
CA ASP B 289 -18.01 6.54 42.95
C ASP B 289 -17.33 5.23 43.27
N GLY B 290 -16.00 5.28 43.41
CA GLY B 290 -15.15 4.12 43.67
C GLY B 290 -14.89 3.16 42.52
N LYS B 291 -15.39 3.47 41.32
CA LYS B 291 -15.28 2.60 40.15
C LYS B 291 -14.18 3.12 39.22
N GLN B 292 -13.50 2.20 38.54
CA GLN B 292 -12.48 2.51 37.53
C GLN B 292 -13.04 2.17 36.15
N MET B 293 -13.32 3.19 35.36
CA MET B 293 -13.91 2.99 34.04
C MET B 293 -13.02 3.69 33.01
N TYR B 294 -12.24 2.88 32.32
CA TYR B 294 -11.19 3.38 31.42
C TYR B 294 -11.59 3.33 29.95
N ARG B 295 -11.12 4.34 29.23
CA ARG B 295 -11.07 4.32 27.78
C ARG B 295 -9.69 3.84 27.31
N LYS B 296 -8.63 4.23 28.01
CA LYS B 296 -7.29 3.79 27.61
C LYS B 296 -7.29 2.28 27.51
N GLY B 297 -6.56 1.77 26.54
CA GLY B 297 -6.62 0.35 26.19
C GLY B 297 -7.66 0.08 25.12
N SER B 298 -8.32 -1.08 25.19
CA SER B 298 -9.14 -1.56 24.07
C SER B 298 -10.42 -0.79 23.80
N ASN B 299 -10.93 -0.10 24.83
CA ASN B 299 -12.19 0.63 24.69
C ASN B 299 -12.07 1.76 23.67
N MET B 300 -11.08 2.66 23.83
CA MET B 300 -10.94 3.76 22.88
C MET B 300 -10.58 3.26 21.48
N GLU B 301 -9.90 2.13 21.40
CA GLU B 301 -9.63 1.49 20.10
C GLU B 301 -10.95 1.16 19.38
N ALA B 302 -11.93 0.66 20.13
CA ALA B 302 -13.25 0.36 19.56
C ALA B 302 -14.02 1.59 19.11
N THR B 303 -14.01 2.63 19.95
CA THR B 303 -14.62 3.90 19.59
C THR B 303 -14.07 4.44 18.30
N MET B 304 -12.76 4.53 18.20
CA MET B 304 -12.15 5.12 17.01
C MET B 304 -12.31 4.24 15.77
N ASP B 305 -12.17 2.93 15.94
CA ASP B 305 -12.43 2.03 14.80
C ASP B 305 -13.86 2.14 14.26
N MET B 306 -14.85 2.36 15.15
CA MET B 306 -16.22 2.42 14.67
C MET B 306 -16.46 3.69 13.85
N ILE B 307 -15.91 4.82 14.30
CA ILE B 307 -16.00 6.05 13.51
C ILE B 307 -15.39 5.84 12.12
N GLU B 308 -14.18 5.31 12.09
CA GLU B 308 -13.48 5.07 10.80
C GLU B 308 -14.27 4.12 9.89
N GLN B 309 -14.71 3.02 10.48
CA GLN B 309 -15.37 1.98 9.66
C GLN B 309 -16.69 2.46 9.09
N TYR B 310 -17.50 3.16 9.88
CA TYR B 310 -18.76 3.64 9.36
C TYR B 310 -18.54 4.80 8.39
N SER B 311 -17.53 5.64 8.64
CA SER B 311 -17.17 6.66 7.66
C SER B 311 -16.83 6.01 6.31
N MET B 312 -16.05 4.93 6.34
CA MET B 312 -15.80 4.23 5.09
C MET B 312 -17.07 3.74 4.40
N ILE B 313 -17.95 3.12 5.16
CA ILE B 313 -19.19 2.58 4.56
C ILE B 313 -20.05 3.69 3.97
N LYS B 314 -20.30 4.73 4.75
CA LYS B 314 -21.25 5.76 4.36
C LYS B 314 -20.64 6.84 3.46
N LEU B 315 -19.45 7.33 3.82
CA LEU B 315 -18.80 8.42 3.10
C LEU B 315 -17.78 7.96 2.08
N GLY B 316 -17.35 6.71 2.20
CA GLY B 316 -16.29 6.21 1.31
C GLY B 316 -14.89 6.63 1.65
N GLU B 317 -14.68 7.22 2.82
CA GLU B 317 -13.34 7.66 3.24
C GLU B 317 -13.29 7.81 4.74
N VAL B 318 -12.09 7.75 5.31
CA VAL B 318 -11.84 8.06 6.71
C VAL B 318 -11.59 9.54 6.80
N LYS B 319 -12.34 10.21 7.68
CA LYS B 319 -12.13 11.65 7.93
C LYS B 319 -11.05 11.85 8.98
N PRO B 320 -10.23 12.91 8.87
CA PRO B 320 -9.29 13.20 9.94
C PRO B 320 -9.98 13.37 11.29
N LEU B 321 -9.39 12.80 12.34
CA LEU B 321 -9.96 12.85 13.67
C LEU B 321 -9.15 13.78 14.57
N MET B 322 -9.85 14.64 15.28
CA MET B 322 -9.30 15.53 16.30
C MET B 322 -9.78 15.06 17.65
N ILE B 323 -8.89 15.05 18.65
N ILE B 323 -8.89 15.06 18.64
CA ILE B 323 -9.25 14.80 20.03
CA ILE B 323 -9.28 14.82 20.02
C ILE B 323 -8.93 16.08 20.81
C ILE B 323 -8.92 16.09 20.76
N SER B 324 -9.86 17.03 20.84
CA SER B 324 -9.51 18.38 21.30
C SER B 324 -9.42 18.53 22.83
N GLN B 325 -9.86 17.51 23.56
CA GLN B 325 -9.61 17.37 25.03
C GLN B 325 -9.49 15.90 25.36
N TYR B 326 -8.45 15.50 26.07
CA TYR B 326 -8.36 14.16 26.64
C TYR B 326 -7.59 14.21 27.92
N SER B 327 -7.90 13.30 28.83
CA SER B 327 -7.22 13.21 30.14
C SER B 327 -8.00 12.20 30.96
N ALA B 328 -7.93 12.38 32.26
CA ALA B 328 -8.79 11.68 33.20
C ALA B 328 -9.65 12.70 33.92
N GLN B 329 -10.93 12.38 34.13
CA GLN B 329 -11.76 13.15 35.07
C GLN B 329 -11.62 12.50 36.44
N THR B 330 -11.46 13.30 37.49
CA THR B 330 -11.13 12.75 38.79
C THR B 330 -12.27 13.05 39.77
N HIS B 331 -13.45 12.47 39.48
CA HIS B 331 -14.72 12.78 40.19
C HIS B 331 -14.61 12.72 41.71
N ASP B 332 -14.12 11.59 42.25
CA ASP B 332 -14.06 11.40 43.72
C ASP B 332 -13.10 12.36 44.43
N TYR B 333 -12.14 12.92 43.68
CA TYR B 333 -11.19 13.91 44.21
C TYR B 333 -11.57 15.37 43.91
N ASN B 334 -12.68 15.58 43.19
CA ASN B 334 -13.12 16.92 42.78
C ASN B 334 -13.55 17.83 43.93
N ARG B 335 -14.16 17.25 44.97
CA ARG B 335 -14.52 17.98 46.19
C ARG B 335 -13.29 18.35 47.04
N LYS B 336 -12.18 17.64 46.85
CA LYS B 336 -10.91 17.93 47.52
C LYS B 336 -10.14 19.06 46.81
N PRO B 337 -9.15 19.65 47.50
CA PRO B 337 -8.25 20.56 46.81
C PRO B 337 -7.27 19.83 45.87
N TRP B 338 -6.42 20.59 45.19
CA TRP B 338 -5.31 20.03 44.40
C TRP B 338 -4.48 19.05 45.23
N SER B 339 -4.02 17.96 44.58
CA SER B 339 -2.98 17.11 45.17
C SER B 339 -2.06 16.56 44.06
N PRO B 340 -0.83 16.21 44.45
CA PRO B 340 0.05 15.51 43.49
C PRO B 340 -0.56 14.23 42.94
N TYR B 341 -1.27 13.47 43.79
CA TYR B 341 -1.93 12.25 43.38
C TYR B 341 -2.97 12.50 42.29
N ARG B 342 -3.77 13.54 42.45
N ARG B 342 -3.79 13.53 42.45
CA ARG B 342 -4.75 13.88 41.44
CA ARG B 342 -4.77 13.89 41.41
C ARG B 342 -4.06 14.14 40.08
C ARG B 342 -4.06 14.15 40.07
N ASP B 343 -2.91 14.81 40.12
CA ASP B 343 -2.13 15.01 38.89
C ASP B 343 -1.59 13.70 38.31
N TRP B 344 -1.14 12.77 39.15
CA TRP B 344 -0.78 11.43 38.67
C TRP B 344 -1.93 10.77 37.90
N LEU B 345 -3.15 10.87 38.42
CA LEU B 345 -4.29 10.27 37.74
C LEU B 345 -4.41 10.80 36.33
N ARG B 346 -4.18 12.09 36.17
CA ARG B 346 -4.22 12.69 34.86
C ARG B 346 -3.03 12.27 33.99
N LEU B 347 -1.84 12.27 34.57
CA LEU B 347 -0.64 11.94 33.82
C LEU B 347 -0.69 10.54 33.21
N LYS B 348 -1.15 9.55 33.99
CA LYS B 348 -1.12 8.18 33.48
C LYS B 348 -2.12 7.95 32.33
N SER B 349 -3.26 8.64 32.38
CA SER B 349 -4.22 8.62 31.28
C SER B 349 -3.67 9.34 30.05
N THR B 350 -3.05 10.50 30.25
CA THR B 350 -2.52 11.25 29.12
C THR B 350 -1.47 10.45 28.37
N ASN B 351 -0.53 9.85 29.09
CA ASN B 351 0.53 9.12 28.42
C ASN B 351 0.02 7.93 27.60
N SER B 352 -0.89 7.15 28.18
CA SER B 352 -1.42 6.00 27.47
C SER B 352 -2.24 6.41 26.25
N MET B 353 -3.17 7.38 26.41
CA MET B 353 -3.94 7.82 25.27
C MET B 353 -3.07 8.36 24.16
N LEU B 354 -2.04 9.12 24.53
CA LEU B 354 -1.08 9.64 23.54
C LEU B 354 -0.45 8.56 22.71
N MET B 355 0.04 7.50 23.36
N MET B 355 0.04 7.51 23.35
CA MET B 355 0.63 6.39 22.62
CA MET B 355 0.64 6.42 22.60
C MET B 355 -0.37 5.83 21.60
C MET B 355 -0.36 5.78 21.62
N GLN B 356 -1.63 5.72 22.02
CA GLN B 356 -2.68 5.16 21.15
C GLN B 356 -2.98 6.08 19.98
N PHE B 357 -2.98 7.41 20.22
CA PHE B 357 -3.15 8.35 19.10
C PHE B 357 -1.97 8.30 18.14
N MET B 358 -0.77 8.12 18.69
CA MET B 358 0.46 8.02 17.85
C MET B 358 0.38 6.85 16.90
N GLU B 359 -0.28 5.76 17.30
CA GLU B 359 -0.48 4.61 16.42
C GLU B 359 -1.36 4.87 15.24
N ARG B 360 -2.18 5.91 15.27
CA ARG B 360 -3.01 6.19 14.11
C ARG B 360 -2.78 7.62 13.67
N THR B 361 -1.49 8.02 13.71
CA THR B 361 -1.09 9.37 13.36
C THR B 361 -1.56 9.82 11.96
N ASP B 362 -1.64 8.90 11.00
CA ASP B 362 -2.10 9.27 9.66
C ASP B 362 -3.55 9.79 9.62
N ASN B 363 -4.39 9.34 10.54
CA ASN B 363 -5.80 9.75 10.60
C ASN B 363 -6.17 10.55 11.85
N ILE B 364 -5.17 11.10 12.52
CA ILE B 364 -5.40 12.05 13.63
C ILE B 364 -4.79 13.38 13.24
N CYS B 365 -5.59 14.41 13.20
CA CYS B 365 -5.09 15.74 12.81
C CYS B 365 -4.63 16.57 13.99
N TYR B 366 -5.01 16.21 15.22
CA TYR B 366 -4.62 16.98 16.40
C TYR B 366 -5.12 16.20 17.62
N ALA B 367 -4.31 16.06 18.65
CA ALA B 367 -4.75 15.50 19.93
C ALA B 367 -4.21 16.39 21.03
N MET B 368 -5.07 16.89 21.91
CA MET B 368 -4.69 17.91 22.87
C MET B 368 -5.05 17.51 24.29
N PRO B 369 -4.04 17.25 25.13
CA PRO B 369 -4.34 17.02 26.53
C PRO B 369 -5.09 18.17 27.16
N PHE B 370 -6.09 17.90 28.00
CA PHE B 370 -6.80 18.98 28.62
C PHE B 370 -6.10 19.41 29.89
N ALA B 371 -5.30 20.43 29.74
CA ALA B 371 -4.78 21.16 30.88
C ALA B 371 -4.68 22.57 30.40
N MET B 372 -5.15 23.45 31.25
CA MET B 372 -5.02 24.88 31.01
C MET B 372 -3.89 25.43 31.86
N LEU B 373 -3.51 26.66 31.57
CA LEU B 373 -2.38 27.26 32.24
C LEU B 373 -2.75 27.51 33.71
N LYS B 374 -3.87 28.22 33.95
CA LYS B 374 -4.35 28.58 35.29
C LYS B 374 -5.89 28.66 35.37
N SER B 375 -6.42 28.90 36.57
CA SER B 375 -7.85 29.23 36.80
C SER B 375 -8.01 30.53 37.59
N HIS B 387 -13.54 20.78 34.09
CA HIS B 387 -12.33 20.18 34.65
C HIS B 387 -11.41 21.24 35.24
N THR B 388 -10.53 20.81 36.14
CA THR B 388 -9.59 21.69 36.86
C THR B 388 -8.11 21.35 36.64
N ALA B 389 -7.78 20.62 35.57
CA ALA B 389 -6.39 20.32 35.26
C ALA B 389 -5.66 21.63 34.91
N ARG B 390 -4.69 21.97 35.72
CA ARG B 390 -3.92 23.19 35.55
C ARG B 390 -2.44 22.90 35.54
N MET B 391 -1.71 23.59 34.66
N MET B 391 -1.71 23.64 34.71
CA MET B 391 -0.25 23.48 34.59
CA MET B 391 -0.27 23.52 34.66
C MET B 391 0.42 24.17 35.77
C MET B 391 0.40 24.20 35.85
N LEU B 392 -0.29 25.12 36.38
N LEU B 392 -0.23 25.24 36.38
CA LEU B 392 0.22 25.87 37.53
CA LEU B 392 0.33 25.99 37.51
C LEU B 392 -0.73 25.77 38.70
C LEU B 392 -0.68 25.99 38.66
N ARG B 393 -0.17 25.90 39.88
CA ARG B 393 -0.98 25.98 41.10
C ARG B 393 -0.29 26.98 41.98
N ARG B 394 -1.08 27.66 42.81
N ARG B 394 -1.08 27.66 42.81
CA ARG B 394 -0.53 28.66 43.71
CA ARG B 394 -0.53 28.65 43.72
C ARG B 394 0.29 27.95 44.79
C ARG B 394 0.29 27.94 44.78
N GLU B 395 1.35 28.60 45.25
CA GLU B 395 2.37 27.95 46.07
C GLU B 395 1.85 27.39 47.40
N ASN B 396 0.79 27.98 47.95
CA ASN B 396 0.19 27.49 49.19
C ASN B 396 -1.12 26.73 49.01
N GLU B 397 -1.36 26.19 47.81
CA GLU B 397 -2.29 25.08 47.63
C GLU B 397 -1.60 23.84 48.19
N PRO B 398 -2.33 22.88 48.80
CA PRO B 398 -3.79 22.82 48.91
C PRO B 398 -4.38 23.55 50.13
N GLU B 399 -3.55 23.82 51.13
CA GLU B 399 -3.97 24.45 52.39
C GLU B 399 -3.27 25.79 52.60
N SER B 400 -3.71 26.90 51.97
CA SER B 400 -4.76 26.94 50.94
C SER B 400 -4.71 28.26 50.14
N PHE B 401 -4.73 28.15 48.81
CA PHE B 401 -5.25 29.20 47.92
C PHE B 401 -4.44 30.49 47.71
N THR B 402 -3.29 30.63 48.39
CA THR B 402 -2.45 31.83 48.31
C THR B 402 -1.07 31.54 47.69
N GLY B 403 -0.30 32.60 47.46
CA GLY B 403 1.10 32.49 47.02
C GLY B 403 1.26 32.63 45.51
N GLU B 404 2.50 32.76 45.07
CA GLU B 404 2.80 32.86 43.63
C GLU B 404 2.69 31.49 42.97
N TYR B 405 2.42 31.49 41.68
CA TYR B 405 2.17 30.23 40.95
C TYR B 405 3.50 29.49 40.70
N VAL B 406 3.43 28.18 40.87
CA VAL B 406 4.54 27.27 40.59
C VAL B 406 3.94 26.14 39.75
N TYR B 407 4.78 25.33 39.10
CA TYR B 407 4.24 24.22 38.33
C TYR B 407 3.52 23.21 39.22
N SER B 408 2.39 22.71 38.72
CA SER B 408 1.79 21.48 39.23
C SER B 408 2.63 20.30 38.79
N GLU B 409 2.21 19.08 39.12
N GLU B 409 2.21 19.07 39.11
CA GLU B 409 2.97 17.91 38.65
CA GLU B 409 2.95 17.90 38.66
C GLU B 409 2.76 17.65 37.16
C GLU B 409 2.75 17.64 37.16
N LEU B 410 1.82 18.35 36.53
CA LEU B 410 1.54 18.12 35.10
C LEU B 410 2.73 18.50 34.22
N ILE B 411 3.63 19.36 34.72
CA ILE B 411 4.84 19.67 33.98
C ILE B 411 5.70 18.43 33.68
N LYS B 412 5.57 17.38 34.50
CA LYS B 412 6.33 16.16 34.30
C LYS B 412 6.02 15.49 32.95
N PHE B 413 4.81 15.71 32.41
CA PHE B 413 4.48 15.21 31.06
C PHE B 413 5.44 15.82 30.03
N TYR B 414 5.63 17.13 30.10
CA TYR B 414 6.45 17.84 29.10
C TYR B 414 7.92 17.58 29.35
N GLN B 415 8.30 17.38 30.61
CA GLN B 415 9.66 16.93 30.91
C GLN B 415 9.96 15.54 30.38
N LEU B 416 9.02 14.62 30.54
CA LEU B 416 9.16 13.24 30.04
C LEU B 416 9.36 13.19 28.52
N TRP B 417 8.59 14.01 27.80
CA TRP B 417 8.59 13.99 26.33
C TRP B 417 9.54 15.01 25.71
N LYS B 418 10.38 15.66 26.52
N LYS B 418 10.38 15.67 26.52
CA LYS B 418 11.31 16.65 26.00
CA LYS B 418 11.34 16.66 26.01
C LYS B 418 12.21 16.02 24.96
C LYS B 418 12.24 16.03 24.97
N ASP B 419 12.45 16.75 23.87
CA ASP B 419 13.36 16.36 22.80
C ASP B 419 12.84 15.28 21.86
N VAL B 420 11.82 14.52 22.21
CA VAL B 420 11.39 13.37 21.41
C VAL B 420 10.95 13.86 20.02
N LYS B 421 11.58 13.30 18.99
CA LYS B 421 11.31 13.65 17.60
C LYS B 421 12.06 12.67 16.71
N GLY B 422 11.74 12.68 15.41
CA GLY B 422 12.49 11.90 14.44
C GLY B 422 11.65 10.94 13.62
N THR B 423 12.35 10.08 12.88
CA THR B 423 11.75 9.09 12.02
C THR B 423 11.29 7.91 12.84
N ARG B 424 10.03 7.52 12.71
CA ARG B 424 9.51 6.38 13.45
C ARG B 424 10.17 5.10 12.97
N VAL B 425 10.51 4.24 13.91
CA VAL B 425 11.09 2.94 13.64
C VAL B 425 10.30 1.84 14.33
N GLU B 426 10.48 0.62 13.84
N GLU B 426 10.48 0.62 13.85
CA GLU B 426 9.73 -0.52 14.30
CA GLU B 426 9.69 -0.50 14.30
C GLU B 426 10.06 -0.92 15.74
C GLU B 426 10.05 -0.93 15.73
N THR B 427 9.02 -1.14 16.54
CA THR B 427 9.12 -1.74 17.86
C THR B 427 8.13 -2.86 17.96
N ASN B 428 8.45 -3.85 18.76
CA ASN B 428 7.44 -4.83 19.09
C ASN B 428 7.61 -5.30 20.51
N CYS B 429 6.47 -5.45 21.18
N CYS B 429 6.48 -5.55 21.17
N CYS B 429 6.48 -5.44 21.17
CA CYS B 429 6.43 -5.76 22.62
CA CYS B 429 6.49 -5.85 22.58
CA CYS B 429 6.44 -5.93 22.50
C CYS B 429 5.37 -6.86 22.83
C CYS B 429 5.39 -6.87 22.81
C CYS B 429 5.44 -7.03 22.53
N ASP B 430 5.78 -8.06 23.29
CA ASP B 430 4.92 -9.27 23.30
C ASP B 430 3.91 -9.38 24.46
N ASN B 431 3.38 -8.26 24.87
CA ASN B 431 2.40 -8.19 25.92
C ASN B 431 1.42 -7.11 25.48
N PRO B 432 0.14 -7.45 25.28
CA PRO B 432 -0.80 -6.43 24.80
C PRO B 432 -1.01 -5.27 25.78
N ASP B 433 -0.64 -5.44 27.05
CA ASP B 433 -0.71 -4.36 28.03
C ASP B 433 0.49 -3.42 28.01
N ILE B 434 1.47 -3.69 27.16
CA ILE B 434 2.65 -2.84 27.03
C ILE B 434 2.59 -2.24 25.64
N MET B 435 2.62 -0.92 25.58
CA MET B 435 2.68 -0.20 24.30
C MET B 435 4.06 0.34 24.11
N CYS B 436 4.56 0.29 22.89
N CYS B 436 4.56 0.28 22.89
CA CYS B 436 5.91 0.75 22.63
CA CYS B 436 5.91 0.71 22.55
C CYS B 436 5.98 1.48 21.29
C CYS B 436 5.90 1.56 21.32
N ASP B 437 6.88 2.46 21.22
CA ASP B 437 7.11 3.23 19.99
C ASP B 437 8.52 3.78 20.03
N ALA B 438 9.02 4.24 18.89
CA ALA B 438 10.39 4.77 18.84
C ALA B 438 10.61 5.66 17.66
N TYR B 439 11.48 6.65 17.85
CA TYR B 439 11.78 7.68 16.88
C TYR B 439 13.28 7.94 16.84
N VAL B 440 13.83 8.09 15.63
CA VAL B 440 15.29 8.26 15.41
C VAL B 440 15.55 9.65 14.81
N ASP B 441 16.33 10.45 15.52
CA ASP B 441 16.71 11.78 15.09
C ASP B 441 18.23 11.83 15.02
N GLY B 442 18.76 11.50 13.85
CA GLY B 442 20.21 11.53 13.65
C GLY B 442 20.94 10.49 14.48
N LYS B 443 21.66 10.97 15.49
CA LYS B 443 22.39 10.11 16.43
C LYS B 443 21.57 9.75 17.67
N ASN B 444 20.42 10.39 17.83
CA ASN B 444 19.57 10.19 19.01
C ASN B 444 18.38 9.31 18.69
N VAL B 445 18.06 8.40 19.61
CA VAL B 445 16.92 7.49 19.48
C VAL B 445 16.09 7.56 20.74
N TYR B 446 14.77 7.75 20.59
CA TYR B 446 13.82 7.81 21.70
C TYR B 446 12.93 6.60 21.67
N PHE B 447 12.97 5.81 22.74
CA PHE B 447 12.25 4.53 22.84
C PHE B 447 11.24 4.71 23.96
N ILE B 448 9.94 4.70 23.62
CA ILE B 448 8.88 5.00 24.60
C ILE B 448 8.12 3.74 24.92
N ILE B 449 7.92 3.47 26.22
CA ILE B 449 7.21 2.26 26.63
C ILE B 449 6.21 2.66 27.71
N ASN B 450 4.96 2.19 27.53
CA ASN B 450 3.87 2.51 28.43
C ASN B 450 3.18 1.25 28.91
N ASN B 451 2.79 1.30 30.19
CA ASN B 451 2.16 0.16 30.85
C ASN B 451 0.66 0.43 31.05
N LEU B 452 -0.19 -0.42 30.47
CA LEU B 452 -1.65 -0.44 30.72
C LEU B 452 -2.04 -1.36 31.87
N ASP B 453 -1.10 -2.18 32.34
CA ASP B 453 -1.38 -3.08 33.47
C ASP B 453 -1.34 -2.36 34.81
N PHE B 454 -2.00 -2.98 35.80
CA PHE B 454 -2.12 -2.41 37.15
C PHE B 454 -1.12 -3.00 38.13
N LYS B 455 0.02 -3.44 37.61
CA LYS B 455 1.14 -3.92 38.40
C LYS B 455 2.41 -3.61 37.62
N PRO B 456 3.56 -3.65 38.27
CA PRO B 456 4.82 -3.51 37.51
C PRO B 456 5.05 -4.64 36.52
N VAL B 457 5.78 -4.36 35.45
CA VAL B 457 6.08 -5.34 34.42
C VAL B 457 7.59 -5.31 34.18
N ASP B 458 8.22 -6.48 34.32
CA ASP B 458 9.66 -6.61 34.04
C ASP B 458 9.86 -6.75 32.54
N LEU B 459 10.66 -5.87 31.97
CA LEU B 459 10.95 -5.85 30.54
C LEU B 459 12.37 -6.36 30.25
N ASN B 460 12.49 -7.17 29.21
N ASN B 460 12.48 -7.16 29.20
CA ASN B 460 13.77 -7.56 28.64
CA ASN B 460 13.76 -7.55 28.63
C ASN B 460 13.90 -6.79 27.32
C ASN B 460 13.90 -6.79 27.31
N LEU B 461 14.90 -5.92 27.22
CA LEU B 461 15.04 -5.02 26.07
C LEU B 461 16.09 -5.52 25.08
N SER B 462 15.73 -5.49 23.81
CA SER B 462 16.66 -5.81 22.71
C SER B 462 16.68 -4.64 21.75
N VAL B 463 17.87 -4.17 21.41
CA VAL B 463 18.03 -3.09 20.42
C VAL B 463 18.78 -3.68 19.25
N ASN B 464 18.13 -3.77 18.10
CA ASN B 464 18.69 -4.37 16.88
C ASN B 464 18.91 -3.34 15.80
N GLY B 465 19.80 -3.64 14.87
CA GLY B 465 20.13 -2.76 13.75
C GLY B 465 21.28 -1.78 13.92
N THR B 466 22.05 -1.91 15.00
CA THR B 466 23.16 -0.99 15.26
C THR B 466 24.49 -1.69 14.99
N SER B 467 25.47 -0.93 14.49
CA SER B 467 26.84 -1.43 14.30
C SER B 467 27.63 -1.38 15.59
N LYS B 468 27.24 -0.49 16.51
CA LYS B 468 27.95 -0.27 17.76
C LYS B 468 26.97 0.03 18.87
N ASP B 469 27.39 -0.18 20.11
CA ASP B 469 26.58 0.16 21.27
C ASP B 469 26.47 1.67 21.41
N ALA B 470 25.41 2.09 22.05
CA ALA B 470 25.20 3.50 22.30
C ALA B 470 26.35 4.12 23.08
N LYS B 471 26.67 5.36 22.75
CA LYS B 471 27.56 6.19 23.56
C LYS B 471 26.96 6.48 24.93
N SER B 472 25.64 6.74 24.99
CA SER B 472 25.00 7.02 26.24
C SER B 472 23.55 6.58 26.22
N ILE B 473 23.00 6.36 27.41
CA ILE B 473 21.61 6.01 27.61
C ILE B 473 21.07 6.84 28.78
N GLU B 474 20.02 7.62 28.52
CA GLU B 474 19.30 8.33 29.56
C GLU B 474 17.96 7.65 29.73
N VAL B 475 17.64 7.30 30.96
CA VAL B 475 16.34 6.70 31.30
C VAL B 475 15.51 7.77 31.96
N ARG B 476 14.27 7.93 31.47
CA ARG B 476 13.26 8.78 32.10
C ARG B 476 12.10 7.87 32.49
N HIS B 477 11.71 7.86 33.75
CA HIS B 477 10.67 6.93 34.22
C HIS B 477 9.67 7.70 35.08
N LEU B 478 8.41 7.75 34.65
CA LEU B 478 7.35 8.48 35.37
C LEU B 478 6.40 7.48 35.98
N TYR B 479 6.31 7.53 37.31
CA TYR B 479 5.51 6.55 38.06
C TYR B 479 5.01 7.16 39.37
N LEU B 480 4.15 6.40 40.05
CA LEU B 480 3.61 6.81 41.36
C LEU B 480 4.41 6.22 42.51
N LYS B 481 4.85 7.07 43.42
CA LYS B 481 5.50 6.65 44.69
C LYS B 481 4.50 6.76 45.83
N GLY B 482 4.30 5.65 46.54
CA GLY B 482 3.50 5.63 47.78
C GLY B 482 2.05 5.21 47.66
N GLY B 483 1.65 4.68 46.51
CA GLY B 483 0.27 4.23 46.31
C GLY B 483 -0.76 5.34 46.35
N LYS B 484 -1.99 4.98 46.67
CA LYS B 484 -3.10 5.94 46.74
C LYS B 484 -2.71 7.15 47.60
N ASP B 485 -3.00 8.34 47.09
CA ASP B 485 -2.58 9.61 47.70
C ASP B 485 -1.05 9.86 47.84
N GLY B 486 -0.22 9.13 47.07
CA GLY B 486 1.23 9.40 47.00
C GLY B 486 1.59 10.51 46.01
N VAL B 487 2.81 10.46 45.44
CA VAL B 487 3.27 11.54 44.55
C VAL B 487 3.87 10.94 43.26
N PRO B 488 3.68 11.61 42.12
CA PRO B 488 4.36 11.15 40.91
C PRO B 488 5.84 11.51 40.97
N ILE B 489 6.67 10.59 40.49
CA ILE B 489 8.12 10.77 40.42
C ILE B 489 8.55 10.67 38.95
N LEU B 490 9.37 11.62 38.53
CA LEU B 490 10.06 11.50 37.23
C LEU B 490 11.54 11.27 37.50
N ASP B 491 11.95 10.01 37.36
N ASP B 491 11.94 10.00 37.43
CA ASP B 491 13.33 9.60 37.66
CA ASP B 491 13.35 9.64 37.62
C ASP B 491 14.12 9.65 36.36
C ASP B 491 14.02 9.85 36.28
N VAL B 492 15.16 10.51 36.30
CA VAL B 492 15.98 10.71 35.10
C VAL B 492 17.43 10.41 35.47
N TYR B 493 18.03 9.45 34.78
CA TYR B 493 19.40 9.03 35.11
C TYR B 493 20.07 8.42 33.90
N ASP B 494 21.40 8.35 33.96
CA ASP B 494 22.16 7.68 32.93
C ASP B 494 22.45 6.27 33.30
N ALA B 495 22.46 5.41 32.30
CA ALA B 495 22.71 3.99 32.48
C ALA B 495 23.88 3.60 31.60
N LYS B 496 24.70 2.68 32.12
CA LYS B 496 25.84 2.16 31.36
C LYS B 496 25.46 0.88 30.59
N SER B 497 24.32 0.29 30.94
CA SER B 497 23.69 -0.75 30.13
C SER B 497 22.19 -0.74 30.47
N LEU B 498 21.36 -1.31 29.61
CA LEU B 498 19.92 -1.41 29.89
C LEU B 498 19.28 -2.61 29.19
N ASP B 499 19.70 -3.81 29.58
CA ASP B 499 19.12 -5.04 29.06
C ASP B 499 17.79 -5.42 29.71
N HIS B 500 17.56 -4.91 30.92
CA HIS B 500 16.35 -5.19 31.69
C HIS B 500 15.87 -3.90 32.33
N PHE B 501 14.55 -3.77 32.49
CA PHE B 501 13.98 -2.60 33.15
C PHE B 501 12.60 -2.97 33.69
N THR B 502 12.32 -2.59 34.92
CA THR B 502 11.00 -2.77 35.50
C THR B 502 10.18 -1.49 35.38
N LEU B 503 9.16 -1.58 34.54
CA LEU B 503 8.25 -0.45 34.29
C LEU B 503 7.15 -0.52 35.33
N GLU B 504 6.97 0.54 36.10
CA GLU B 504 6.03 0.57 37.22
C GLU B 504 4.57 0.54 36.78
N THR B 505 3.68 0.35 37.74
CA THR B 505 2.24 0.30 37.50
C THR B 505 1.76 1.52 36.70
N GLU B 506 1.11 1.28 35.56
CA GLU B 506 0.56 2.34 34.71
C GLU B 506 1.60 3.41 34.34
N ALA B 507 2.88 3.04 34.35
CA ALA B 507 3.97 3.99 34.18
C ALA B 507 4.40 4.13 32.72
N THR B 508 5.24 5.13 32.47
CA THR B 508 5.86 5.33 31.16
C THR B 508 7.34 5.52 31.34
N CYS B 509 8.12 4.99 30.42
CA CYS B 509 9.53 5.38 30.34
C CYS B 509 9.83 5.87 28.94
N VAL B 510 10.71 6.87 28.88
CA VAL B 510 11.32 7.33 27.62
C VAL B 510 12.82 7.10 27.78
N ILE B 511 13.36 6.25 26.91
CA ILE B 511 14.79 5.89 26.93
C ILE B 511 15.44 6.57 25.77
N CYS B 512 16.47 7.35 26.06
CA CYS B 512 17.14 8.17 25.08
C CYS B 512 18.55 7.62 24.85
N TYR B 513 18.76 7.02 23.68
CA TYR B 513 20.06 6.49 23.26
C TYR B 513 20.74 7.54 22.42
N ASN B 514 22.03 7.77 22.63
CA ASN B 514 22.84 8.56 21.70
C ASN B 514 23.97 7.68 21.18
N PHE B 515 24.20 7.78 19.87
CA PHE B 515 25.26 7.02 19.17
C PHE B 515 26.36 7.95 18.68
N ASP B 516 27.55 7.37 18.49
CA ASP B 516 28.66 8.09 17.93
C ASP B 516 28.43 8.50 16.48
N ARG B 517 27.79 7.62 15.71
CA ARG B 517 27.47 7.89 14.32
C ARG B 517 25.97 7.89 14.12
N LYS B 518 25.53 8.59 13.07
CA LYS B 518 24.12 8.65 12.73
C LYS B 518 23.57 7.24 12.52
N VAL B 519 22.38 7.01 13.02
CA VAL B 519 21.70 5.73 12.86
C VAL B 519 21.30 5.54 11.40
N LYS B 520 21.63 4.38 10.86
CA LYS B 520 21.31 4.05 9.46
C LYS B 520 19.97 3.32 9.38
N ILE B 521 19.00 3.98 8.76
CA ILE B 521 17.68 3.40 8.56
C ILE B 521 17.64 2.90 7.12
N ASN B 522 17.71 1.59 6.96
CA ASN B 522 17.91 0.95 5.65
C ASN B 522 16.84 -0.01 5.22
N GLU B 523 15.77 -0.12 6.01
CA GLU B 523 14.62 -0.96 5.69
C GLU B 523 13.35 -0.19 6.02
N THR B 524 12.24 -0.65 5.47
CA THR B 524 10.92 -0.07 5.74
C THR B 524 9.90 -1.14 6.07
N MET B 525 9.12 -0.86 7.11
CA MET B 525 7.89 -1.59 7.42
C MET B 525 6.75 -0.62 7.15
N GLU B 526 5.89 -0.94 6.18
CA GLU B 526 4.76 -0.10 5.85
C GLU B 526 3.51 -0.72 6.44
N GLU B 527 2.84 0.06 7.28
CA GLU B 527 1.58 -0.35 7.87
C GLU B 527 0.43 0.19 7.02
N VAL B 528 -0.51 -0.71 6.66
CA VAL B 528 -1.76 -0.32 6.02
C VAL B 528 -2.93 -0.91 6.79
N LYS B 529 -3.96 -0.12 7.00
CA LYS B 529 -5.18 -0.54 7.69
C LYS B 529 -6.33 -0.68 6.69
N TYR B 530 -7.00 -1.82 6.74
CA TYR B 530 -8.07 -2.15 5.81
C TYR B 530 -9.37 -2.33 6.56
N TYR B 531 -10.46 -1.93 5.94
CA TYR B 531 -11.80 -1.95 6.56
C TYR B 531 -12.65 -3.04 5.89
N ALA B 532 -13.66 -3.52 6.61
CA ALA B 532 -14.59 -4.51 6.05
C ALA B 532 -15.66 -3.85 5.24
N THR B 533 -16.38 -4.65 4.47
CA THR B 533 -17.48 -4.15 3.66
C THR B 533 -18.72 -3.79 4.48
N ASP B 534 -18.80 -4.30 5.72
CA ASP B 534 -19.97 -4.10 6.55
C ASP B 534 -19.53 -4.07 8.01
N TYR B 535 -20.48 -3.82 8.90
CA TYR B 535 -20.17 -3.62 10.32
C TYR B 535 -21.42 -3.88 11.20
N LEU B 536 -21.25 -3.83 12.51
CA LEU B 536 -22.34 -3.82 13.50
C LEU B 536 -23.38 -4.93 13.30
N LYS B 537 -22.95 -6.14 13.65
CA LYS B 537 -23.76 -7.36 13.49
C LYS B 537 -24.12 -7.93 14.86
N GLU B 538 -25.40 -8.29 15.01
CA GLU B 538 -25.88 -8.92 16.25
C GLU B 538 -25.34 -10.32 16.39
N ILE B 539 -24.98 -10.70 17.60
CA ILE B 539 -24.42 -12.04 17.86
C ILE B 539 -25.53 -12.98 18.34
N ALA B 540 -25.68 -14.10 17.63
CA ALA B 540 -26.55 -15.21 18.07
C ALA B 540 -25.71 -16.46 18.26
N ALA B 541 -26.04 -17.27 19.26
CA ALA B 541 -25.30 -18.50 19.57
C ALA B 541 -25.24 -19.44 18.36
N GLY B 542 -24.02 -19.88 18.05
CA GLY B 542 -23.79 -20.84 16.96
C GLY B 542 -23.96 -20.31 15.54
N LYS B 543 -24.25 -19.01 15.38
CA LYS B 543 -24.51 -18.44 14.06
C LYS B 543 -23.25 -17.74 13.57
N GLU B 544 -22.75 -18.17 12.42
CA GLU B 544 -21.55 -17.60 11.82
C GLU B 544 -21.82 -16.16 11.38
N LEU B 545 -20.91 -15.26 11.77
CA LEU B 545 -20.93 -13.88 11.28
C LEU B 545 -19.73 -13.74 10.35
N VAL B 546 -19.99 -13.37 9.10
CA VAL B 546 -18.97 -13.31 8.07
C VAL B 546 -18.70 -11.85 7.69
N PHE B 547 -17.42 -11.50 7.68
CA PHE B 547 -16.94 -10.19 7.23
C PHE B 547 -15.97 -10.38 6.11
N ASN B 548 -15.90 -9.38 5.24
CA ASN B 548 -15.00 -9.40 4.09
C ASN B 548 -14.11 -8.18 4.07
N ILE B 549 -12.79 -8.42 3.94
CA ILE B 549 -11.78 -7.35 3.87
C ILE B 549 -11.01 -7.58 2.59
N ASN B 550 -11.20 -6.68 1.64
CA ASN B 550 -10.76 -6.85 0.26
C ASN B 550 -9.75 -5.82 -0.23
N ASN B 551 -9.10 -6.14 -1.35
CA ASN B 551 -8.03 -5.32 -1.95
C ASN B 551 -6.83 -5.13 -1.00
N VAL B 552 -6.53 -6.15 -0.21
CA VAL B 552 -5.37 -6.12 0.69
C VAL B 552 -4.13 -6.38 -0.15
N LYS B 553 -3.14 -5.51 0.01
N LYS B 553 -3.11 -5.55 0.03
CA LYS B 553 -1.87 -5.64 -0.69
CA LYS B 553 -1.90 -5.65 -0.78
C LYS B 553 -0.89 -6.41 0.17
C LYS B 553 -0.76 -6.30 0.02
N LYS B 554 -0.37 -7.51 -0.36
CA LYS B 554 0.69 -8.25 0.30
C LYS B 554 2.02 -8.12 -0.41
N THR B 555 3.09 -8.33 0.36
CA THR B 555 4.46 -8.44 -0.14
C THR B 555 5.00 -9.79 0.26
N GLU B 556 6.26 -10.09 -0.06
CA GLU B 556 6.80 -11.41 0.30
C GLU B 556 6.82 -11.63 1.81
N TYR B 557 7.25 -10.63 2.57
CA TYR B 557 7.39 -10.72 4.02
C TYR B 557 6.49 -9.70 4.69
N GLY B 558 5.80 -10.11 5.74
CA GLY B 558 4.91 -9.22 6.45
C GLY B 558 4.32 -9.87 7.66
N GLU B 559 3.58 -9.06 8.42
CA GLU B 559 2.83 -9.51 9.59
C GLU B 559 1.46 -8.85 9.56
N ALA B 560 0.57 -9.32 10.42
CA ALA B 560 -0.81 -8.86 10.37
C ALA B 560 -1.52 -9.02 11.71
N VAL B 561 -2.49 -8.13 11.95
CA VAL B 561 -3.31 -8.15 13.16
C VAL B 561 -4.76 -7.90 12.73
N ILE B 562 -5.64 -8.83 13.09
CA ILE B 562 -7.09 -8.62 12.93
C ILE B 562 -7.65 -7.96 14.17
N ARG B 563 -8.54 -6.99 13.97
CA ARG B 563 -9.01 -6.12 15.04
C ARG B 563 -10.51 -6.36 15.22
N LEU B 564 -10.88 -7.12 16.25
CA LEU B 564 -12.27 -7.48 16.50
C LEU B 564 -12.93 -6.57 17.51
N GLY B 565 -13.76 -5.64 17.06
CA GLY B 565 -14.53 -4.78 17.97
C GLY B 565 -15.72 -5.56 18.48
N LEU B 566 -15.81 -5.73 19.80
CA LEU B 566 -16.91 -6.49 20.43
C LEU B 566 -17.54 -5.63 21.50
N GLY B 567 -18.87 -5.59 21.48
CA GLY B 567 -19.67 -4.96 22.53
C GLY B 567 -20.63 -6.00 23.09
N ARG B 568 -20.32 -6.52 24.27
CA ARG B 568 -21.15 -7.57 24.89
C ARG B 568 -21.27 -7.30 26.39
N ASN B 569 -22.44 -7.64 26.94
CA ASN B 569 -22.59 -7.69 28.38
C ASN B 569 -21.57 -8.61 29.02
N HIS B 570 -21.23 -8.31 30.28
CA HIS B 570 -20.35 -9.18 31.03
C HIS B 570 -20.95 -10.58 31.18
N GLY B 571 -20.07 -11.57 31.23
CA GLY B 571 -20.48 -12.98 31.30
C GLY B 571 -20.58 -13.64 29.95
N LEU B 572 -20.58 -12.85 28.87
CA LEU B 572 -20.67 -13.39 27.52
C LEU B 572 -19.25 -13.52 26.96
N SER B 573 -19.07 -14.52 26.11
CA SER B 573 -17.74 -14.91 25.62
C SER B 573 -17.08 -13.81 24.79
N LEU B 574 -15.79 -13.61 25.02
CA LEU B 574 -14.95 -12.79 24.14
C LEU B 574 -13.96 -13.67 23.35
N LEU B 575 -14.28 -14.97 23.21
CA LEU B 575 -13.42 -15.96 22.56
C LEU B 575 -14.22 -16.72 21.48
N PRO B 576 -14.68 -16.01 20.45
CA PRO B 576 -15.34 -16.70 19.36
C PRO B 576 -14.37 -17.64 18.61
N GLU B 577 -14.95 -18.62 17.92
N GLU B 577 -14.95 -18.61 17.91
CA GLU B 577 -14.24 -19.39 16.91
CA GLU B 577 -14.22 -19.37 16.92
C GLU B 577 -13.97 -18.43 15.75
C GLU B 577 -13.97 -18.43 15.75
N LEU B 578 -12.72 -18.32 15.34
CA LEU B 578 -12.33 -17.39 14.26
C LEU B 578 -11.75 -18.21 13.12
N LEU B 579 -12.33 -18.06 11.92
CA LEU B 579 -11.77 -18.62 10.69
C LEU B 579 -11.41 -17.48 9.75
N VAL B 580 -10.19 -17.54 9.23
CA VAL B 580 -9.71 -16.57 8.26
C VAL B 580 -9.40 -17.33 6.99
N ASN B 581 -10.12 -17.02 5.92
CA ASN B 581 -10.02 -17.77 4.67
C ASN B 581 -10.11 -19.28 4.90
N GLY B 582 -11.01 -19.67 5.80
CA GLY B 582 -11.27 -21.08 6.11
C GLY B 582 -10.32 -21.71 7.11
N LYS B 583 -9.33 -20.97 7.61
CA LYS B 583 -8.31 -21.49 8.51
C LYS B 583 -8.53 -20.98 9.93
N LYS B 584 -8.45 -21.88 10.91
CA LYS B 584 -8.60 -21.51 12.30
C LYS B 584 -7.45 -20.60 12.75
N VAL B 585 -7.82 -19.54 13.47
CA VAL B 585 -6.88 -18.61 14.08
C VAL B 585 -7.27 -18.48 15.55
N ASP B 586 -6.32 -18.71 16.45
CA ASP B 586 -6.59 -18.63 17.88
C ASP B 586 -6.73 -17.18 18.33
N ILE B 587 -7.66 -16.95 19.26
CA ILE B 587 -7.85 -15.61 19.82
C ILE B 587 -7.12 -15.59 21.16
N PRO B 588 -6.25 -14.59 21.39
CA PRO B 588 -5.53 -14.54 22.66
C PRO B 588 -6.47 -14.29 23.85
N ASP B 589 -6.11 -14.82 25.01
CA ASP B 589 -6.83 -14.54 26.27
C ASP B 589 -6.62 -13.11 26.71
N ASN B 590 -5.40 -12.59 26.50
CA ASN B 590 -5.04 -11.25 26.91
C ASN B 590 -5.20 -10.30 25.74
N PHE B 591 -5.82 -9.15 26.01
CA PHE B 591 -6.01 -8.09 25.04
C PHE B 591 -5.52 -6.78 25.66
N ARG B 592 -5.54 -5.71 24.87
CA ARG B 592 -4.98 -4.44 25.27
C ARG B 592 -5.79 -3.80 26.39
N GLY B 593 -5.19 -3.69 27.57
CA GLY B 593 -5.83 -2.98 28.67
C GLY B 593 -6.73 -3.85 29.54
N ASP B 594 -7.61 -3.19 30.27
CA ASP B 594 -8.31 -3.85 31.40
C ASP B 594 -9.58 -4.58 30.97
N VAL B 595 -10.04 -5.47 31.84
CA VAL B 595 -11.23 -6.29 31.54
C VAL B 595 -12.57 -5.56 31.66
N GLN B 596 -12.53 -4.30 32.06
CA GLN B 596 -13.70 -3.41 32.05
C GLN B 596 -14.71 -3.86 33.10
N LYS B 597 -14.21 -4.35 34.23
CA LYS B 597 -15.08 -4.91 35.29
C LYS B 597 -16.14 -3.92 35.78
N ASP B 598 -15.74 -2.67 36.03
CA ASP B 598 -16.66 -1.67 36.55
C ASP B 598 -17.52 -0.98 35.51
N ARG B 599 -17.22 -1.16 34.22
N ARG B 599 -17.21 -1.16 34.22
CA ARG B 599 -18.11 -0.68 33.16
CA ARG B 599 -18.09 -0.68 33.16
C ARG B 599 -19.35 -1.57 33.10
C ARG B 599 -19.33 -1.58 33.07
N ALA B 600 -20.45 -1.00 32.62
CA ALA B 600 -21.72 -1.74 32.51
C ALA B 600 -21.67 -2.96 31.58
N SER B 601 -20.79 -2.90 30.58
CA SER B 601 -20.60 -3.98 29.63
C SER B 601 -19.18 -3.86 29.07
N PHE B 602 -18.75 -4.86 28.30
CA PHE B 602 -17.45 -4.81 27.59
C PHE B 602 -17.66 -4.20 26.21
N PHE B 603 -16.88 -3.16 25.91
CA PHE B 603 -16.77 -2.62 24.55
C PHE B 603 -15.29 -2.37 24.28
N GLY B 604 -14.71 -3.15 23.38
CA GLY B 604 -13.29 -3.01 23.11
C GLY B 604 -12.89 -3.80 21.90
N VAL B 605 -11.73 -3.44 21.34
CA VAL B 605 -11.13 -4.19 20.25
C VAL B 605 -10.17 -5.26 20.79
N ILE B 606 -10.43 -6.50 20.41
CA ILE B 606 -9.52 -7.61 20.68
C ILE B 606 -8.60 -7.72 19.46
N GLU B 607 -7.30 -7.51 19.67
N GLU B 607 -7.31 -7.50 19.68
CA GLU B 607 -6.29 -7.54 18.60
CA GLU B 607 -6.31 -7.66 18.62
C GLU B 607 -5.66 -8.95 18.47
C GLU B 607 -5.87 -9.10 18.52
N VAL B 608 -5.83 -9.58 17.29
CA VAL B 608 -5.55 -11.00 17.04
C VAL B 608 -4.44 -11.09 16.01
N PRO B 609 -3.22 -11.45 16.44
CA PRO B 609 -2.19 -11.74 15.44
C PRO B 609 -2.63 -12.85 14.50
N VAL B 610 -2.29 -12.72 13.22
CA VAL B 610 -2.67 -13.76 12.26
C VAL B 610 -1.49 -14.06 11.37
N ASP B 611 -1.27 -15.35 11.14
CA ASP B 611 -0.18 -15.78 10.26
C ASP B 611 -0.35 -15.12 8.89
N TYR B 612 0.70 -14.44 8.45
CA TYR B 612 0.68 -13.70 7.19
C TYR B 612 0.35 -14.58 6.00
N SER B 613 0.79 -15.84 6.04
CA SER B 613 0.54 -16.78 4.94
C SER B 613 -0.93 -17.16 4.74
N ILE B 614 -1.77 -16.96 5.74
CA ILE B 614 -3.21 -17.21 5.67
C ILE B 614 -3.95 -16.11 4.88
N LEU B 615 -3.38 -14.93 4.87
CA LEU B 615 -4.02 -13.79 4.21
C LEU B 615 -3.85 -13.83 2.70
N LYS B 616 -4.80 -13.18 2.04
CA LYS B 616 -4.82 -13.04 0.58
C LYS B 616 -5.21 -11.58 0.28
N GLY B 617 -5.53 -11.27 -0.97
CA GLY B 617 -6.06 -9.96 -1.32
C GLY B 617 -7.49 -9.75 -0.88
N ASN B 618 -8.35 -10.75 -1.09
CA ASN B 618 -9.73 -10.72 -0.62
C ASN B 618 -9.89 -11.76 0.45
N ASN B 619 -10.33 -11.33 1.63
CA ASN B 619 -10.28 -12.14 2.84
C ASN B 619 -11.64 -12.30 3.47
N THR B 620 -11.95 -13.49 3.92
N THR B 620 -12.00 -13.53 3.82
CA THR B 620 -13.22 -13.81 4.55
CA THR B 620 -13.17 -13.78 4.64
C THR B 620 -12.91 -14.12 6.02
C THR B 620 -12.74 -13.96 6.06
N ILE B 621 -13.49 -13.35 6.96
CA ILE B 621 -13.23 -13.48 8.38
C ILE B 621 -14.55 -13.88 9.01
N SER B 622 -14.58 -15.09 9.60
CA SER B 622 -15.79 -15.67 10.14
C SER B 622 -15.68 -15.80 11.66
N LEU B 623 -16.70 -15.35 12.38
CA LEU B 623 -16.78 -15.45 13.83
C LEU B 623 -17.98 -16.26 14.26
N LYS B 624 -17.81 -17.16 15.23
CA LYS B 624 -18.96 -17.88 15.79
C LYS B 624 -18.84 -17.93 17.30
N PHE B 625 -19.86 -17.39 17.98
CA PHE B 625 -19.87 -17.31 19.43
C PHE B 625 -20.77 -18.42 19.99
N PRO B 626 -20.47 -18.91 21.20
CA PRO B 626 -21.29 -19.98 21.81
C PRO B 626 -22.59 -19.50 22.46
N ASP B 627 -22.80 -18.18 22.55
CA ASP B 627 -23.84 -17.61 23.39
C ASP B 627 -24.50 -16.43 22.69
N ASN B 628 -25.69 -16.06 23.15
CA ASN B 628 -26.48 -14.99 22.57
C ASN B 628 -26.19 -13.64 23.19
N GLY B 629 -26.19 -12.61 22.34
CA GLY B 629 -26.27 -11.24 22.80
C GLY B 629 -25.10 -10.39 22.39
N GLY B 630 -25.36 -9.11 22.28
CA GLY B 630 -24.32 -8.16 21.93
C GLY B 630 -24.08 -8.09 20.44
N HIS B 631 -22.99 -7.39 20.09
CA HIS B 631 -22.64 -7.15 18.70
C HIS B 631 -21.14 -7.29 18.45
N VAL B 632 -20.80 -7.66 17.22
CA VAL B 632 -19.49 -7.34 16.65
C VAL B 632 -19.66 -5.95 16.02
N SER B 633 -19.00 -4.94 16.60
CA SER B 633 -19.10 -3.57 16.10
C SER B 633 -18.33 -3.36 14.78
N THR B 634 -17.07 -3.81 14.76
CA THR B 634 -16.21 -3.64 13.60
C THR B 634 -15.27 -4.84 13.49
N VAL B 635 -14.91 -5.15 12.25
CA VAL B 635 -13.77 -6.03 11.97
C VAL B 635 -12.88 -5.28 10.98
N THR B 636 -11.66 -4.97 11.42
CA THR B 636 -10.66 -4.29 10.58
C THR B 636 -9.35 -5.02 10.68
N MET B 637 -8.37 -4.62 9.88
CA MET B 637 -7.10 -5.38 9.86
C MET B 637 -5.94 -4.47 9.57
N GLN B 638 -4.87 -4.64 10.34
CA GLN B 638 -3.59 -3.97 10.06
C GLN B 638 -2.64 -4.96 9.40
N ILE B 639 -2.03 -4.54 8.30
N ILE B 639 -2.04 -4.59 8.29
CA ILE B 639 -1.02 -5.31 7.57
CA ILE B 639 -0.96 -5.42 7.74
C ILE B 639 0.30 -4.54 7.74
C ILE B 639 0.31 -4.61 7.59
N PHE B 640 1.40 -5.26 7.99
CA PHE B 640 2.72 -4.65 8.13
C PHE B 640 3.60 -5.32 7.09
N ASN B 641 3.92 -4.60 6.02
CA ASN B 641 4.70 -5.17 4.90
C ASN B 641 6.13 -4.73 4.99
N PHE B 642 7.06 -5.67 4.82
N PHE B 642 7.08 -5.67 4.84
CA PHE B 642 8.49 -5.41 4.99
CA PHE B 642 8.49 -5.35 5.02
C PHE B 642 9.18 -5.23 3.65
C PHE B 642 9.27 -5.32 3.71
N SER B 643 10.21 -4.41 3.62
CA SER B 643 11.04 -4.22 2.42
C SER B 643 11.97 -5.40 2.14
N ASN B 644 12.32 -6.15 3.19
CA ASN B 644 13.16 -7.34 3.07
C ASN B 644 12.76 -8.35 4.15
N ASN B 645 13.46 -9.48 4.20
CA ASN B 645 13.23 -10.49 5.23
C ASN B 645 13.84 -10.03 6.55
N ILE B 646 13.24 -9.03 7.18
CA ILE B 646 13.85 -8.43 8.38
C ILE B 646 13.76 -9.32 9.63
N ARG B 647 12.86 -10.30 9.63
CA ARG B 647 12.77 -11.26 10.75
C ARG B 647 13.74 -12.43 10.60
N GLY B 648 14.35 -12.59 9.42
CA GLY B 648 15.25 -13.73 9.18
C GLY B 648 14.55 -15.08 9.22
N ILE B 649 13.31 -15.12 8.70
CA ILE B 649 12.49 -16.33 8.71
C ILE B 649 12.86 -17.26 7.56
#